data_5U1F
#
_entry.id   5U1F
#
loop_
_entity.id
_entity.type
_entity.pdbx_description
1 polymer 'BG505 DS-SOSIP gp120'
2 polymer 'BG505 SOSIP gp41'
3 polymer 'PGT145 heavy chain'
4 polymer 'PGT145 light chain'
5 polymer 'T-cell surface glycoprotein CD4'
#
loop_
_entity_poly.entity_id
_entity_poly.type
_entity_poly.pdbx_seq_one_letter_code
_entity_poly.pdbx_strand_id
1 'polypeptide(L)'
;SRATMPMGSLQPLATLYLLGMLVASVLAAENLWVTVYYGVPVWKDAETTLFCASDAKAYETEKHNVWATHACVPTDPNPQ
EIHLENVTEEFNMWKNNMVEQMHTDIISLWDQSLKPCVKLTPLCVTLQCTNVTNNITDDMRGELKNCSFNMTTELRDKKQ
KVYSLFYRLDVVQINENQGNRSNNSNKEYRLINCNTSACTQACPKVSFEPIPIHYCAPAGFAILKCKDKKFNGTGPCPSV
STVQCTHGIKPVVSTQLLLNGSLAEEEVMIRSENITNNAKNILVQFNTPVQINCTRPNNNTRKSIRIGPGQAFYATGDII
GDIRQAHCNVSKATWNETLGKVVKQLRKHFGNNTIIRFANSSGGDLEVTTHSFNCGGEFFYCNTSGLFNSTWISNTSVQG
SNSTGSNDSITLPCRIKQIINMWQRIGQCMYAPPIQGVIRCVSNITGLILTRDGGSTNSTTETFRPGGGDMRDNWRSELY
KYKVVKIEPLGVAPTRCKRRV
;
C,D,A
2 'polypeptide(L)'
;VGRRRRRRAVGIGAVFLGFLGAAGSTMGAASMTLTVQARNLLSGIVQQQSNLLRAPEAQQHLLKLTVWGIKQLQARVLAV
ERYLRDQQLLGIWGCSGKLICCTNVPWNSSWSNRNLSEIWDNMTWLQWDKEISNYTQIIYGLLEESQNQQEKNEQDLLAL
DGSAPTKAKRRVVQREKR
;
B,E,F
3 'polypeptide(L)'
;QASTMDWIWRILFLVAAATSAHSQVQLVQSGAEVKKPGSSVKVSCKASGNSFSNHDVHWVRQATGQGLEWMGWMSHEGDK
TGLAQKFQGRVTITRDSGASTVYMELRGLTADDTAIYYCLTGSKHRLRDYFL(TYS)NE(TYS)GPNYEEWGDYLATLDV
WGHGTAVTVSSASTKGPSVFPLAPSSKSTSGGTAALGCLVKDYFPEPVTVSWNSGALTSGVHTFPAVLQSSGLYSLSSVV
TVPSSSLGTQTYICNVNHKPSNTKVDKKVEPKSCD
;
H
4 'polypeptide(L)'
;MRLPAQLLGLLMLWVSGSGAEVVITQSPLFLPVTPGEAASLSCKCSHSLQHSTGANYLAWYLQRPGQTPRLLIHLATHRA
SGVPDRFSGSGSGTDFTLKISRVESDDVGTYYCMQGLHSPWTFGQGTKVEIKRTVAAPSVFIFPPSDEQLKSGTASVVCL
LNNFYPREAKVQWKVDNALQSGNSQESVTEQDSKDSTYSLSSTLTLSKADYEKHKVYACEVTHQGLSSPVTKSFNRGEC
;
L
5 'polypeptide(L)'
;KKVVLGKKGDTVELTCTASQKKSIQFHWKNSNQIKILGNQGSFLTKGPSKLNDRADSRRSLWDQGNFPLIIKNLKIEDSD
TYICEVEDQKEEVQLLVFGLTANSDTHLLQGQSLTLTLESPPGSSPSVQCRSPRGKNIQGGKTLSVSQLELQDSGTWTCT
VLQNQKKVEFKIDIVVLAFQKASSIVYKKEGEQVEFSFPLAFTVEKLTGSGELWWQAERASSSKSWITFDLKNKEVSVKR
VTQDPKLQMGKKLPLHLTLPQALPQYAGSGNLTLALEAKTGKLHQEVNLVVMRATQLQKNLTCEVWGPTSPKLMLSLKLE
NKEAKVSKREKAVWVLNPEAGMWQCLLSDSGQVLLESNIKVLP
;
M
#
# COMPACT_ATOMS: atom_id res chain seq x y z
N ASN A 31 79.05 -2.38 21.30
CA ASN A 31 78.18 -2.35 20.12
C ASN A 31 76.73 -2.11 20.54
N LEU A 32 75.97 -1.47 19.66
CA LEU A 32 74.58 -1.11 19.94
C LEU A 32 73.58 -2.14 19.39
N TRP A 33 72.44 -2.24 20.07
CA TRP A 33 71.45 -3.27 19.78
C TRP A 33 70.09 -2.63 19.50
N VAL A 34 69.18 -3.37 18.89
CA VAL A 34 67.83 -2.87 18.66
C VAL A 34 66.98 -2.94 19.92
N THR A 35 66.58 -1.77 20.42
CA THR A 35 65.74 -1.68 21.61
C THR A 35 64.36 -1.16 21.24
N VAL A 36 63.33 -1.80 21.80
CA VAL A 36 61.96 -1.48 21.44
C VAL A 36 61.32 -0.53 22.45
N TYR A 37 60.67 0.51 21.94
CA TYR A 37 60.05 1.51 22.77
C TYR A 37 58.58 1.66 22.43
N TYR A 38 57.76 2.01 23.42
CA TYR A 38 56.33 2.20 23.22
C TYR A 38 55.80 3.38 24.01
N GLY A 39 54.88 4.12 23.41
CA GLY A 39 54.44 5.39 23.97
C GLY A 39 55.24 6.56 23.45
N VAL A 40 55.83 6.40 22.27
CA VAL A 40 56.70 7.42 21.71
C VAL A 40 55.88 8.61 21.20
N PRO A 41 56.25 9.82 21.65
CA PRO A 41 55.51 11.03 21.30
C PRO A 41 55.77 11.48 19.86
N VAL A 42 55.26 10.72 18.90
CA VAL A 42 55.38 11.08 17.48
C VAL A 42 54.05 10.87 16.76
N TRP A 43 53.91 11.49 15.59
CA TRP A 43 52.65 11.45 14.87
C TRP A 43 52.82 11.76 13.39
N LYS A 44 51.86 11.33 12.59
CA LYS A 44 51.82 11.67 11.17
C LYS A 44 50.48 12.34 10.85
N ASP A 45 50.53 13.33 9.96
CA ASP A 45 49.30 13.97 9.47
C ASP A 45 48.40 12.96 8.78
N ALA A 46 47.17 12.84 9.29
CA ALA A 46 46.25 11.82 8.81
C ALA A 46 44.81 12.22 9.09
N GLU A 47 43.90 11.76 8.24
CA GLU A 47 42.48 12.06 8.39
C GLU A 47 41.75 10.90 9.05
N THR A 48 40.92 11.20 10.04
CA THR A 48 39.99 10.21 10.57
C THR A 48 38.59 10.79 10.76
N THR A 49 37.70 9.98 11.32
CA THR A 49 36.32 10.39 11.54
C THR A 49 36.16 11.12 12.86
N LEU A 50 35.93 12.43 12.79
CA LEU A 50 35.73 13.24 13.98
C LEU A 50 34.29 13.14 14.48
N PHE A 51 34.08 13.44 15.75
CA PHE A 51 32.73 13.43 16.31
C PHE A 51 32.52 14.63 17.23
N CYS A 52 31.27 15.00 17.45
CA CYS A 52 30.94 16.25 18.12
C CYS A 52 30.93 16.17 19.65
N ALA A 53 30.82 17.34 20.27
CA ALA A 53 30.69 17.51 21.72
C ALA A 53 29.88 18.81 21.93
N SER A 54 28.99 18.86 22.94
CA SER A 54 28.22 20.09 23.13
C SER A 54 27.80 20.58 24.54
N ASP A 55 28.76 20.82 25.43
CA ASP A 55 28.45 21.35 26.77
C ASP A 55 27.37 20.55 27.51
N ALA A 56 26.38 21.25 28.08
CA ALA A 56 25.29 20.58 28.76
C ALA A 56 24.09 21.50 28.87
N LYS A 57 24.29 22.82 28.78
CA LYS A 57 23.21 23.79 28.78
C LYS A 57 22.59 23.87 27.39
N ALA A 58 23.36 23.55 26.36
CA ALA A 58 22.83 23.58 25.00
C ALA A 58 21.78 22.51 24.82
N TYR A 59 21.87 21.44 25.61
CA TYR A 59 20.91 20.37 25.57
C TYR A 59 19.64 20.76 26.34
N GLU A 60 19.74 21.76 27.23
CA GLU A 60 18.64 22.27 28.06
C GLU A 60 17.74 23.25 27.31
N THR A 61 18.11 23.64 26.10
CA THR A 61 17.30 24.53 25.28
C THR A 61 16.06 23.81 24.80
N GLU A 62 16.12 22.47 24.84
CA GLU A 62 15.12 21.51 24.40
C GLU A 62 14.42 21.97 23.14
N LYS A 63 13.14 22.27 23.29
CA LYS A 63 12.27 22.68 22.19
C LYS A 63 12.29 21.62 21.07
N HIS A 64 12.15 20.34 21.45
CA HIS A 64 12.10 19.25 20.46
C HIS A 64 13.32 19.23 19.53
N ASN A 65 14.50 19.12 20.14
CA ASN A 65 15.75 19.05 19.38
C ASN A 65 15.97 20.28 18.50
N VAL A 66 16.61 21.30 19.05
CA VAL A 66 16.92 22.46 18.23
C VAL A 66 18.20 22.17 17.48
N TRP A 67 18.16 22.43 16.18
CA TRP A 67 19.28 22.18 15.31
C TRP A 67 19.33 20.67 15.10
N ALA A 68 20.47 20.18 14.65
CA ALA A 68 20.66 18.76 14.44
C ALA A 68 21.29 18.16 15.69
N THR A 69 21.40 18.97 16.74
CA THR A 69 22.04 18.53 17.98
C THR A 69 21.20 18.29 19.24
N HIS A 70 21.46 17.11 19.78
CA HIS A 70 20.94 16.54 21.02
C HIS A 70 21.72 15.23 21.14
N ALA A 71 21.80 14.52 20.03
CA ALA A 71 22.48 13.24 19.96
C ALA A 71 23.97 13.54 19.87
N CYS A 72 24.54 13.98 20.97
CA CYS A 72 25.92 14.44 20.98
C CYS A 72 26.48 14.41 22.38
N VAL A 73 27.70 13.90 22.52
CA VAL A 73 28.30 13.73 23.84
C VAL A 73 28.59 15.07 24.51
N PRO A 74 28.13 15.21 25.74
CA PRO A 74 28.36 16.42 26.52
C PRO A 74 29.85 16.67 26.66
N THR A 75 30.23 17.94 26.75
CA THR A 75 31.63 18.31 26.88
C THR A 75 32.11 18.10 28.31
N ASP A 76 33.42 18.06 28.50
CA ASP A 76 33.98 17.99 29.84
C ASP A 76 33.87 19.37 30.50
N PRO A 77 33.69 19.39 31.81
CA PRO A 77 33.62 20.66 32.55
C PRO A 77 34.98 21.35 32.63
N ASN A 78 36.03 20.59 32.37
CA ASN A 78 37.39 21.13 32.36
C ASN A 78 38.19 20.74 31.12
N PRO A 79 37.88 21.35 29.99
CA PRO A 79 38.65 21.09 28.77
C PRO A 79 40.14 21.33 29.03
N GLN A 80 40.99 20.35 28.73
CA GLN A 80 42.44 20.43 29.03
C GLN A 80 43.29 20.87 27.83
N GLU A 81 44.47 21.42 28.08
CA GLU A 81 45.35 21.78 26.98
C GLU A 81 46.78 21.73 27.47
N ILE A 82 47.73 21.95 26.56
CA ILE A 82 49.13 22.01 26.97
C ILE A 82 50.03 22.46 25.82
N HIS A 83 50.50 23.65 26.55
CA HIS A 83 51.42 24.19 25.56
C HIS A 83 52.61 23.27 25.39
N LEU A 84 53.04 23.06 24.15
CA LEU A 84 54.14 22.16 23.84
C LEU A 84 55.41 22.95 23.53
N GLU A 85 56.45 23.31 24.29
CA GLU A 85 57.71 24.01 24.13
C GLU A 85 58.69 23.21 23.28
N ASN A 86 59.34 23.88 22.34
CA ASN A 86 60.27 23.26 21.39
C ASN A 86 59.58 22.46 20.28
N VAL A 87 58.27 22.37 20.33
CA VAL A 87 57.52 21.70 19.27
C VAL A 87 56.96 22.69 18.24
N THR A 88 57.42 22.49 17.00
CA THR A 88 57.06 23.34 15.85
C THR A 88 56.71 22.40 14.68
N GLU A 89 55.79 22.82 13.80
CA GLU A 89 55.54 22.12 12.53
C GLU A 89 54.56 22.88 11.63
N GLU A 90 54.35 22.34 10.42
CA GLU A 90 53.50 22.97 9.41
C GLU A 90 52.00 22.92 9.62
N PHE A 91 51.35 24.01 9.25
CA PHE A 91 49.90 24.12 9.32
C PHE A 91 49.42 24.47 7.92
N ASN A 92 48.46 23.73 7.40
CA ASN A 92 47.95 24.00 6.06
C ASN A 92 46.43 24.00 6.06
N MET A 93 45.85 25.18 6.18
CA MET A 93 44.40 25.33 6.27
C MET A 93 43.70 25.00 4.95
N TRP A 94 44.47 24.96 3.86
CA TRP A 94 43.89 24.82 2.53
C TRP A 94 43.75 23.37 2.13
N LYS A 95 44.31 22.47 2.94
CA LYS A 95 44.17 21.03 2.71
C LYS A 95 43.63 20.35 3.97
N ASN A 96 43.06 21.15 4.86
CA ASN A 96 42.54 20.66 6.13
C ASN A 96 41.18 19.99 5.94
N ASN A 97 41.17 18.66 5.92
CA ASN A 97 39.96 17.92 5.62
C ASN A 97 38.92 17.94 6.74
N MET A 98 39.26 18.54 7.87
CA MET A 98 38.28 18.79 8.93
C MET A 98 37.12 19.60 8.39
N VAL A 99 37.42 20.53 7.50
CA VAL A 99 36.39 21.39 6.89
C VAL A 99 35.40 20.56 6.09
N GLU A 100 35.92 19.64 5.27
CA GLU A 100 35.10 18.83 4.39
C GLU A 100 34.09 18.00 5.17
N GLN A 101 34.56 17.34 6.23
CA GLN A 101 33.68 16.55 7.08
C GLN A 101 32.60 17.42 7.70
N MET A 102 33.01 18.49 8.37
CA MET A 102 32.08 19.39 9.02
C MET A 102 30.98 19.83 8.05
N HIS A 103 31.39 20.20 6.84
CA HIS A 103 30.47 20.68 5.83
C HIS A 103 29.37 19.66 5.55
N THR A 104 29.77 18.42 5.22
CA THR A 104 28.82 17.40 4.81
C THR A 104 28.01 16.92 6.00
N ASP A 105 28.59 16.98 7.19
CA ASP A 105 27.87 16.61 8.42
C ASP A 105 26.72 17.58 8.69
N ILE A 106 27.00 18.87 8.55
CA ILE A 106 25.96 19.88 8.72
C ILE A 106 24.83 19.69 7.71
N ILE A 107 25.20 19.40 6.46
CA ILE A 107 24.21 19.12 5.42
C ILE A 107 23.33 17.94 5.82
N SER A 108 23.96 16.87 6.29
CA SER A 108 23.24 15.66 6.67
C SER A 108 22.23 15.98 7.77
N LEU A 109 22.67 16.75 8.76
CA LEU A 109 21.83 17.17 9.87
C LEU A 109 20.60 17.90 9.35
N TRP A 110 20.84 18.84 8.44
CA TRP A 110 19.78 19.63 7.83
C TRP A 110 18.66 18.75 7.27
N ASP A 111 19.02 17.82 6.38
CA ASP A 111 18.06 16.91 5.78
C ASP A 111 17.29 16.09 6.82
N GLN A 112 18.01 15.56 7.80
CA GLN A 112 17.39 14.70 8.82
C GLN A 112 16.35 15.46 9.63
N SER A 113 16.56 16.76 9.79
CA SER A 113 15.64 17.59 10.56
C SER A 113 14.39 17.95 9.77
N LEU A 114 14.38 17.65 8.47
CA LEU A 114 13.26 18.02 7.61
C LEU A 114 12.40 16.82 7.24
N LYS A 115 13.00 15.63 7.21
CA LYS A 115 12.28 14.45 6.76
C LYS A 115 11.00 14.22 7.56
N PRO A 116 11.10 14.48 8.91
CA PRO A 116 9.90 14.12 9.68
C PRO A 116 8.89 15.24 9.68
N CYS A 117 9.14 16.27 8.87
CA CYS A 117 8.23 17.41 8.83
C CYS A 117 7.29 17.36 7.63
N VAL A 118 6.31 18.25 7.62
CA VAL A 118 5.23 18.28 6.63
C VAL A 118 5.76 18.69 5.24
N LYS A 119 5.49 17.86 4.23
CA LYS A 119 5.72 18.20 2.83
C LYS A 119 4.61 19.13 2.33
N LEU A 120 4.97 20.08 1.47
CA LEU A 120 4.03 21.06 0.90
C LEU A 120 3.75 20.80 -0.58
N THR A 121 3.72 19.54 -0.98
CA THR A 121 3.44 19.19 -2.37
C THR A 121 2.11 19.72 -2.90
N PRO A 122 0.97 19.67 -2.18
CA PRO A 122 -0.29 20.12 -2.76
C PRO A 122 -0.41 21.65 -2.87
N LEU A 123 0.61 22.43 -2.46
CA LEU A 123 0.64 23.88 -2.66
C LEU A 123 0.91 24.28 -4.11
N CYS A 124 1.47 23.36 -4.90
CA CYS A 124 1.78 23.56 -6.31
C CYS A 124 0.50 23.72 -7.17
N VAL A 125 -0.14 24.88 -7.12
CA VAL A 125 -1.39 25.20 -7.83
C VAL A 125 -1.31 26.57 -8.49
N THR A 126 -2.19 26.84 -9.45
CA THR A 126 -2.34 28.18 -10.02
C THR A 126 -2.84 29.15 -8.96
N LEU A 127 -2.11 30.27 -8.77
CA LEU A 127 -2.48 31.28 -7.81
C LEU A 127 -3.14 32.50 -8.46
N GLN A 128 -4.22 32.98 -7.86
CA GLN A 128 -4.89 34.18 -8.35
C GLN A 128 -4.54 35.37 -7.45
N CYS A 129 -3.71 36.26 -7.97
CA CYS A 129 -3.07 37.28 -7.14
C CYS A 129 -3.33 38.71 -7.60
N THR A 130 -3.22 39.64 -6.66
CA THR A 130 -3.52 41.05 -6.89
C THR A 130 -2.59 41.91 -6.06
N ASN A 131 -2.40 43.16 -6.46
CA ASN A 131 -1.58 44.09 -5.70
C ASN A 131 -2.15 44.38 -4.32
N VAL A 132 -1.28 44.70 -3.38
CA VAL A 132 -1.73 45.01 -2.02
C VAL A 132 -1.60 46.52 -1.87
N THR A 133 -2.71 47.21 -1.65
CA THR A 133 -2.68 48.67 -1.51
C THR A 133 -2.07 49.21 -0.22
N ASN A 134 -0.75 49.18 -0.15
CA ASN A 134 -0.02 49.80 0.95
C ASN A 134 -0.26 51.30 0.90
N ASN A 135 -0.10 51.89 2.09
CA ASN A 135 -0.32 53.29 2.34
C ASN A 135 0.00 54.09 1.12
N ILE A 136 -1.00 54.77 0.56
CA ILE A 136 -0.78 55.48 -0.70
C ILE A 136 0.26 56.57 -0.51
N THR A 137 1.03 56.88 -1.55
CA THR A 137 0.94 56.23 -2.85
C THR A 137 1.65 54.88 -2.89
N ASP A 138 2.99 54.87 -2.93
CA ASP A 138 3.70 53.60 -2.93
C ASP A 138 5.22 53.61 -2.74
N ASP A 139 5.62 53.46 -1.48
CA ASP A 139 7.00 53.47 -1.02
C ASP A 139 7.44 52.03 -0.81
N MET A 140 6.50 51.18 -0.40
CA MET A 140 6.80 49.77 -0.13
C MET A 140 6.93 48.96 -1.40
N ARG A 141 6.37 49.48 -2.49
CA ARG A 141 6.37 48.78 -3.76
C ARG A 141 5.62 47.45 -3.68
N GLY A 142 4.67 47.35 -2.76
CA GLY A 142 3.95 46.09 -2.59
C GLY A 142 4.80 44.96 -2.05
N GLU A 143 5.51 44.31 -2.97
CA GLU A 143 6.40 43.21 -2.65
C GLU A 143 5.67 41.93 -2.24
N LEU A 144 4.42 42.04 -1.82
CA LEU A 144 3.60 40.89 -1.49
C LEU A 144 2.25 41.02 -2.16
N LYS A 145 1.69 39.87 -2.54
CA LYS A 145 0.41 39.80 -3.22
C LYS A 145 -0.54 38.91 -2.42
N ASN A 146 -1.76 39.40 -2.20
CA ASN A 146 -2.78 38.65 -1.45
C ASN A 146 -3.52 37.77 -2.45
N CYS A 147 -3.07 36.53 -2.58
CA CYS A 147 -3.66 35.59 -3.53
C CYS A 147 -4.80 34.82 -2.88
N SER A 148 -5.50 34.04 -3.69
CA SER A 148 -6.61 33.24 -3.22
C SER A 148 -6.84 32.09 -4.19
N PHE A 149 -7.32 30.97 -3.66
CA PHE A 149 -7.58 29.78 -4.47
C PHE A 149 -8.29 28.76 -3.60
N ASN A 150 -8.97 27.82 -4.27
CA ASN A 150 -9.69 26.76 -3.59
C ASN A 150 -8.69 25.67 -3.18
N MET A 151 -8.45 25.54 -1.88
CA MET A 151 -7.51 24.57 -1.34
C MET A 151 -8.25 23.43 -0.67
N THR A 152 -7.67 22.24 -0.72
CA THR A 152 -8.26 21.06 -0.13
C THR A 152 -8.09 21.10 1.39
N THR A 153 -9.08 20.56 2.10
CA THR A 153 -9.07 20.51 3.55
C THR A 153 -9.25 19.06 4.00
N GLU A 154 -9.41 18.87 5.31
CA GLU A 154 -9.59 17.52 5.85
C GLU A 154 -10.87 16.90 5.33
N LEU A 155 -11.96 17.65 5.29
CA LEU A 155 -13.23 17.16 4.78
C LEU A 155 -13.08 16.71 3.33
N ARG A 156 -12.64 15.47 3.13
CA ARG A 156 -12.42 14.95 1.78
C ARG A 156 -13.74 14.80 1.03
N ASP A 157 -14.33 15.92 0.62
CA ASP A 157 -15.59 15.90 -0.11
C ASP A 157 -15.91 17.29 -0.65
N LYS A 158 -15.74 18.31 0.19
CA LYS A 158 -15.99 19.69 -0.18
C LYS A 158 -14.78 20.53 0.16
N LYS A 159 -14.46 21.48 -0.73
CA LYS A 159 -13.32 22.36 -0.56
C LYS A 159 -13.77 23.73 -0.07
N GLN A 160 -12.80 24.59 0.20
CA GLN A 160 -13.07 25.93 0.69
C GLN A 160 -12.01 26.89 0.13
N LYS A 161 -12.44 28.11 -0.16
CA LYS A 161 -11.54 29.12 -0.70
C LYS A 161 -10.83 29.84 0.43
N VAL A 162 -9.50 29.95 0.33
CA VAL A 162 -8.67 30.59 1.33
C VAL A 162 -7.77 31.61 0.63
N TYR A 163 -7.01 32.35 1.42
CA TYR A 163 -6.10 33.36 0.91
C TYR A 163 -4.82 33.35 1.75
N SER A 164 -3.79 33.99 1.23
CA SER A 164 -2.50 34.06 1.90
C SER A 164 -1.61 35.05 1.17
N LEU A 165 -0.61 35.55 1.89
CA LEU A 165 0.35 36.50 1.34
C LEU A 165 1.64 35.79 0.98
N PHE A 166 2.25 36.20 -0.14
CA PHE A 166 3.50 35.62 -0.61
C PHE A 166 4.35 36.71 -1.25
N TYR A 167 5.65 36.68 -0.95
CA TYR A 167 6.56 37.64 -1.53
C TYR A 167 6.73 37.39 -3.03
N ARG A 168 6.95 38.47 -3.78
CA ARG A 168 7.07 38.34 -5.22
C ARG A 168 8.40 37.72 -5.60
N LEU A 169 9.26 37.51 -4.60
CA LEU A 169 10.48 36.75 -4.79
C LEU A 169 10.23 35.25 -4.76
N ASP A 170 9.09 34.86 -4.21
CA ASP A 170 8.74 33.44 -4.09
C ASP A 170 7.89 32.98 -5.26
N VAL A 171 7.05 33.88 -5.79
CA VAL A 171 6.12 33.52 -6.86
C VAL A 171 6.49 34.14 -8.20
N VAL A 172 5.97 33.54 -9.27
CA VAL A 172 6.23 34.04 -10.62
C VAL A 172 4.99 33.92 -11.49
N GLN A 173 4.79 34.89 -12.37
CA GLN A 173 3.62 34.91 -13.24
C GLN A 173 3.62 33.72 -14.20
N ILE A 174 2.48 33.07 -14.35
CA ILE A 174 2.33 32.00 -15.33
C ILE A 174 1.95 32.60 -16.69
N ASN A 175 2.74 32.28 -17.71
CA ASN A 175 2.44 32.72 -19.07
C ASN A 175 2.72 34.21 -19.27
N ASN A 186 -7.24 39.97 -11.93
CA ASN A 186 -6.07 39.35 -11.35
C ASN A 186 -5.27 38.57 -12.40
N LYS A 187 -4.12 38.07 -11.99
CA LYS A 187 -3.27 37.29 -12.88
C LYS A 187 -2.88 35.98 -12.21
N GLU A 188 -2.38 35.06 -13.02
CA GLU A 188 -2.00 33.74 -12.54
C GLU A 188 -0.52 33.71 -12.15
N TYR A 189 -0.23 33.09 -11.00
CA TYR A 189 1.14 33.01 -10.49
C TYR A 189 1.50 31.60 -10.05
N ARG A 190 2.78 31.35 -9.83
CA ARG A 190 3.23 30.01 -9.46
C ARG A 190 4.35 30.06 -8.42
N LEU A 191 4.35 29.10 -7.51
CA LEU A 191 5.43 28.97 -6.53
C LEU A 191 6.70 28.60 -7.27
N ILE A 192 7.75 29.39 -7.11
CA ILE A 192 8.91 29.24 -8.00
C ILE A 192 9.54 27.84 -7.92
N ASN A 193 9.45 27.20 -6.76
CA ASN A 193 10.10 25.92 -6.56
C ASN A 193 9.53 24.80 -7.43
N CYS A 194 8.28 24.94 -7.85
CA CYS A 194 7.55 23.85 -8.47
C CYS A 194 8.08 23.49 -9.87
N ASN A 195 8.92 24.35 -10.41
CA ASN A 195 9.54 24.06 -11.70
C ASN A 195 10.86 23.33 -11.54
N THR A 196 11.34 23.23 -10.32
CA THR A 196 12.62 22.59 -10.03
C THR A 196 12.53 21.33 -9.17
N SER A 197 11.69 21.37 -8.14
CA SER A 197 11.54 20.25 -7.23
C SER A 197 10.40 20.45 -6.24
N ALA A 198 10.03 19.43 -5.46
CA ALA A 198 9.11 19.57 -4.34
C ALA A 198 9.72 20.45 -3.23
N CYS A 199 8.85 20.94 -2.34
CA CYS A 199 9.24 21.78 -1.20
C CYS A 199 8.63 21.24 0.09
N THR A 200 9.40 21.34 1.17
CA THR A 200 8.98 20.83 2.47
C THR A 200 8.91 21.96 3.49
N GLN A 201 7.86 21.98 4.29
CA GLN A 201 7.73 22.97 5.36
C GLN A 201 8.60 22.59 6.55
N ALA A 202 9.46 23.52 6.97
CA ALA A 202 10.22 23.37 8.20
C ALA A 202 9.27 23.37 9.40
N CYS A 203 9.48 22.43 10.32
CA CYS A 203 8.65 22.34 11.51
C CYS A 203 8.67 23.65 12.29
N PRO A 204 7.54 24.01 12.87
CA PRO A 204 7.43 25.28 13.60
C PRO A 204 8.13 25.20 14.94
N LYS A 205 8.36 23.98 15.42
CA LYS A 205 9.02 23.79 16.69
C LYS A 205 10.53 23.91 16.59
N VAL A 206 11.11 23.25 15.59
CA VAL A 206 12.56 23.29 15.40
C VAL A 206 13.04 24.70 15.03
N SER A 207 14.20 25.07 15.54
CA SER A 207 14.77 26.39 15.28
C SER A 207 15.99 26.28 14.38
N PHE A 208 16.66 27.41 14.17
CA PHE A 208 17.86 27.44 13.34
C PHE A 208 19.01 28.13 14.05
N GLU A 209 18.78 28.48 15.31
CA GLU A 209 19.82 29.13 16.12
C GLU A 209 21.10 28.31 16.11
N PRO A 210 22.19 28.90 15.59
CA PRO A 210 23.53 28.32 15.65
C PRO A 210 23.97 28.01 17.08
N ILE A 211 24.38 26.77 17.33
CA ILE A 211 24.86 26.36 18.64
C ILE A 211 26.33 25.96 18.58
N PRO A 212 27.14 26.46 19.51
CA PRO A 212 28.56 26.10 19.62
C PRO A 212 28.80 24.59 19.63
N ILE A 213 29.55 24.10 18.64
CA ILE A 213 29.88 22.69 18.56
C ILE A 213 31.39 22.47 18.75
N HIS A 214 31.72 21.48 19.58
CA HIS A 214 33.11 21.08 19.77
C HIS A 214 33.39 19.79 19.00
N TYR A 215 34.58 19.69 18.40
CA TYR A 215 34.97 18.49 17.68
C TYR A 215 36.06 17.74 18.43
N CYS A 216 35.93 16.42 18.51
CA CYS A 216 36.94 15.60 19.17
C CYS A 216 37.44 14.47 18.28
N ALA A 217 38.71 14.12 18.45
CA ALA A 217 39.30 12.97 17.76
C ALA A 217 39.31 11.75 18.65
N PRO A 218 39.16 10.56 18.05
CA PRO A 218 39.25 9.29 18.79
C PRO A 218 40.66 8.99 19.28
N ALA A 219 40.76 8.11 20.28
CA ALA A 219 42.04 7.77 20.88
C ALA A 219 43.06 7.34 19.83
N GLY A 220 44.28 7.85 19.95
CA GLY A 220 45.31 7.58 18.96
C GLY A 220 45.49 8.77 18.03
N PHE A 221 44.53 9.67 18.05
CA PHE A 221 44.60 10.90 17.27
C PHE A 221 44.60 12.11 18.19
N ALA A 222 45.32 13.15 17.78
CA ALA A 222 45.51 14.33 18.61
C ALA A 222 44.97 15.56 17.90
N ILE A 223 44.37 16.46 18.67
CA ILE A 223 43.99 17.77 18.15
C ILE A 223 45.08 18.79 18.43
N LEU A 224 45.78 19.23 17.39
CA LEU A 224 46.87 20.17 17.54
C LEU A 224 46.37 21.60 17.34
N LYS A 225 46.84 22.53 18.16
CA LYS A 225 46.40 23.90 18.00
C LYS A 225 47.50 24.93 18.21
N CYS A 226 47.82 25.66 17.14
CA CYS A 226 48.86 26.67 17.24
C CYS A 226 48.27 27.85 18.00
N LYS A 227 49.10 28.54 18.76
CA LYS A 227 48.66 29.72 19.47
C LYS A 227 49.35 30.93 18.89
N ASP A 228 50.06 30.72 17.79
CA ASP A 228 50.78 31.82 17.15
C ASP A 228 49.78 32.84 16.63
N LYS A 229 49.86 34.06 17.12
CA LYS A 229 48.96 35.12 16.68
C LYS A 229 49.19 35.47 15.21
N LYS A 230 50.35 35.13 14.70
CA LYS A 230 50.65 35.31 13.28
C LYS A 230 50.45 34.00 12.52
N PHE A 231 49.96 34.11 11.29
CA PHE A 231 49.73 32.94 10.46
C PHE A 231 49.39 33.36 9.04
N ASN A 232 50.10 32.80 8.07
CA ASN A 232 49.93 33.20 6.68
C ASN A 232 48.86 32.36 6.00
N GLY A 233 48.37 31.36 6.73
CA GLY A 233 47.49 30.35 6.18
C GLY A 233 48.19 29.01 6.07
N THR A 234 49.52 29.01 6.12
CA THR A 234 50.28 27.77 6.08
C THR A 234 51.76 28.00 6.39
N GLY A 235 52.40 26.98 6.97
CA GLY A 235 53.80 27.08 7.35
C GLY A 235 54.05 26.74 8.80
N PRO A 236 55.31 26.81 9.23
CA PRO A 236 55.71 26.41 10.58
C PRO A 236 55.20 27.37 11.66
N CYS A 237 54.78 26.84 12.80
CA CYS A 237 54.36 27.67 13.92
C CYS A 237 55.29 27.50 15.12
N PRO A 238 56.03 28.56 15.47
CA PRO A 238 56.94 28.58 16.62
C PRO A 238 56.26 28.16 17.92
N SER A 239 54.99 28.51 18.08
CA SER A 239 54.26 28.23 19.31
C SER A 239 53.08 27.29 19.07
N VAL A 240 53.30 25.99 19.28
CA VAL A 240 52.25 25.00 19.10
C VAL A 240 51.81 24.40 20.44
N SER A 241 50.51 24.29 20.62
CA SER A 241 49.96 23.58 21.78
C SER A 241 49.09 22.42 21.31
N THR A 242 48.44 21.74 22.25
CA THR A 242 47.45 20.73 21.90
C THR A 242 46.29 20.69 22.90
N VAL A 243 45.13 20.25 22.42
CA VAL A 243 43.91 20.27 23.22
C VAL A 243 43.21 18.92 23.15
N GLN A 244 42.26 18.71 24.05
CA GLN A 244 41.44 17.50 23.99
C GLN A 244 40.56 17.73 22.77
N CYS A 245 39.76 18.79 22.80
CA CYS A 245 38.81 19.07 21.73
C CYS A 245 38.86 20.53 21.31
N THR A 246 38.15 20.88 20.25
CA THR A 246 38.16 22.24 19.73
C THR A 246 37.28 23.14 20.58
N HIS A 247 37.41 24.44 20.39
CA HIS A 247 36.50 25.40 21.03
C HIS A 247 35.15 25.38 20.33
N GLY A 248 34.12 25.86 21.03
CA GLY A 248 32.78 25.89 20.48
C GLY A 248 32.69 26.74 19.23
N ILE A 249 32.36 26.10 18.11
CA ILE A 249 32.16 26.81 16.86
C ILE A 249 30.69 26.78 16.43
N LYS A 250 30.10 27.95 16.26
CA LYS A 250 28.71 28.06 15.80
C LYS A 250 28.63 27.89 14.29
N PRO A 251 27.71 27.02 13.84
CA PRO A 251 27.52 26.75 12.42
C PRO A 251 26.74 27.84 11.71
N VAL A 252 27.29 29.05 11.68
CA VAL A 252 26.60 30.20 11.10
C VAL A 252 26.72 30.21 9.58
N VAL A 253 25.57 30.14 8.90
CA VAL A 253 25.55 30.19 7.45
C VAL A 253 25.33 31.62 6.95
N SER A 254 26.28 32.12 6.18
CA SER A 254 26.16 33.46 5.62
C SER A 254 27.09 33.64 4.42
N THR A 255 26.74 34.60 3.56
CA THR A 255 27.58 34.92 2.41
C THR A 255 28.17 36.32 2.54
N GLN A 256 29.28 36.56 1.86
CA GLN A 256 29.90 37.89 1.87
C GLN A 256 30.48 38.29 3.22
N LEU A 257 29.61 38.49 4.19
CA LEU A 257 29.98 38.85 5.55
C LEU A 257 29.99 37.63 6.48
N LEU A 258 30.98 37.57 7.37
CA LEU A 258 31.03 36.52 8.38
C LEU A 258 30.47 37.04 9.69
N LEU A 259 29.63 36.22 10.34
CA LEU A 259 28.94 36.66 11.55
C LEU A 259 29.24 35.78 12.76
N ASN A 260 29.36 36.42 13.93
CA ASN A 260 29.55 35.74 15.20
C ASN A 260 30.69 34.72 15.20
N GLY A 261 31.78 35.06 14.54
CA GLY A 261 32.96 34.22 14.56
C GLY A 261 33.95 34.60 15.65
N SER A 262 35.18 34.12 15.51
CA SER A 262 36.24 34.45 16.45
C SER A 262 37.02 35.68 16.00
N LEU A 263 37.71 36.32 16.95
CA LEU A 263 38.47 37.53 16.66
C LEU A 263 39.95 37.22 16.46
N ALA A 264 40.61 38.04 15.66
CA ALA A 264 42.06 37.93 15.48
C ALA A 264 42.82 38.81 16.47
N GLU A 265 44.03 38.41 16.81
CA GLU A 265 44.90 39.21 17.64
C GLU A 265 45.88 40.01 16.79
N GLU A 266 46.57 40.95 17.42
CA GLU A 266 47.52 41.84 16.74
C GLU A 266 46.83 42.72 15.70
N GLU A 267 47.06 42.40 14.43
CA GLU A 267 46.53 43.21 13.33
C GLU A 267 45.49 42.42 12.55
N VAL A 268 44.90 43.06 11.53
CA VAL A 268 43.90 42.39 10.70
C VAL A 268 44.57 41.26 9.93
N MET A 269 43.93 40.10 9.86
CA MET A 269 44.57 39.00 9.16
C MET A 269 44.11 38.77 7.72
N ILE A 270 45.07 38.67 6.82
CA ILE A 270 44.81 38.40 5.42
C ILE A 270 45.28 37.01 5.06
N ARG A 271 44.35 36.13 4.69
CA ARG A 271 44.73 34.77 4.33
C ARG A 271 44.16 34.40 2.96
N SER A 272 44.99 33.82 2.10
CA SER A 272 44.55 33.39 0.77
C SER A 272 45.40 32.24 0.24
N GLU A 273 44.78 31.32 -0.50
CA GLU A 273 45.52 30.20 -1.06
C GLU A 273 46.62 30.70 -1.98
N ASN A 274 46.37 31.83 -2.63
CA ASN A 274 47.32 32.44 -3.56
C ASN A 274 46.94 33.89 -3.82
N ILE A 275 47.57 34.80 -3.08
CA ILE A 275 47.23 36.21 -3.13
C ILE A 275 47.32 36.77 -4.55
N THR A 276 48.32 36.31 -5.29
CA THR A 276 48.60 36.85 -6.62
C THR A 276 47.60 36.33 -7.65
N ASN A 277 46.94 35.23 -7.32
CA ASN A 277 46.00 34.60 -8.23
C ASN A 277 44.58 35.10 -7.97
N ASN A 278 44.05 35.88 -8.90
CA ASN A 278 42.74 36.50 -8.72
C ASN A 278 41.59 35.56 -9.09
N ALA A 279 41.95 34.32 -9.36
CA ALA A 279 40.98 33.24 -9.50
C ALA A 279 40.68 32.66 -8.12
N LYS A 280 41.46 33.06 -7.13
CA LYS A 280 41.24 32.65 -5.75
C LYS A 280 40.47 33.75 -5.02
N ASN A 281 40.44 33.66 -3.70
CA ASN A 281 39.77 34.69 -2.91
C ASN A 281 40.53 35.01 -1.62
N ILE A 282 40.01 35.96 -0.85
CA ILE A 282 40.75 36.44 0.31
C ILE A 282 39.89 36.35 1.57
N LEU A 283 40.43 35.78 2.63
CA LEU A 283 39.78 35.77 3.92
C LEU A 283 40.32 36.88 4.83
N VAL A 284 39.42 37.73 5.29
CA VAL A 284 39.79 38.82 6.19
C VAL A 284 39.18 38.60 7.57
N GLN A 285 40.02 38.54 8.60
CA GLN A 285 39.55 38.36 9.96
C GLN A 285 39.75 39.65 10.76
N PHE A 286 38.69 40.11 11.40
CA PHE A 286 38.75 41.37 12.15
C PHE A 286 39.39 41.23 13.52
N ASN A 287 39.72 42.37 14.11
CA ASN A 287 40.26 42.45 15.44
C ASN A 287 39.20 42.87 16.45
N THR A 288 38.24 43.65 15.98
CA THR A 288 37.20 44.19 16.84
C THR A 288 35.82 43.91 16.24
N PRO A 289 34.91 43.40 17.04
CA PRO A 289 33.55 43.15 16.55
C PRO A 289 32.90 44.39 15.95
N VAL A 290 32.37 44.26 14.74
CA VAL A 290 31.62 45.33 14.12
C VAL A 290 30.13 45.06 14.24
N GLN A 291 29.46 45.83 15.09
CA GLN A 291 28.04 45.63 15.36
C GLN A 291 27.19 45.85 14.11
N ILE A 292 26.26 44.94 13.87
CA ILE A 292 25.23 45.18 12.87
C ILE A 292 23.84 44.80 13.42
N ASN A 293 22.88 45.70 13.26
CA ASN A 293 21.56 45.54 13.86
C ASN A 293 20.44 45.57 12.83
N CYS A 294 19.83 44.42 12.60
CA CYS A 294 18.88 44.27 11.50
C CYS A 294 17.46 44.07 12.02
N THR A 295 16.49 44.63 11.31
CA THR A 295 15.12 44.70 11.82
C THR A 295 14.07 44.41 10.75
N ARG A 296 12.99 43.75 11.17
CA ARG A 296 11.83 43.52 10.32
C ARG A 296 10.58 44.00 11.05
N PRO A 297 10.21 45.27 10.84
CA PRO A 297 9.15 45.92 11.61
C PRO A 297 7.74 45.57 11.11
N ASN A 298 7.37 44.30 11.24
CA ASN A 298 6.08 43.83 10.77
C ASN A 298 5.43 42.88 11.77
N ASN A 299 4.51 43.41 12.58
CA ASN A 299 3.78 42.59 13.54
C ASN A 299 2.70 41.77 12.83
N ASN A 300 3.13 40.82 12.01
CA ASN A 300 2.21 40.03 11.19
C ASN A 300 1.74 38.75 11.89
N THR A 301 0.60 38.24 11.43
CA THR A 301 -0.05 37.09 12.06
C THR A 301 0.17 35.84 11.22
N ARG A 302 -0.24 34.69 11.74
CA ARG A 302 -0.06 33.43 11.04
C ARG A 302 -1.38 32.69 10.86
N LYS A 303 -2.10 33.03 9.81
CA LYS A 303 -3.35 32.33 9.49
C LYS A 303 -3.04 30.92 9.05
N SER A 304 -2.76 30.04 10.00
CA SER A 304 -2.51 28.64 9.69
C SER A 304 -3.74 27.97 9.07
N ILE A 305 -3.50 27.20 8.01
CA ILE A 305 -4.61 26.57 7.30
C ILE A 305 -4.45 25.04 7.37
N ARG A 306 -5.52 24.37 7.79
CA ARG A 306 -5.47 22.93 7.97
C ARG A 306 -5.54 22.16 6.65
N ILE A 307 -4.47 22.20 5.87
CA ILE A 307 -4.42 21.47 4.61
C ILE A 307 -4.04 20.01 4.90
N GLY A 308 -4.95 19.27 5.51
CA GLY A 308 -4.72 17.87 5.88
C GLY A 308 -4.52 16.90 4.72
N PRO A 309 -4.92 15.65 4.94
CA PRO A 309 -5.51 15.25 6.20
C PRO A 309 -4.47 15.26 7.32
N GLY A 310 -4.81 15.91 8.44
CA GLY A 310 -3.96 15.81 9.61
C GLY A 310 -2.87 16.86 9.69
N GLN A 311 -1.96 16.85 8.71
CA GLN A 311 -0.86 17.80 8.67
C GLN A 311 -1.36 19.23 8.50
N ALA A 312 -0.67 20.19 9.13
CA ALA A 312 -1.06 21.59 9.08
C ALA A 312 -0.05 22.49 8.38
N PHE A 313 -0.54 23.53 7.71
CA PHE A 313 0.32 24.44 6.99
C PHE A 313 0.21 25.81 7.63
N TYR A 314 1.34 26.49 7.76
CA TYR A 314 1.33 27.85 8.31
C TYR A 314 1.45 28.89 7.20
N ALA A 315 0.31 29.44 6.80
CA ALA A 315 0.27 30.49 5.78
C ALA A 315 0.54 31.86 6.38
N THR A 316 0.62 32.88 5.54
CA THR A 316 0.81 34.24 6.05
C THR A 316 -0.51 34.98 6.26
N GLY A 317 -0.77 35.37 7.50
CA GLY A 317 -2.00 36.03 7.86
C GLY A 317 -2.18 37.43 7.31
N ASP A 318 -2.00 38.43 8.17
CA ASP A 318 -2.08 39.83 7.77
C ASP A 318 -0.82 40.56 8.23
N ILE A 319 -0.46 41.63 7.52
CA ILE A 319 0.69 42.43 7.88
C ILE A 319 0.28 43.79 8.41
N ILE A 320 0.59 44.05 9.69
CA ILE A 320 0.21 45.30 10.32
C ILE A 320 1.38 45.89 11.11
N GLY A 321 1.28 47.17 11.46
CA GLY A 321 2.36 47.85 12.13
C GLY A 321 3.12 48.83 11.25
N ASP A 322 4.39 49.01 11.57
CA ASP A 322 5.22 50.00 10.88
C ASP A 322 5.68 49.50 9.50
N ILE A 323 4.82 49.69 8.50
CA ILE A 323 5.08 49.16 7.17
C ILE A 323 6.30 49.85 6.57
N ARG A 324 7.49 49.43 7.00
CA ARG A 324 8.74 49.88 6.40
C ARG A 324 9.52 48.66 5.89
N GLN A 325 10.40 48.87 4.93
CA GLN A 325 11.21 47.78 4.38
C GLN A 325 12.20 47.33 5.43
N ALA A 326 12.42 46.03 5.56
CA ALA A 326 13.40 45.56 6.51
C ALA A 326 14.78 46.04 6.08
N HIS A 327 15.63 46.29 7.05
CA HIS A 327 16.93 46.91 6.80
C HIS A 327 17.88 46.64 7.95
N CYS A 328 19.16 46.94 7.72
CA CYS A 328 20.17 46.80 8.75
C CYS A 328 20.82 48.15 9.08
N ASN A 329 21.16 48.31 10.34
CA ASN A 329 21.88 49.48 10.84
C ASN A 329 23.34 49.20 11.15
N VAL A 330 24.23 49.96 10.51
CA VAL A 330 25.66 49.80 10.69
C VAL A 330 26.25 51.12 11.16
N SER A 331 27.10 51.05 12.18
CA SER A 331 27.90 52.19 12.64
C SER A 331 28.94 52.56 11.59
N LYS A 332 28.70 53.68 10.92
CA LYS A 332 29.50 54.12 9.79
C LYS A 332 30.96 54.40 10.08
N ALA A 333 31.22 55.20 11.12
CA ALA A 333 32.60 55.50 11.50
C ALA A 333 33.38 54.24 11.85
N THR A 334 32.72 53.30 12.51
CA THR A 334 33.32 52.01 12.84
C THR A 334 33.73 51.24 11.58
N TRP A 335 32.82 51.16 10.62
CA TRP A 335 33.11 50.52 9.34
C TRP A 335 34.30 51.17 8.64
N ASN A 336 34.30 52.50 8.62
CA ASN A 336 35.36 53.23 7.93
C ASN A 336 36.70 52.93 8.57
N GLU A 337 36.73 53.01 9.89
CA GLU A 337 37.92 52.73 10.67
C GLU A 337 38.49 51.33 10.43
N THR A 338 37.63 50.32 10.56
CA THR A 338 38.07 48.94 10.35
C THR A 338 38.50 48.72 8.90
N LEU A 339 37.75 49.26 7.96
CA LEU A 339 38.06 49.07 6.56
C LEU A 339 39.47 49.56 6.32
N GLY A 340 39.78 50.71 6.89
CA GLY A 340 41.11 51.28 6.78
C GLY A 340 42.15 50.30 7.28
N LYS A 341 41.88 49.68 8.42
CA LYS A 341 42.84 48.74 9.00
C LYS A 341 43.07 47.59 8.03
N VAL A 342 42.00 47.17 7.35
CA VAL A 342 42.10 46.14 6.34
C VAL A 342 42.99 46.58 5.17
N VAL A 343 42.80 47.83 4.73
CA VAL A 343 43.56 48.36 3.61
C VAL A 343 45.05 48.43 3.93
N LYS A 344 45.37 48.60 5.22
CA LYS A 344 46.75 48.68 5.63
C LYS A 344 47.41 47.36 5.25
N GLN A 345 46.66 46.28 5.29
CA GLN A 345 47.23 44.95 5.14
C GLN A 345 47.44 44.65 3.67
N LEU A 346 46.25 45.28 3.13
CA LEU A 346 46.39 45.12 1.68
C LEU A 346 47.63 45.85 1.16
N ARG A 347 47.89 47.02 1.70
CA ARG A 347 49.06 47.78 1.27
C ARG A 347 50.29 46.89 1.42
N LYS A 348 50.47 46.37 2.63
CA LYS A 348 51.56 45.44 2.93
C LYS A 348 51.71 44.28 1.96
N HIS A 349 50.89 43.77 0.90
CA HIS A 349 50.97 42.67 -0.03
C HIS A 349 50.79 43.11 -1.48
N PHE A 350 50.80 44.42 -1.70
CA PHE A 350 50.60 44.96 -3.03
C PHE A 350 51.45 46.19 -3.32
N GLY A 351 51.88 46.87 -2.27
CA GLY A 351 52.86 47.93 -2.43
C GLY A 351 52.51 49.23 -1.72
N ASN A 352 53.48 50.10 -1.58
CA ASN A 352 53.30 51.35 -0.87
C ASN A 352 52.98 52.47 -1.84
N ASN A 353 52.53 52.08 -3.04
CA ASN A 353 52.13 53.06 -4.05
C ASN A 353 51.04 52.52 -4.98
N THR A 354 50.01 51.93 -4.40
CA THR A 354 48.89 51.41 -5.18
C THR A 354 47.55 51.93 -4.66
N ILE A 355 46.51 51.77 -5.48
CA ILE A 355 45.20 52.31 -5.14
C ILE A 355 44.19 51.19 -4.91
N ILE A 356 43.44 51.30 -3.82
CA ILE A 356 42.50 50.26 -3.42
C ILE A 356 41.06 50.75 -3.51
N ARG A 357 40.26 50.08 -4.33
CA ARG A 357 38.85 50.42 -4.47
C ARG A 357 37.94 49.26 -4.06
N PHE A 358 36.82 49.58 -3.43
CA PHE A 358 35.85 48.58 -3.03
C PHE A 358 34.51 48.79 -3.74
N ALA A 359 33.94 47.71 -4.25
CA ALA A 359 32.68 47.76 -4.98
C ALA A 359 31.83 46.54 -4.68
N ASN A 360 30.60 46.53 -5.16
CA ASN A 360 29.72 45.38 -5.00
C ASN A 360 30.03 44.27 -5.99
N SER A 361 29.25 43.19 -5.94
CA SER A 361 29.51 41.99 -6.72
C SER A 361 29.26 42.19 -8.21
N SER A 362 29.53 41.15 -8.99
CA SER A 362 29.33 41.18 -10.43
C SER A 362 27.87 41.02 -10.79
N GLY A 363 27.04 40.69 -9.79
CA GLY A 363 25.63 40.46 -10.01
C GLY A 363 25.32 39.03 -10.43
N GLY A 364 24.05 38.76 -10.70
CA GLY A 364 23.62 37.42 -11.08
C GLY A 364 22.65 36.81 -10.08
N ASP A 365 22.94 35.59 -9.66
CA ASP A 365 22.10 34.89 -8.70
C ASP A 365 22.02 35.66 -7.38
N LEU A 366 20.78 35.99 -6.97
CA LEU A 366 20.57 36.81 -5.79
C LEU A 366 21.35 36.26 -4.59
N GLU A 367 21.41 34.95 -4.49
CA GLU A 367 22.06 34.29 -3.36
C GLU A 367 23.53 34.70 -3.24
N VAL A 368 24.18 34.92 -4.38
CA VAL A 368 25.56 35.39 -4.40
C VAL A 368 25.64 36.91 -4.43
N THR A 369 24.76 37.54 -5.20
CA THR A 369 24.75 38.99 -5.35
C THR A 369 24.67 39.72 -4.02
N THR A 370 23.71 39.33 -3.18
CA THR A 370 23.49 40.02 -1.92
C THR A 370 23.99 39.23 -0.71
N HIS A 371 23.94 39.86 0.45
CA HIS A 371 24.31 39.21 1.71
C HIS A 371 23.13 38.43 2.27
N SER A 372 23.28 37.10 2.31
CA SER A 372 22.23 36.24 2.85
C SER A 372 22.58 35.78 4.25
N PHE A 373 21.58 35.73 5.13
CA PHE A 373 21.77 35.21 6.47
C PHE A 373 20.44 34.89 7.14
N ASN A 374 20.49 34.06 8.18
CA ASN A 374 19.29 33.68 8.92
C ASN A 374 19.19 34.40 10.25
N CYS A 375 18.04 35.00 10.52
CA CYS A 375 17.75 35.55 11.84
C CYS A 375 16.39 35.07 12.35
N GLY A 376 16.41 34.15 13.30
CA GLY A 376 15.18 33.69 13.95
C GLY A 376 14.32 32.81 13.06
N GLY A 377 14.92 32.26 12.01
CA GLY A 377 14.19 31.45 11.06
C GLY A 377 13.89 32.18 9.76
N GLU A 378 13.94 33.51 9.80
CA GLU A 378 13.70 34.32 8.62
C GLU A 378 14.98 34.51 7.82
N PHE A 379 14.86 34.55 6.50
CA PHE A 379 16.01 34.64 5.62
C PHE A 379 16.09 36.02 4.98
N PHE A 380 17.21 36.70 5.22
CA PHE A 380 17.38 38.07 4.74
C PHE A 380 18.34 38.13 3.55
N TYR A 381 18.04 39.03 2.62
CA TYR A 381 18.91 39.33 1.50
C TYR A 381 19.12 40.85 1.44
N CYS A 382 20.33 41.28 1.78
CA CYS A 382 20.62 42.71 1.90
C CYS A 382 21.60 43.25 0.87
N ASN A 383 21.33 44.47 0.41
CA ASN A 383 22.14 45.15 -0.59
C ASN A 383 23.36 45.80 0.04
N THR A 384 24.48 45.10 0.02
CA THR A 384 25.67 45.56 0.74
C THR A 384 26.46 46.61 -0.03
N SER A 385 25.85 47.13 -1.10
CA SER A 385 26.44 48.24 -1.83
C SER A 385 26.69 49.42 -0.89
N GLY A 386 25.85 49.55 0.12
CA GLY A 386 25.98 50.63 1.09
C GLY A 386 27.22 50.51 1.96
N LEU A 387 27.81 49.32 1.98
CA LEU A 387 29.06 49.09 2.71
C LEU A 387 30.25 49.13 1.77
N PHE A 388 30.23 48.23 0.80
CA PHE A 388 31.33 48.08 -0.15
C PHE A 388 31.29 49.12 -1.26
N ASN A 389 31.53 50.37 -0.89
CA ASN A 389 31.61 51.47 -1.83
C ASN A 389 32.63 52.52 -1.38
N SER A 390 33.89 52.29 -1.67
CA SER A 390 34.94 53.18 -1.19
C SER A 390 36.18 53.03 -2.07
N THR A 391 37.09 53.89 -1.33
CA THR A 391 38.36 53.90 -2.04
C THR A 391 39.46 54.40 -1.13
N TRP A 392 40.71 54.02 -1.44
CA TRP A 392 41.86 54.57 -0.74
C TRP A 392 42.98 54.94 -1.70
N ILE A 393 43.72 55.97 -1.34
CA ILE A 393 44.65 56.62 -2.26
C ILE A 393 45.89 55.75 -2.49
N SER A 394 47.07 56.38 -2.49
CA SER A 394 48.31 55.69 -2.84
C SER A 394 49.16 55.37 -1.63
N ASN A 395 49.09 56.21 -0.60
CA ASN A 395 49.91 55.97 0.58
C ASN A 395 49.39 56.75 1.80
N ASN A 407 25.44 60.51 13.23
CA ASN A 407 25.78 59.32 14.00
C ASN A 407 27.25 58.90 13.88
N ASP A 408 27.74 58.71 12.66
CA ASP A 408 26.90 58.43 11.49
C ASP A 408 26.63 56.95 11.34
N SER A 409 25.63 56.61 10.53
CA SER A 409 25.23 55.21 10.38
C SER A 409 24.80 54.91 8.94
N ILE A 410 24.79 53.63 8.60
CA ILE A 410 24.42 53.19 7.25
C ILE A 410 23.18 52.31 7.28
N THR A 411 22.23 52.61 6.41
CA THR A 411 21.03 51.79 6.27
C THR A 411 21.15 50.86 5.06
N LEU A 412 21.02 49.56 5.31
CA LEU A 412 21.10 48.56 4.24
C LEU A 412 19.73 47.96 3.93
N PRO A 413 19.19 48.25 2.74
CA PRO A 413 17.90 47.69 2.28
C PRO A 413 17.94 46.18 2.18
N CYS A 414 16.96 45.51 2.79
CA CYS A 414 16.92 44.05 2.74
C CYS A 414 15.60 43.52 2.18
N ARG A 415 15.62 42.26 1.74
CA ARG A 415 14.43 41.62 1.20
C ARG A 415 14.22 40.32 1.96
N ILE A 416 12.98 39.83 1.98
CA ILE A 416 12.67 38.60 2.68
C ILE A 416 12.23 37.53 1.70
N LYS A 417 12.75 36.32 1.86
CA LYS A 417 12.33 35.22 1.01
C LYS A 417 11.78 34.11 1.89
N GLN A 418 10.89 33.29 1.34
CA GLN A 418 10.37 32.17 2.10
C GLN A 418 10.78 30.83 1.50
N ILE A 419 11.06 30.83 0.21
CA ILE A 419 11.59 29.65 -0.47
C ILE A 419 13.08 29.79 -0.69
N ILE A 420 13.87 28.92 -0.06
CA ILE A 420 15.32 29.01 -0.14
C ILE A 420 15.99 27.69 -0.54
N ASN A 421 17.22 27.82 -1.05
CA ASN A 421 18.03 26.66 -1.45
C ASN A 421 19.37 26.66 -0.74
N MET A 422 19.62 25.63 0.07
CA MET A 422 20.82 25.57 0.89
C MET A 422 22.03 25.01 0.13
N TRP A 423 23.13 25.71 0.35
CA TRP A 423 24.45 25.28 -0.02
C TRP A 423 24.50 24.96 -1.48
N GLN A 424 23.83 25.80 -2.25
CA GLN A 424 23.96 25.75 -3.70
C GLN A 424 23.37 24.43 -4.16
N ARG A 425 22.57 23.81 -3.30
CA ARG A 425 22.06 22.50 -3.68
C ARG A 425 20.73 22.57 -4.41
N ILE A 426 20.69 21.97 -5.60
CA ILE A 426 19.47 21.95 -6.39
C ILE A 426 18.90 20.54 -6.30
N GLY A 427 17.60 20.42 -6.54
CA GLY A 427 16.94 19.13 -6.44
C GLY A 427 16.00 19.09 -5.25
N GLN A 428 16.11 20.10 -4.38
CA GLN A 428 15.20 20.23 -3.25
C GLN A 428 15.18 21.66 -2.72
N CYS A 429 14.14 21.98 -1.97
CA CYS A 429 13.97 23.33 -1.43
C CYS A 429 13.20 23.28 -0.12
N MET A 430 13.38 24.31 0.70
CA MET A 430 12.74 24.35 2.02
C MET A 430 11.92 25.61 2.22
N TYR A 431 10.71 25.45 2.74
CA TYR A 431 9.82 26.57 2.99
C TYR A 431 9.98 27.04 4.43
N ALA A 432 10.32 28.31 4.60
CA ALA A 432 10.41 28.89 5.93
C ALA A 432 9.00 29.27 6.35
N PRO A 433 8.61 28.87 7.62
CA PRO A 433 7.30 29.38 8.03
C PRO A 433 7.42 30.85 8.42
N PRO A 434 6.34 31.66 8.11
CA PRO A 434 6.47 33.03 8.62
C PRO A 434 6.54 33.07 10.14
N ILE A 435 7.46 33.87 10.68
CA ILE A 435 7.59 34.01 12.12
C ILE A 435 6.72 35.14 12.64
N GLN A 436 5.83 34.83 13.57
CA GLN A 436 4.82 35.78 14.03
C GLN A 436 5.46 36.91 14.84
N GLY A 437 4.99 38.13 14.59
CA GLY A 437 5.48 39.28 15.34
C GLY A 437 6.68 39.97 14.73
N VAL A 438 7.09 41.08 15.34
CA VAL A 438 8.21 41.87 14.86
C VAL A 438 9.53 41.15 15.12
N ILE A 439 10.36 41.04 14.10
CA ILE A 439 11.64 40.34 14.23
C ILE A 439 12.81 41.30 14.12
N ARG A 440 13.64 41.35 15.15
CA ARG A 440 14.84 42.19 15.15
C ARG A 440 15.96 41.53 15.95
N CYS A 441 17.18 41.64 15.45
CA CYS A 441 18.32 41.01 16.09
C CYS A 441 19.62 41.76 15.79
N VAL A 442 20.68 41.37 16.49
CA VAL A 442 21.97 42.05 16.37
C VAL A 442 23.10 41.03 16.44
N SER A 443 24.15 41.25 15.66
CA SER A 443 25.27 40.33 15.63
C SER A 443 26.61 41.02 15.40
N ASN A 444 27.68 40.24 15.50
CA ASN A 444 29.04 40.75 15.32
C ASN A 444 29.60 40.36 13.95
N ILE A 445 29.94 41.34 13.12
CA ILE A 445 30.64 41.04 11.89
C ILE A 445 32.11 40.82 12.23
N THR A 446 32.62 39.64 11.90
CA THR A 446 33.95 39.25 12.33
C THR A 446 34.90 38.93 11.18
N GLY A 447 34.47 39.20 9.95
CA GLY A 447 35.33 38.99 8.81
C GLY A 447 34.67 39.18 7.46
N LEU A 448 35.49 39.17 6.41
CA LEU A 448 35.01 39.39 5.05
C LEU A 448 35.39 38.25 4.13
N ILE A 449 34.52 37.95 3.18
CA ILE A 449 34.85 37.07 2.06
C ILE A 449 35.04 37.93 0.82
N LEU A 450 36.28 38.22 0.48
CA LEU A 450 36.59 39.13 -0.62
C LEU A 450 37.20 38.42 -1.82
N THR A 451 36.99 38.99 -3.00
CA THR A 451 37.59 38.49 -4.23
C THR A 451 38.38 39.60 -4.91
N ARG A 452 39.42 39.22 -5.66
CA ARG A 452 40.28 40.19 -6.32
C ARG A 452 39.90 40.33 -7.80
N ASP A 453 39.64 41.56 -8.22
CA ASP A 453 39.22 41.85 -9.59
C ASP A 453 40.20 41.30 -10.61
N THR A 457 46.70 46.94 -17.85
CA THR A 457 46.03 47.85 -16.90
C THR A 457 46.07 47.43 -15.43
N ASN A 458 47.15 46.76 -15.05
CA ASN A 458 47.34 46.31 -13.67
C ASN A 458 48.67 46.77 -13.11
N SER A 459 48.76 48.06 -12.79
CA SER A 459 50.00 48.63 -12.33
C SER A 459 49.79 49.63 -11.20
N THR A 460 48.60 49.63 -10.62
CA THR A 460 48.27 50.59 -9.58
C THR A 460 46.92 50.34 -8.92
N THR A 461 45.84 50.67 -9.62
CA THR A 461 44.51 50.54 -9.02
C THR A 461 43.94 49.12 -9.09
N GLU A 462 43.57 48.61 -7.92
CA GLU A 462 42.93 47.30 -7.84
C GLU A 462 41.58 47.42 -7.15
N THR A 463 40.62 46.62 -7.59
CA THR A 463 39.27 46.67 -7.02
C THR A 463 38.96 45.35 -6.34
N PHE A 464 38.33 45.41 -5.18
CA PHE A 464 37.94 44.21 -4.47
C PHE A 464 36.43 44.17 -4.19
N ARG A 465 35.88 42.96 -4.17
CA ARG A 465 34.42 42.79 -3.93
C ARG A 465 34.01 41.52 -3.14
N PRO A 466 32.83 41.57 -2.49
CA PRO A 466 32.34 40.49 -1.64
C PRO A 466 31.86 39.28 -2.46
N GLY A 467 32.05 38.08 -1.93
CA GLY A 467 31.60 36.87 -2.60
C GLY A 467 31.14 35.81 -1.60
N GLY A 468 31.29 34.55 -1.98
CA GLY A 468 30.93 33.45 -1.11
C GLY A 468 30.55 32.19 -1.88
N GLY A 469 29.32 31.74 -1.68
CA GLY A 469 28.81 30.58 -2.40
C GLY A 469 29.20 29.28 -1.73
N ASP A 470 30.50 28.99 -1.70
CA ASP A 470 31.01 27.77 -1.11
C ASP A 470 31.19 27.93 0.39
N MET A 471 30.32 27.28 1.16
CA MET A 471 30.21 27.55 2.59
C MET A 471 31.25 26.79 3.40
N ARG A 472 32.08 26.03 2.68
CA ARG A 472 33.17 25.32 3.29
C ARG A 472 34.14 26.43 3.70
N ASP A 473 34.07 27.56 2.99
CA ASP A 473 34.89 28.73 3.31
C ASP A 473 34.63 29.19 4.74
N ASN A 474 33.36 29.21 5.14
CA ASN A 474 32.97 29.62 6.48
C ASN A 474 33.54 28.73 7.57
N TRP A 475 33.46 27.42 7.36
CA TRP A 475 33.98 26.50 8.36
C TRP A 475 35.51 26.67 8.42
N ARG A 476 36.13 26.81 7.27
CA ARG A 476 37.59 26.92 7.17
C ARG A 476 38.11 28.18 7.84
N SER A 477 37.28 29.21 7.91
CA SER A 477 37.68 30.47 8.49
C SER A 477 37.92 30.30 9.99
N GLU A 478 37.44 29.20 10.55
CA GLU A 478 37.64 28.94 11.97
C GLU A 478 38.58 27.77 12.23
N LEU A 479 38.48 26.74 11.40
CA LEU A 479 39.17 25.48 11.66
C LEU A 479 40.65 25.55 11.29
N TYR A 480 41.08 26.72 10.84
CA TYR A 480 42.47 26.87 10.41
C TYR A 480 43.39 26.76 11.62
N LYS A 481 42.80 26.91 12.81
CA LYS A 481 43.58 26.92 14.04
C LYS A 481 43.88 25.50 14.48
N TYR A 482 43.27 24.54 13.79
CA TYR A 482 43.32 23.13 14.21
C TYR A 482 43.86 22.23 13.11
N LYS A 483 44.48 21.13 13.52
CA LYS A 483 44.82 20.05 12.60
C LYS A 483 44.81 18.71 13.36
N VAL A 484 44.57 17.62 12.63
CA VAL A 484 44.52 16.30 13.24
C VAL A 484 45.66 15.39 12.78
N VAL A 485 46.30 14.74 13.75
CA VAL A 485 47.44 13.87 13.47
C VAL A 485 47.23 12.50 14.11
N LYS A 486 47.85 11.47 13.52
CA LYS A 486 47.75 10.12 14.05
C LYS A 486 49.01 9.74 14.81
N ILE A 487 48.87 9.43 16.10
CA ILE A 487 49.99 9.03 16.92
C ILE A 487 50.46 7.61 16.58
N GLU A 488 51.77 7.42 16.52
CA GLU A 488 52.36 6.09 16.37
C GLU A 488 53.19 5.76 17.61
N PRO A 489 52.56 5.05 18.57
CA PRO A 489 53.18 4.66 19.85
C PRO A 489 54.46 3.85 19.71
N LEU A 490 54.59 3.07 18.64
CA LEU A 490 55.68 2.11 18.53
C LEU A 490 56.89 2.72 17.83
N GLY A 491 58.06 2.58 18.46
CA GLY A 491 59.30 3.03 17.87
C GLY A 491 60.46 2.19 18.36
N VAL A 492 61.59 2.29 17.67
CA VAL A 492 62.79 1.58 18.07
C VAL A 492 64.01 2.50 17.99
N ALA A 493 65.08 2.13 18.70
CA ALA A 493 66.29 2.94 18.72
C ALA A 493 67.49 2.11 19.20
N PRO A 494 68.68 2.51 18.77
CA PRO A 494 69.91 1.84 19.15
C PRO A 494 70.30 2.13 20.59
N THR A 495 70.49 1.07 21.37
CA THR A 495 70.89 1.22 22.75
C THR A 495 71.88 0.13 23.15
N ARG A 496 72.85 0.52 23.95
CA ARG A 496 73.89 -0.39 24.44
C ARG A 496 73.16 -1.39 25.37
N CYS A 497 72.75 -2.57 24.87
CA CYS A 497 72.09 -3.56 25.71
C CYS A 497 72.00 -4.92 25.02
N LYS A 498 72.54 -5.94 25.67
CA LYS A 498 72.44 -7.31 25.17
C LYS A 498 71.54 -8.14 26.08
N ARG A 499 70.29 -8.45 25.69
CA ARG A 499 69.27 -9.17 26.59
C ARG A 499 69.44 -10.70 27.06
N ARG A 500 69.88 -11.00 28.32
CA ARG A 500 70.05 -12.40 28.91
C ARG A 500 68.79 -13.36 29.22
N VAL A 501 68.91 -14.73 29.27
CA VAL A 501 67.77 -15.58 29.57
C VAL A 501 67.63 -15.81 31.07
N ASN B 31 56.04 -43.08 28.72
CA ASN B 31 54.61 -42.88 28.59
C ASN B 31 54.32 -41.54 27.90
N LEU B 32 53.21 -41.48 27.18
CA LEU B 32 52.84 -40.28 26.42
C LEU B 32 51.88 -39.37 27.17
N TRP B 33 51.97 -38.08 26.86
CA TRP B 33 51.24 -37.04 27.59
C TRP B 33 50.40 -36.22 26.63
N VAL B 34 49.44 -35.47 27.15
CA VAL B 34 48.62 -34.60 26.31
C VAL B 34 49.37 -33.30 25.98
N THR B 35 49.66 -33.11 24.70
CA THR B 35 50.35 -31.92 24.23
C THR B 35 49.40 -31.06 23.39
N VAL B 36 49.43 -29.76 23.63
CA VAL B 36 48.49 -28.84 22.99
C VAL B 36 49.12 -28.16 21.78
N TYR B 37 48.39 -28.15 20.67
CA TYR B 37 48.87 -27.58 19.42
C TYR B 37 47.90 -26.53 18.91
N TYR B 38 48.43 -25.52 18.22
CA TYR B 38 47.61 -24.46 17.67
C TYR B 38 48.10 -24.03 16.30
N GLY B 39 47.16 -23.75 15.40
CA GLY B 39 47.48 -23.52 14.00
C GLY B 39 47.42 -24.79 13.18
N VAL B 40 46.62 -25.75 13.64
CA VAL B 40 46.52 -27.03 12.99
C VAL B 40 45.73 -26.93 11.69
N PRO B 41 46.32 -27.44 10.59
CA PRO B 41 45.69 -27.33 9.27
C PRO B 41 44.52 -28.31 9.09
N VAL B 42 43.43 -28.07 9.80
CA VAL B 42 42.23 -28.89 9.66
C VAL B 42 40.98 -28.02 9.58
N TRP B 43 39.89 -28.60 9.09
CA TRP B 43 38.67 -27.83 8.85
C TRP B 43 37.44 -28.71 8.79
N LYS B 44 36.28 -28.11 9.03
CA LYS B 44 35.00 -28.79 8.86
C LYS B 44 34.11 -28.02 7.89
N ASP B 45 33.36 -28.74 7.07
CA ASP B 45 32.39 -28.12 6.17
C ASP B 45 31.35 -27.34 6.97
N ALA B 46 31.25 -26.05 6.66
CA ALA B 46 30.39 -25.16 7.43
C ALA B 46 30.00 -23.94 6.61
N GLU B 47 28.82 -23.39 6.88
CA GLU B 47 28.32 -22.22 6.18
C GLU B 47 28.56 -20.96 7.00
N THR B 48 29.07 -19.91 6.34
CA THR B 48 29.11 -18.59 6.95
C THR B 48 28.65 -17.51 5.98
N THR B 49 28.74 -16.26 6.43
CA THR B 49 28.30 -15.13 5.62
C THR B 49 29.45 -14.65 4.72
N LEU B 50 29.30 -14.90 3.42
CA LEU B 50 30.29 -14.45 2.44
C LEU B 50 30.08 -12.99 2.07
N PHE B 51 31.12 -12.35 1.56
CA PHE B 51 31.01 -10.97 1.12
C PHE B 51 31.76 -10.77 -0.19
N CYS B 52 31.40 -9.72 -0.93
CA CYS B 52 31.88 -9.55 -2.30
C CYS B 52 33.23 -8.85 -2.41
N ALA B 53 33.76 -8.84 -3.63
CA ALA B 53 35.01 -8.16 -4.02
C ALA B 53 34.86 -7.78 -5.50
N SER B 54 35.35 -6.61 -5.93
CA SER B 54 35.20 -6.25 -7.35
C SER B 54 36.28 -5.44 -8.10
N ASP B 55 37.51 -5.94 -8.17
CA ASP B 55 38.58 -5.26 -8.92
C ASP B 55 38.73 -3.78 -8.56
N ALA B 56 38.81 -2.92 -9.58
CA ALA B 56 38.91 -1.49 -9.34
C ALA B 56 38.48 -0.71 -10.57
N LYS B 57 38.52 -1.34 -11.75
CA LYS B 57 38.05 -0.72 -12.98
C LYS B 57 36.53 -0.81 -13.07
N ALA B 58 35.95 -1.81 -12.41
CA ALA B 58 34.51 -1.96 -12.43
C ALA B 58 33.84 -0.82 -11.69
N TYR B 59 34.58 -0.23 -10.74
CA TYR B 59 34.08 0.91 -9.99
C TYR B 59 34.21 2.19 -10.81
N GLU B 60 35.07 2.18 -11.84
CA GLU B 60 35.32 3.31 -12.74
C GLU B 60 34.27 3.45 -13.85
N THR B 61 33.36 2.49 -13.96
CA THR B 61 32.28 2.53 -14.94
C THR B 61 31.28 3.60 -14.54
N GLU B 62 31.32 3.99 -13.27
CA GLU B 62 30.46 4.94 -12.57
C GLU B 62 29.02 4.84 -13.07
N LYS B 63 28.58 5.90 -13.73
CA LYS B 63 27.21 6.02 -14.22
C LYS B 63 26.21 5.86 -13.07
N HIS B 64 26.46 6.54 -11.95
CA HIS B 64 25.54 6.49 -10.80
C HIS B 64 25.25 5.06 -10.32
N ASN B 65 26.33 4.35 -9.96
CA ASN B 65 26.21 2.99 -9.45
C ASN B 65 25.55 2.05 -10.43
N VAL B 66 26.34 1.44 -11.30
CA VAL B 66 25.79 0.50 -12.26
C VAL B 66 25.24 -0.67 -11.46
N TRP B 67 24.03 -1.10 -11.79
CA TRP B 67 23.41 -2.20 -11.07
C TRP B 67 23.39 -1.85 -9.58
N ALA B 68 23.78 -2.79 -8.72
CA ALA B 68 23.82 -2.56 -7.29
C ALA B 68 25.24 -2.57 -6.73
N THR B 69 26.24 -2.53 -7.60
CA THR B 69 27.63 -2.59 -7.16
C THR B 69 28.43 -1.29 -7.14
N HIS B 70 29.10 -1.06 -6.01
CA HIS B 70 29.96 0.09 -5.77
C HIS B 70 30.40 -0.12 -4.33
N ALA B 71 29.42 -0.44 -3.49
CA ALA B 71 29.65 -0.65 -2.07
C ALA B 71 30.24 -2.04 -1.93
N CYS B 72 31.50 -2.18 -2.31
CA CYS B 72 32.12 -3.49 -2.35
C CYS B 72 33.65 -3.35 -2.35
N VAL B 73 34.31 -4.17 -1.53
CA VAL B 73 35.74 -4.05 -1.36
C VAL B 73 36.50 -4.41 -2.63
N PRO B 74 37.40 -3.53 -3.05
CA PRO B 74 38.22 -3.76 -4.23
C PRO B 74 39.02 -5.04 -4.06
N THR B 75 39.29 -5.73 -5.17
CA THR B 75 40.04 -6.96 -5.14
C THR B 75 41.53 -6.68 -4.98
N ASP B 76 42.30 -7.70 -4.60
CA ASP B 76 43.75 -7.57 -4.53
C ASP B 76 44.31 -7.62 -5.95
N PRO B 77 45.39 -6.90 -6.19
CA PRO B 77 46.04 -6.92 -7.51
C PRO B 77 46.74 -8.24 -7.79
N ASN B 78 46.98 -9.02 -6.73
CA ASN B 78 47.58 -10.34 -6.86
C ASN B 78 46.84 -11.42 -6.11
N PRO B 79 45.69 -11.85 -6.64
CA PRO B 79 44.95 -12.94 -6.01
C PRO B 79 45.86 -14.17 -5.85
N GLN B 80 45.96 -14.71 -4.64
CA GLN B 80 46.87 -15.83 -4.34
C GLN B 80 46.19 -17.21 -4.38
N GLU B 81 46.97 -18.27 -4.59
CA GLU B 81 46.38 -19.60 -4.54
C GLU B 81 47.47 -20.59 -4.15
N ILE B 82 47.08 -21.85 -3.97
CA ILE B 82 48.08 -22.88 -3.68
C ILE B 82 47.47 -24.28 -3.71
N HIS B 83 48.35 -24.73 -4.80
CA HIS B 83 47.89 -26.10 -4.92
C HIS B 83 48.27 -26.90 -3.69
N LEU B 84 47.35 -27.74 -3.22
CA LEU B 84 47.55 -28.52 -2.02
C LEU B 84 47.86 -29.98 -2.36
N GLU B 85 49.01 -30.63 -2.50
CA GLU B 85 49.46 -31.99 -2.79
C GLU B 85 49.12 -32.92 -1.65
N ASN B 86 48.60 -34.11 -1.98
CA ASN B 86 48.14 -35.10 -1.01
C ASN B 86 46.83 -34.77 -0.32
N VAL B 87 46.28 -33.59 -0.60
CA VAL B 87 44.99 -33.22 -0.05
C VAL B 87 43.84 -33.50 -1.01
N THR B 88 42.92 -34.36 -0.55
CA THR B 88 41.76 -34.82 -1.31
C THR B 88 40.54 -34.74 -0.38
N GLU B 89 39.35 -34.47 -0.93
CA GLU B 89 38.09 -34.59 -0.16
C GLU B 89 36.86 -34.39 -1.06
N GLU B 90 35.68 -34.56 -0.46
CA GLU B 90 34.41 -34.49 -1.17
C GLU B 90 33.91 -33.10 -1.58
N PHE B 91 33.30 -33.05 -2.75
CA PHE B 91 32.72 -31.84 -3.29
C PHE B 91 31.26 -32.16 -3.59
N ASN B 92 30.34 -31.33 -3.08
CA ASN B 92 28.93 -31.57 -3.33
C ASN B 92 28.24 -30.28 -3.76
N MET B 93 28.10 -30.10 -5.06
CA MET B 93 27.53 -28.88 -5.62
C MET B 93 26.03 -28.77 -5.35
N TRP B 94 25.41 -29.86 -4.96
CA TRP B 94 23.96 -29.92 -4.82
C TRP B 94 23.52 -29.52 -3.43
N LYS B 95 24.47 -29.35 -2.52
CA LYS B 95 24.18 -28.89 -1.17
C LYS B 95 25.05 -27.69 -0.83
N ASN B 96 25.60 -27.07 -1.87
CA ASN B 96 26.50 -25.92 -1.69
C ASN B 96 25.70 -24.64 -1.42
N ASN B 97 25.64 -24.24 -0.16
CA ASN B 97 24.81 -23.10 0.24
C ASN B 97 25.35 -21.75 -0.22
N MET B 98 26.53 -21.74 -0.84
CA MET B 98 27.03 -20.53 -1.47
C MET B 98 26.04 -20.02 -2.52
N VAL B 99 25.40 -20.94 -3.21
CA VAL B 99 24.41 -20.62 -4.23
C VAL B 99 23.23 -19.87 -3.63
N GLU B 100 22.72 -20.38 -2.51
CA GLU B 100 21.54 -19.81 -1.87
C GLU B 100 21.78 -18.35 -1.46
N GLN B 101 22.92 -18.09 -0.84
CA GLN B 101 23.27 -16.74 -0.43
C GLN B 101 23.35 -15.82 -1.65
N MET B 102 24.16 -16.21 -2.63
CA MET B 102 24.33 -15.42 -3.84
C MET B 102 22.97 -15.05 -4.44
N HIS B 103 22.09 -16.04 -4.53
CA HIS B 103 20.77 -15.85 -5.11
C HIS B 103 20.02 -14.72 -4.42
N THR B 104 19.87 -14.83 -3.11
CA THR B 104 19.07 -13.88 -2.35
C THR B 104 19.75 -12.52 -2.26
N ASP B 105 21.08 -12.52 -2.30
CA ASP B 105 21.84 -11.27 -2.31
C ASP B 105 21.59 -10.47 -3.59
N ILE B 106 21.61 -11.16 -4.72
CA ILE B 106 21.32 -10.52 -6.00
C ILE B 106 19.90 -9.95 -6.01
N ILE B 107 18.95 -10.71 -5.47
CA ILE B 107 17.57 -10.24 -5.36
C ILE B 107 17.50 -8.96 -4.54
N SER B 108 18.19 -8.96 -3.41
CA SER B 108 18.18 -7.81 -2.51
C SER B 108 18.71 -6.58 -3.24
N LEU B 109 19.81 -6.76 -3.96
CA LEU B 109 20.42 -5.70 -4.74
C LEU B 109 19.41 -5.10 -5.72
N TRP B 110 18.72 -5.99 -6.44
CA TRP B 110 17.72 -5.61 -7.41
C TRP B 110 16.70 -4.64 -6.82
N ASP B 111 16.07 -5.04 -5.73
CA ASP B 111 15.08 -4.20 -5.06
C ASP B 111 15.64 -2.84 -4.63
N GLN B 112 16.84 -2.86 -4.04
CA GLN B 112 17.44 -1.64 -3.53
C GLN B 112 17.71 -0.63 -4.64
N SER B 113 17.97 -1.14 -5.84
CA SER B 113 18.26 -0.29 -6.99
C SER B 113 16.99 0.32 -7.58
N LEU B 114 15.84 -0.15 -7.15
CA LEU B 114 14.56 0.30 -7.70
C LEU B 114 13.82 1.24 -6.76
N LYS B 115 14.04 1.10 -5.46
CA LYS B 115 13.29 1.88 -4.49
C LYS B 115 13.43 3.37 -4.74
N PRO B 116 14.69 3.80 -5.12
CA PRO B 116 14.83 5.26 -5.21
C PRO B 116 14.39 5.77 -6.57
N CYS B 117 13.80 4.89 -7.38
CA CYS B 117 13.37 5.28 -8.72
C CYS B 117 11.88 5.58 -8.78
N VAL B 118 11.44 6.11 -9.92
CA VAL B 118 10.08 6.56 -10.10
C VAL B 118 9.06 5.44 -10.26
N LYS B 119 8.01 5.54 -9.46
CA LYS B 119 6.92 4.57 -9.46
C LYS B 119 5.96 5.00 -10.56
N LEU B 120 5.38 4.03 -11.26
CA LEU B 120 4.45 4.27 -12.37
C LEU B 120 3.01 3.91 -11.97
N THR B 121 2.67 4.15 -10.71
CA THR B 121 1.30 3.95 -10.22
C THR B 121 0.24 4.59 -11.10
N PRO B 122 0.42 5.83 -11.61
CA PRO B 122 -0.67 6.50 -12.31
C PRO B 122 -0.85 6.11 -13.77
N LEU B 123 -0.02 5.23 -14.29
CA LEU B 123 -0.17 4.68 -15.63
C LEU B 123 -1.34 3.70 -15.74
N CYS B 124 -1.81 3.17 -14.61
CA CYS B 124 -2.93 2.26 -14.52
C CYS B 124 -4.26 2.93 -14.93
N VAL B 125 -4.49 3.13 -16.23
CA VAL B 125 -5.68 3.79 -16.79
C VAL B 125 -6.19 3.02 -18.01
N THR B 126 -7.44 3.29 -18.41
CA THR B 126 -8.00 2.75 -19.64
C THR B 126 -7.27 3.31 -20.86
N LEU B 127 -6.76 2.42 -21.69
CA LEU B 127 -6.04 2.83 -22.90
C LEU B 127 -6.90 2.73 -24.15
N GLN B 128 -6.84 3.75 -25.00
CA GLN B 128 -7.55 3.73 -26.27
C GLN B 128 -6.58 3.47 -27.40
N CYS B 129 -6.65 2.26 -27.96
CA CYS B 129 -5.60 1.76 -28.85
C CYS B 129 -6.11 1.34 -30.22
N THR B 130 -5.19 1.36 -31.19
CA THR B 130 -5.51 1.08 -32.58
C THR B 130 -4.32 0.39 -33.24
N ASN B 131 -4.58 -0.33 -34.33
CA ASN B 131 -3.50 -1.00 -35.07
C ASN B 131 -2.53 0.00 -35.68
N VAL B 132 -1.29 -0.43 -35.86
CA VAL B 132 -0.28 0.45 -36.44
C VAL B 132 -0.05 -0.07 -37.86
N THR B 133 -0.35 0.75 -38.86
CA THR B 133 -0.18 0.34 -40.25
C THR B 133 1.25 0.22 -40.76
N ASN B 134 1.92 -0.86 -40.36
CA ASN B 134 3.23 -1.19 -40.88
C ASN B 134 3.11 -1.47 -42.37
N ASN B 135 4.25 -1.28 -43.03
CA ASN B 135 4.41 -1.41 -44.45
C ASN B 135 3.48 -2.46 -44.98
N ILE B 136 2.54 -2.08 -45.83
CA ILE B 136 1.52 -3.01 -46.29
C ILE B 136 2.18 -4.16 -47.06
N THR B 137 1.61 -5.36 -47.00
CA THR B 137 0.39 -5.65 -46.24
C THR B 137 0.65 -5.84 -44.74
N ASP B 138 1.22 -6.99 -44.36
CA ASP B 138 1.52 -7.19 -42.94
C ASP B 138 2.37 -8.42 -42.54
N ASP B 139 3.67 -8.15 -42.44
CA ASP B 139 4.71 -9.12 -42.12
C ASP B 139 5.07 -8.97 -40.65
N MET B 140 4.99 -7.73 -40.17
CA MET B 140 5.34 -7.42 -38.78
C MET B 140 4.24 -7.82 -37.81
N ARG B 141 3.04 -7.99 -38.34
CA ARG B 141 1.90 -8.32 -37.50
C ARG B 141 1.59 -7.24 -36.46
N GLY B 142 1.99 -6.01 -36.74
CA GLY B 142 1.80 -4.93 -35.78
C GLY B 142 2.64 -5.08 -34.53
N GLU B 143 2.12 -5.85 -33.60
CA GLU B 143 2.79 -6.14 -32.33
C GLU B 143 2.80 -4.95 -31.38
N LEU B 144 2.61 -3.74 -31.90
CA LEU B 144 2.53 -2.54 -31.07
C LEU B 144 1.31 -1.74 -31.49
N LYS B 145 0.70 -1.07 -30.52
CA LYS B 145 -0.50 -0.26 -30.75
C LYS B 145 -0.22 1.16 -30.28
N ASN B 146 -0.58 2.13 -31.12
CA ASN B 146 -0.40 3.55 -30.80
C ASN B 146 -1.63 4.01 -30.03
N CYS B 147 -1.55 3.95 -28.71
CA CYS B 147 -2.66 4.32 -27.86
C CYS B 147 -2.63 5.80 -27.52
N SER B 148 -3.68 6.28 -26.86
CA SER B 148 -3.79 7.67 -26.47
C SER B 148 -4.76 7.78 -25.30
N PHE B 149 -4.53 8.77 -24.45
CA PHE B 149 -5.38 8.99 -23.29
C PHE B 149 -4.97 10.30 -22.63
N ASN B 150 -5.91 10.91 -21.91
CA ASN B 150 -5.67 12.16 -21.21
C ASN B 150 -4.86 11.87 -19.95
N MET B 151 -3.56 12.17 -20.01
CA MET B 151 -2.67 11.94 -18.89
C MET B 151 -2.43 13.25 -18.14
N THR B 152 -2.27 13.14 -16.82
CA THR B 152 -2.04 14.30 -15.98
C THR B 152 -0.58 14.71 -16.02
N THR B 153 -0.35 16.03 -16.01
CA THR B 153 0.99 16.60 -16.03
C THR B 153 1.28 17.25 -14.67
N GLU B 154 2.32 18.09 -14.63
CA GLU B 154 2.67 18.76 -13.38
C GLU B 154 1.56 19.69 -12.92
N LEU B 155 0.92 20.39 -13.85
CA LEU B 155 -0.17 21.30 -13.51
C LEU B 155 -1.37 20.53 -12.97
N ARG B 156 -1.43 20.36 -11.65
CA ARG B 156 -2.53 19.64 -11.02
C ARG B 156 -3.84 20.39 -11.22
N ASP B 157 -4.44 20.23 -12.41
CA ASP B 157 -5.70 20.89 -12.71
C ASP B 157 -6.30 20.35 -14.00
N LYS B 158 -5.56 20.47 -15.10
CA LYS B 158 -5.99 20.02 -16.40
C LYS B 158 -5.03 18.95 -16.93
N LYS B 159 -5.59 17.97 -17.63
CA LYS B 159 -4.80 16.89 -18.19
C LYS B 159 -4.26 17.28 -19.56
N GLN B 160 -3.60 16.33 -20.22
CA GLN B 160 -3.03 16.56 -21.55
C GLN B 160 -3.09 15.26 -22.34
N LYS B 161 -3.79 15.29 -23.47
CA LYS B 161 -3.91 14.11 -24.30
C LYS B 161 -2.57 13.80 -24.96
N VAL B 162 -2.02 12.63 -24.66
CA VAL B 162 -0.74 12.20 -25.21
C VAL B 162 -0.90 10.85 -25.88
N TYR B 163 0.19 10.32 -26.44
CA TYR B 163 0.18 9.04 -27.11
C TYR B 163 1.51 8.33 -26.85
N SER B 164 1.50 7.01 -27.05
CA SER B 164 2.69 6.20 -26.83
C SER B 164 2.45 4.82 -27.41
N LEU B 165 3.54 4.10 -27.67
CA LEU B 165 3.49 2.75 -28.21
C LEU B 165 3.72 1.75 -27.10
N PHE B 166 3.01 0.62 -27.18
CA PHE B 166 3.14 -0.45 -26.19
C PHE B 166 2.98 -1.79 -26.89
N TYR B 167 3.84 -2.74 -26.56
CA TYR B 167 3.75 -4.07 -27.14
C TYR B 167 2.49 -4.78 -26.67
N ARG B 168 1.94 -5.62 -27.54
CA ARG B 168 0.69 -6.31 -27.20
C ARG B 168 0.95 -7.41 -26.19
N LEU B 169 2.23 -7.63 -25.86
CA LEU B 169 2.61 -8.53 -24.77
C LEU B 169 2.49 -7.84 -23.42
N ASP B 170 2.47 -6.50 -23.43
CA ASP B 170 2.38 -5.72 -22.22
C ASP B 170 0.93 -5.36 -21.88
N VAL B 171 0.10 -5.16 -22.89
CA VAL B 171 -1.26 -4.72 -22.68
C VAL B 171 -2.30 -5.81 -23.00
N VAL B 172 -3.49 -5.66 -22.45
CA VAL B 172 -4.57 -6.61 -22.69
C VAL B 172 -5.91 -5.90 -22.81
N GLN B 173 -6.77 -6.41 -23.69
CA GLN B 173 -8.07 -5.80 -23.93
C GLN B 173 -8.95 -5.85 -22.68
N ILE B 174 -9.62 -4.75 -22.37
CA ILE B 174 -10.58 -4.72 -21.27
C ILE B 174 -11.94 -5.19 -21.78
N ASN B 175 -12.50 -6.20 -21.13
CA ASN B 175 -13.84 -6.66 -21.47
C ASN B 175 -13.88 -7.44 -22.78
N ASN B 186 -11.71 2.38 -31.99
CA ASN B 186 -10.67 1.83 -31.14
C ASN B 186 -11.25 0.95 -30.05
N LYS B 187 -10.38 0.30 -29.30
CA LYS B 187 -10.80 -0.56 -28.21
C LYS B 187 -10.06 -0.20 -26.93
N GLU B 188 -10.56 -0.69 -25.80
CA GLU B 188 -9.99 -0.40 -24.50
C GLU B 188 -8.98 -1.46 -24.10
N TYR B 189 -7.84 -1.02 -23.58
CA TYR B 189 -6.78 -1.93 -23.17
C TYR B 189 -6.24 -1.60 -21.78
N ARG B 190 -5.47 -2.52 -21.21
CA ARG B 190 -4.96 -2.33 -19.86
C ARG B 190 -3.53 -2.83 -19.71
N LEU B 191 -2.74 -2.14 -18.90
CA LEU B 191 -1.38 -2.58 -18.60
C LEU B 191 -1.47 -3.87 -17.79
N ILE B 192 -0.84 -4.94 -18.27
CA ILE B 192 -1.10 -6.25 -17.69
C ILE B 192 -0.79 -6.32 -16.19
N ASN B 193 0.19 -5.55 -15.75
CA ASN B 193 0.65 -5.61 -14.36
C ASN B 193 -0.41 -5.16 -13.36
N CYS B 194 -1.35 -4.32 -13.80
CA CYS B 194 -2.26 -3.64 -12.89
C CYS B 194 -3.27 -4.59 -12.22
N ASN B 195 -3.36 -5.80 -12.73
CA ASN B 195 -4.23 -6.79 -12.13
C ASN B 195 -3.50 -7.61 -11.08
N THR B 196 -2.20 -7.45 -11.00
CA THR B 196 -1.38 -8.21 -10.05
C THR B 196 -0.68 -7.38 -8.99
N SER B 197 -0.14 -6.23 -9.40
CA SER B 197 0.58 -5.36 -8.48
C SER B 197 0.97 -4.03 -9.12
N ALA B 198 1.64 -3.18 -8.36
CA ALA B 198 2.12 -1.91 -8.87
C ALA B 198 3.39 -2.13 -9.68
N CYS B 199 3.75 -1.15 -10.50
CA CYS B 199 4.95 -1.26 -11.32
C CYS B 199 5.84 -0.02 -11.24
N THR B 200 7.14 -0.24 -11.17
CA THR B 200 8.11 0.83 -10.97
C THR B 200 9.01 0.98 -12.19
N GLN B 201 9.24 2.21 -12.61
CA GLN B 201 10.16 2.48 -13.71
C GLN B 201 11.61 2.37 -13.26
N ALA B 202 12.38 1.55 -13.95
CA ALA B 202 13.83 1.49 -13.73
C ALA B 202 14.46 2.81 -14.15
N CYS B 203 15.36 3.32 -13.32
CA CYS B 203 16.05 4.57 -13.61
C CYS B 203 16.78 4.48 -14.94
N PRO B 204 16.79 5.58 -15.69
CA PRO B 204 17.41 5.60 -17.01
C PRO B 204 18.93 5.61 -16.91
N LYS B 205 19.44 5.99 -15.74
CA LYS B 205 20.87 6.05 -15.53
C LYS B 205 21.46 4.69 -15.19
N VAL B 206 20.81 3.97 -14.29
CA VAL B 206 21.29 2.65 -13.89
C VAL B 206 21.21 1.65 -15.04
N SER B 207 22.20 0.77 -15.13
CA SER B 207 22.26 -0.23 -16.18
C SER B 207 22.00 -1.63 -15.63
N PHE B 208 22.13 -2.63 -16.48
CA PHE B 208 21.92 -4.01 -16.06
C PHE B 208 23.09 -4.89 -16.49
N GLU B 209 24.13 -4.27 -17.04
CA GLU B 209 25.32 -4.98 -17.45
C GLU B 209 25.87 -5.83 -16.31
N PRO B 210 25.91 -7.15 -16.50
CA PRO B 210 26.57 -8.08 -15.57
C PRO B 210 28.03 -7.74 -15.33
N ILE B 211 28.42 -7.59 -14.06
CA ILE B 211 29.79 -7.30 -13.70
C ILE B 211 30.39 -8.45 -12.89
N PRO B 212 31.61 -8.89 -13.26
CA PRO B 212 32.34 -9.94 -12.52
C PRO B 212 32.42 -9.66 -11.02
N ILE B 213 31.87 -10.57 -10.22
CA ILE B 213 31.92 -10.46 -8.77
C ILE B 213 32.75 -11.57 -8.15
N HIS B 214 33.63 -11.18 -7.23
CA HIS B 214 34.42 -12.16 -6.47
C HIS B 214 33.84 -12.32 -5.06
N TYR B 215 33.84 -13.55 -4.56
CA TYR B 215 33.35 -13.83 -3.22
C TYR B 215 34.49 -14.20 -2.29
N CYS B 216 34.48 -13.65 -1.08
CA CYS B 216 35.51 -13.96 -0.10
C CYS B 216 34.91 -14.43 1.23
N ALA B 217 35.63 -15.32 1.91
CA ALA B 217 35.26 -15.76 3.25
C ALA B 217 36.04 -15.00 4.30
N PRO B 218 35.41 -14.75 5.47
CA PRO B 218 36.09 -14.12 6.60
C PRO B 218 37.16 -15.01 7.24
N ALA B 219 38.08 -14.39 7.98
CA ALA B 219 39.19 -15.10 8.59
C ALA B 219 38.69 -16.29 9.41
N GLY B 220 39.36 -17.43 9.27
CA GLY B 220 38.95 -18.65 9.93
C GLY B 220 38.22 -19.57 8.98
N PHE B 221 37.82 -19.03 7.84
CA PHE B 221 37.18 -19.81 6.79
C PHE B 221 38.02 -19.78 5.51
N ALA B 222 37.99 -20.89 4.78
CA ALA B 222 38.85 -21.05 3.62
C ALA B 222 38.00 -21.29 2.38
N ILE B 223 38.42 -20.73 1.26
CA ILE B 223 37.81 -21.04 -0.03
C ILE B 223 38.58 -22.16 -0.72
N LEU B 224 37.97 -23.34 -0.81
CA LEU B 224 38.62 -24.48 -1.41
C LEU B 224 38.24 -24.59 -2.90
N LYS B 225 39.20 -24.93 -3.73
CA LYS B 225 38.88 -25.06 -5.15
C LYS B 225 39.58 -26.21 -5.84
N CYS B 226 38.79 -27.17 -6.30
CA CYS B 226 39.37 -28.31 -6.99
C CYS B 226 39.80 -27.85 -8.37
N LYS B 227 40.86 -28.44 -8.89
CA LYS B 227 41.33 -28.11 -10.22
C LYS B 227 41.14 -29.33 -11.11
N ASP B 228 40.47 -30.35 -10.56
CA ASP B 228 40.25 -31.57 -11.32
C ASP B 228 39.34 -31.27 -12.51
N LYS B 229 39.84 -31.50 -13.71
CA LYS B 229 39.07 -31.26 -14.93
C LYS B 229 37.86 -32.19 -15.00
N LYS B 230 37.93 -33.30 -14.28
CA LYS B 230 36.80 -34.22 -14.19
C LYS B 230 36.01 -33.98 -12.92
N PHE B 231 34.70 -34.13 -13.01
CA PHE B 231 33.83 -33.92 -11.86
C PHE B 231 32.41 -34.39 -12.19
N ASN B 232 31.87 -35.24 -11.33
CA ASN B 232 30.55 -35.81 -11.59
C ASN B 232 29.45 -34.95 -11.00
N GLY B 233 29.86 -33.91 -10.28
CA GLY B 233 28.94 -33.09 -9.51
C GLY B 233 29.14 -33.30 -8.02
N THR B 234 29.78 -34.41 -7.65
CA THR B 234 30.06 -34.70 -6.26
C THR B 234 31.01 -35.89 -6.09
N GLY B 235 31.80 -35.86 -5.01
CA GLY B 235 32.77 -36.91 -4.75
C GLY B 235 34.17 -36.37 -4.53
N PRO B 236 35.13 -37.28 -4.29
CA PRO B 236 36.51 -36.91 -3.96
C PRO B 236 37.25 -36.32 -5.16
N CYS B 237 38.07 -35.30 -4.91
CA CYS B 237 38.90 -34.72 -5.96
C CYS B 237 40.39 -34.93 -5.68
N PRO B 238 41.05 -35.73 -6.53
CA PRO B 238 42.49 -36.00 -6.42
C PRO B 238 43.34 -34.74 -6.37
N SER B 239 42.91 -33.70 -7.09
CA SER B 239 43.69 -32.47 -7.18
C SER B 239 42.91 -31.28 -6.60
N VAL B 240 43.17 -30.98 -5.33
CA VAL B 240 42.52 -29.86 -4.66
C VAL B 240 43.50 -28.72 -4.39
N SER B 241 43.09 -27.50 -4.67
CA SER B 241 43.85 -26.31 -4.30
C SER B 241 43.02 -25.43 -3.39
N THR B 242 43.55 -24.25 -3.04
CA THR B 242 42.78 -23.25 -2.32
C THR B 242 43.14 -21.83 -2.73
N VAL B 243 42.19 -20.91 -2.58
CA VAL B 243 42.34 -19.55 -3.06
C VAL B 243 41.95 -18.57 -1.97
N GLN B 244 42.32 -17.31 -2.14
CA GLN B 244 41.88 -16.26 -1.22
C GLN B 244 40.39 -16.13 -1.53
N CYS B 245 40.08 -15.76 -2.77
CA CYS B 245 38.71 -15.50 -3.18
C CYS B 245 38.39 -16.19 -4.50
N THR B 246 37.12 -16.15 -4.90
CA THR B 246 36.69 -16.81 -6.13
C THR B 246 37.06 -15.98 -7.34
N HIS B 247 36.98 -16.57 -8.52
CA HIS B 247 37.15 -15.81 -9.76
C HIS B 247 35.92 -14.97 -10.06
N GLY B 248 36.09 -13.96 -10.89
CA GLY B 248 35.00 -13.07 -11.24
C GLY B 248 33.89 -13.76 -12.00
N ILE B 249 32.69 -13.81 -11.42
CA ILE B 249 31.53 -14.43 -12.03
C ILE B 249 30.53 -13.33 -12.35
N LYS B 250 30.16 -13.21 -13.61
CA LYS B 250 29.21 -12.18 -14.03
C LYS B 250 27.78 -12.62 -13.72
N PRO B 251 27.00 -11.82 -13.00
CA PRO B 251 25.62 -12.23 -12.71
C PRO B 251 24.72 -12.17 -13.94
N VAL B 252 24.83 -13.16 -14.81
CA VAL B 252 24.05 -13.21 -16.04
C VAL B 252 22.76 -13.97 -15.74
N VAL B 253 21.65 -13.24 -15.69
CA VAL B 253 20.34 -13.84 -15.43
C VAL B 253 19.72 -14.23 -16.76
N SER B 254 19.43 -15.51 -16.93
CA SER B 254 18.84 -16.02 -18.16
C SER B 254 18.21 -17.38 -17.88
N THR B 255 17.62 -18.00 -18.88
CA THR B 255 16.99 -19.32 -18.76
C THR B 255 17.44 -20.17 -19.91
N GLN B 256 17.29 -21.50 -19.79
CA GLN B 256 17.59 -22.47 -20.84
C GLN B 256 19.06 -22.40 -21.25
N LEU B 257 19.42 -21.37 -22.01
CA LEU B 257 20.77 -21.21 -22.53
C LEU B 257 21.58 -20.34 -21.59
N LEU B 258 22.70 -20.87 -21.11
CA LEU B 258 23.61 -20.10 -20.26
C LEU B 258 24.52 -19.25 -21.12
N LEU B 259 24.72 -18.00 -20.69
CA LEU B 259 25.50 -17.03 -21.45
C LEU B 259 26.70 -16.48 -20.68
N ASN B 260 27.80 -16.27 -21.41
CA ASN B 260 29.02 -15.67 -20.86
C ASN B 260 29.51 -16.31 -19.57
N GLY B 261 29.42 -17.64 -19.49
CA GLY B 261 29.94 -18.37 -18.36
C GLY B 261 31.37 -18.85 -18.57
N SER B 262 31.79 -19.81 -17.75
CA SER B 262 33.13 -20.39 -17.88
C SER B 262 33.10 -21.62 -18.77
N LEU B 263 34.26 -22.00 -19.30
CA LEU B 263 34.37 -23.14 -20.20
C LEU B 263 34.85 -24.37 -19.46
N ALA B 264 34.45 -25.55 -19.95
CA ALA B 264 34.94 -26.80 -19.41
C ALA B 264 36.18 -27.29 -20.16
N GLU B 265 37.03 -28.05 -19.47
CA GLU B 265 38.18 -28.67 -20.08
C GLU B 265 37.88 -30.12 -20.47
N GLU B 266 38.77 -30.73 -21.23
CA GLU B 266 38.60 -32.10 -21.73
C GLU B 266 37.38 -32.24 -22.63
N GLU B 267 36.34 -32.88 -22.10
CA GLU B 267 35.14 -33.15 -22.89
C GLU B 267 33.96 -32.37 -22.34
N VAL B 268 32.79 -32.52 -22.99
CA VAL B 268 31.60 -31.82 -22.53
C VAL B 268 31.18 -32.37 -21.17
N MET B 269 30.80 -31.51 -20.24
CA MET B 269 30.45 -32.01 -18.92
C MET B 269 28.96 -32.18 -18.67
N ILE B 270 28.58 -33.35 -18.18
CA ILE B 270 27.21 -33.65 -17.82
C ILE B 270 27.08 -33.77 -16.31
N ARG B 271 26.31 -32.87 -15.71
CA ARG B 271 26.13 -32.93 -14.27
C ARG B 271 24.65 -32.92 -13.90
N SER B 272 24.24 -33.82 -13.01
CA SER B 272 22.84 -33.89 -12.57
C SER B 272 22.74 -34.48 -11.16
N GLU B 273 21.80 -33.98 -10.36
CA GLU B 273 21.58 -34.50 -9.00
C GLU B 273 21.24 -36.00 -9.05
N ASN B 274 20.60 -36.45 -10.13
CA ASN B 274 20.24 -37.86 -10.28
C ASN B 274 19.89 -38.10 -11.74
N ILE B 275 20.79 -38.78 -12.47
CA ILE B 275 20.55 -39.04 -13.87
C ILE B 275 19.42 -40.04 -14.05
N THR B 276 19.32 -41.02 -13.15
CA THR B 276 18.27 -42.03 -13.25
C THR B 276 16.89 -41.41 -13.07
N ASN B 277 16.75 -40.38 -12.22
CA ASN B 277 15.49 -39.68 -12.01
C ASN B 277 15.25 -38.65 -13.12
N ASN B 278 14.09 -38.75 -13.78
CA ASN B 278 13.68 -37.77 -14.80
C ASN B 278 13.18 -36.43 -14.23
N ALA B 279 12.78 -36.37 -12.95
CA ALA B 279 12.30 -35.12 -12.36
C ALA B 279 13.42 -34.07 -12.22
N LYS B 280 14.67 -34.52 -12.02
CA LYS B 280 15.84 -33.64 -11.93
C LYS B 280 16.27 -33.11 -13.30
N ASN B 281 16.95 -31.97 -13.28
CA ASN B 281 17.55 -31.36 -14.47
C ASN B 281 18.94 -31.93 -14.74
N ILE B 282 19.50 -31.60 -15.91
CA ILE B 282 20.82 -32.02 -16.36
C ILE B 282 21.56 -30.78 -16.82
N LEU B 283 22.72 -30.51 -16.21
CA LEU B 283 23.54 -29.37 -16.57
C LEU B 283 24.57 -29.80 -17.61
N VAL B 284 24.74 -28.97 -18.64
CA VAL B 284 25.68 -29.24 -19.73
C VAL B 284 26.59 -28.04 -19.88
N GLN B 285 27.89 -28.25 -19.71
CA GLN B 285 28.89 -27.21 -19.85
C GLN B 285 29.72 -27.44 -21.10
N PHE B 286 29.83 -26.41 -21.94
CA PHE B 286 30.54 -26.53 -23.20
C PHE B 286 32.06 -26.43 -23.06
N ASN B 287 32.74 -26.81 -24.13
CA ASN B 287 34.19 -26.72 -24.21
C ASN B 287 34.61 -25.50 -25.04
N THR B 288 33.77 -25.13 -26.00
CA THR B 288 34.07 -24.04 -26.91
C THR B 288 32.91 -23.06 -26.96
N PRO B 289 33.22 -21.77 -26.85
CA PRO B 289 32.17 -20.76 -26.93
C PRO B 289 31.36 -20.86 -28.22
N VAL B 290 30.04 -20.90 -28.09
CA VAL B 290 29.16 -20.87 -29.24
C VAL B 290 28.59 -19.46 -29.44
N GLN B 291 29.07 -18.77 -30.46
CA GLN B 291 28.67 -17.39 -30.70
C GLN B 291 27.18 -17.28 -31.00
N ILE B 292 26.51 -16.32 -30.38
CA ILE B 292 25.16 -15.95 -30.77
C ILE B 292 25.03 -14.42 -30.87
N ASN B 293 24.46 -13.96 -31.98
CA ASN B 293 24.41 -12.53 -32.28
C ASN B 293 22.98 -12.04 -32.50
N CYS B 294 22.47 -11.26 -31.55
CA CYS B 294 21.06 -10.89 -31.55
C CYS B 294 20.87 -9.40 -31.82
N THR B 295 19.82 -9.06 -32.55
CA THR B 295 19.66 -7.70 -33.06
C THR B 295 18.23 -7.19 -32.95
N ARG B 296 18.11 -5.89 -32.70
CA ARG B 296 16.82 -5.21 -32.69
C ARG B 296 16.92 -3.98 -33.60
N PRO B 297 16.60 -4.16 -34.88
CA PRO B 297 16.80 -3.13 -35.90
C PRO B 297 15.73 -2.05 -35.90
N ASN B 298 15.65 -1.28 -34.81
CA ASN B 298 14.64 -0.24 -34.67
C ASN B 298 15.22 1.04 -34.09
N ASN B 299 15.53 2.00 -34.95
CA ASN B 299 16.05 3.29 -34.50
C ASN B 299 14.92 4.15 -33.95
N ASN B 300 14.36 3.73 -32.81
CA ASN B 300 13.20 4.40 -32.22
C ASN B 300 13.58 5.49 -31.22
N THR B 301 12.65 6.42 -31.02
CA THR B 301 12.90 7.58 -30.18
C THR B 301 12.22 7.43 -28.82
N ARG B 302 12.49 8.36 -27.91
CA ARG B 302 11.92 8.29 -26.58
C ARG B 302 11.15 9.56 -26.22
N LYS B 303 9.88 9.61 -26.62
CA LYS B 303 9.02 10.75 -26.28
C LYS B 303 8.74 10.73 -24.79
N SER B 304 9.71 11.18 -24.00
CA SER B 304 9.52 11.27 -22.55
C SER B 304 8.39 12.24 -22.19
N ILE B 305 7.54 11.83 -21.25
CA ILE B 305 6.40 12.65 -20.88
C ILE B 305 6.50 13.03 -19.41
N ARG B 306 6.35 14.30 -19.07
CA ARG B 306 6.48 14.80 -17.68
C ARG B 306 5.27 14.46 -16.78
N ILE B 307 5.20 13.21 -16.31
CA ILE B 307 4.12 12.78 -15.45
C ILE B 307 4.53 12.99 -13.99
N GLY B 308 4.82 14.25 -13.64
CA GLY B 308 5.22 14.59 -12.29
C GLY B 308 4.12 14.35 -11.28
N PRO B 309 3.98 15.26 -10.32
CA PRO B 309 4.83 16.44 -10.22
C PRO B 309 6.31 16.07 -10.03
N GLY B 310 7.19 16.72 -10.79
CA GLY B 310 8.63 16.50 -10.74
C GLY B 310 9.13 15.24 -11.45
N GLN B 311 8.63 14.05 -11.10
CA GLN B 311 9.15 12.81 -11.68
C GLN B 311 8.78 12.66 -13.15
N ALA B 312 9.69 12.08 -13.92
CA ALA B 312 9.48 11.96 -15.36
C ALA B 312 9.34 10.52 -15.85
N PHE B 313 8.54 10.32 -16.88
CA PHE B 313 8.30 9.00 -17.41
C PHE B 313 8.85 8.95 -18.84
N TYR B 314 9.49 7.84 -19.19
CA TYR B 314 9.99 7.66 -20.54
C TYR B 314 9.08 6.76 -21.36
N ALA B 315 8.22 7.38 -22.16
CA ALA B 315 7.32 6.64 -23.03
C ALA B 315 8.00 6.25 -24.33
N THR B 316 7.31 5.50 -25.18
CA THR B 316 7.87 5.14 -26.48
C THR B 316 7.48 6.12 -27.57
N GLY B 317 8.47 6.75 -28.19
CA GLY B 317 8.24 7.75 -29.21
C GLY B 317 7.70 7.22 -30.52
N ASP B 318 8.57 7.14 -31.52
CA ASP B 318 8.22 6.59 -32.82
C ASP B 318 9.20 5.50 -33.21
N ILE B 319 8.74 4.56 -34.04
CA ILE B 319 9.61 3.50 -34.53
C ILE B 319 9.92 3.66 -36.01
N ILE B 320 11.20 3.86 -36.32
CA ILE B 320 11.63 4.07 -37.70
C ILE B 320 12.85 3.24 -38.02
N GLY B 321 13.15 3.08 -39.31
CA GLY B 321 14.25 2.25 -39.73
C GLY B 321 13.83 0.92 -40.34
N ASP B 322 14.68 -0.08 -40.18
CA ASP B 322 14.46 -1.38 -40.80
C ASP B 322 13.44 -2.21 -40.03
N ILE B 323 12.16 -1.98 -40.33
CA ILE B 323 11.08 -2.61 -39.59
C ILE B 323 11.10 -4.12 -39.82
N ARG B 324 12.01 -4.81 -39.13
CA ARG B 324 12.05 -6.27 -39.13
C ARG B 324 11.92 -6.76 -37.69
N GLN B 325 11.46 -8.00 -37.51
CA GLN B 325 11.31 -8.58 -36.18
C GLN B 325 12.70 -8.83 -35.61
N ALA B 326 12.88 -8.55 -34.32
CA ALA B 326 14.16 -8.82 -33.71
C ALA B 326 14.41 -10.32 -33.73
N HIS B 327 15.67 -10.70 -33.85
CA HIS B 327 16.04 -12.10 -34.02
C HIS B 327 17.49 -12.32 -33.64
N CYS B 328 17.86 -13.59 -33.54
CA CYS B 328 19.24 -13.96 -33.24
C CYS B 328 19.85 -14.77 -34.37
N ASN B 329 21.13 -14.57 -34.58
CA ASN B 329 21.92 -15.33 -35.55
C ASN B 329 22.85 -16.34 -34.92
N VAL B 330 22.70 -17.61 -35.31
CA VAL B 330 23.50 -18.69 -34.77
C VAL B 330 24.21 -19.40 -35.92
N SER B 331 25.50 -19.66 -35.73
CA SER B 331 26.29 -20.48 -36.64
C SER B 331 25.83 -21.93 -36.57
N LYS B 332 25.15 -22.36 -37.62
CA LYS B 332 24.51 -23.67 -37.67
C LYS B 332 25.44 -24.88 -37.56
N ALA B 333 26.49 -24.89 -38.37
CA ALA B 333 27.46 -25.98 -38.31
C ALA B 333 28.09 -26.10 -36.94
N THR B 334 28.37 -24.96 -36.31
CA THR B 334 28.92 -24.93 -34.95
C THR B 334 27.96 -25.57 -33.95
N TRP B 335 26.69 -25.19 -34.01
CA TRP B 335 25.67 -25.81 -33.17
C TRP B 335 25.60 -27.32 -33.36
N ASN B 336 25.60 -27.74 -34.61
CA ASN B 336 25.47 -29.15 -34.93
C ASN B 336 26.65 -29.93 -34.34
N GLU B 337 27.84 -29.39 -34.56
CA GLU B 337 29.07 -29.99 -34.06
C GLU B 337 29.08 -30.13 -32.54
N THR B 338 28.79 -29.05 -31.84
CA THR B 338 28.77 -29.07 -30.38
C THR B 338 27.67 -30.00 -29.86
N LEU B 339 26.50 -29.94 -30.48
CA LEU B 339 25.39 -30.75 -30.03
C LEU B 339 25.82 -32.20 -30.06
N GLY B 340 26.49 -32.57 -31.15
CA GLY B 340 27.01 -33.92 -31.30
C GLY B 340 27.89 -34.28 -30.13
N LYS B 341 28.78 -33.37 -29.76
CA LYS B 341 29.71 -33.63 -28.67
C LYS B 341 28.93 -33.89 -27.38
N VAL B 342 27.84 -33.15 -27.21
CA VAL B 342 26.95 -33.35 -26.06
C VAL B 342 26.32 -34.74 -26.10
N VAL B 343 25.86 -35.17 -27.27
CA VAL B 343 25.22 -36.46 -27.43
C VAL B 343 26.19 -37.60 -27.11
N LYS B 344 27.47 -37.36 -27.34
CA LYS B 344 28.48 -38.38 -27.07
C LYS B 344 28.40 -38.71 -25.58
N GLN B 345 28.08 -37.71 -24.77
CA GLN B 345 28.18 -37.84 -23.34
C GLN B 345 26.96 -38.56 -22.81
N LEU B 346 25.94 -38.00 -23.67
CA LEU B 346 24.72 -38.68 -23.30
C LEU B 346 24.82 -40.18 -23.57
N ARG B 347 25.45 -40.55 -24.69
CA ARG B 347 25.60 -41.94 -25.01
C ARG B 347 26.28 -42.65 -23.84
N LYS B 348 27.42 -42.12 -23.44
CA LYS B 348 28.16 -42.62 -22.29
C LYS B 348 27.34 -42.81 -21.02
N HIS B 349 26.03 -42.40 -20.64
CA HIS B 349 25.20 -42.54 -19.45
C HIS B 349 23.83 -43.16 -19.75
N PHE B 350 23.66 -43.68 -20.97
CA PHE B 350 22.40 -44.25 -21.37
C PHE B 350 22.55 -45.47 -22.27
N GLY B 351 23.70 -45.59 -22.91
CA GLY B 351 24.01 -46.82 -23.63
C GLY B 351 24.52 -46.60 -25.04
N ASN B 352 25.08 -47.65 -25.61
CA ASN B 352 25.67 -47.58 -26.94
C ASN B 352 24.67 -48.06 -27.98
N ASN B 353 23.40 -48.09 -27.59
CA ASN B 353 22.34 -48.49 -28.51
C ASN B 353 21.01 -47.82 -28.18
N THR B 354 21.04 -46.50 -27.99
CA THR B 354 19.84 -45.74 -27.71
C THR B 354 19.70 -44.54 -28.66
N ILE B 355 18.50 -43.96 -28.70
CA ILE B 355 18.22 -42.87 -29.63
C ILE B 355 17.95 -41.56 -28.88
N ILE B 356 18.59 -40.49 -29.34
CA ILE B 356 18.50 -39.21 -28.66
C ILE B 356 17.78 -38.18 -29.53
N ARG B 357 16.68 -37.64 -29.01
CA ARG B 357 15.87 -36.67 -29.72
C ARG B 357 15.77 -35.39 -28.90
N PHE B 358 15.74 -34.26 -29.60
CA PHE B 358 15.63 -32.94 -28.96
C PHE B 358 14.40 -32.23 -29.49
N ALA B 359 13.70 -31.56 -28.57
CA ALA B 359 12.49 -30.83 -28.93
C ALA B 359 12.38 -29.59 -28.05
N ASN B 360 11.43 -28.71 -28.40
CA ASN B 360 11.22 -27.49 -27.64
C ASN B 360 10.58 -27.81 -26.29
N SER B 361 10.33 -26.76 -25.52
CA SER B 361 9.72 -26.92 -24.21
C SER B 361 8.26 -27.36 -24.35
N SER B 362 7.60 -27.62 -23.22
CA SER B 362 6.18 -28.02 -23.15
C SER B 362 5.21 -26.84 -23.18
N GLY B 363 5.64 -25.66 -23.64
CA GLY B 363 4.83 -24.44 -23.61
C GLY B 363 4.57 -23.96 -22.18
N GLY B 364 3.36 -23.45 -21.95
CA GLY B 364 2.99 -22.86 -20.67
C GLY B 364 3.38 -21.38 -20.61
N ASP B 365 4.05 -21.01 -19.52
CA ASP B 365 4.47 -19.63 -19.28
C ASP B 365 5.51 -19.18 -20.31
N LEU B 366 5.40 -17.91 -20.77
CA LEU B 366 6.30 -17.40 -21.80
C LEU B 366 7.74 -17.31 -21.31
N GLU B 367 7.97 -17.09 -20.02
CA GLU B 367 9.34 -16.99 -19.48
C GLU B 367 10.11 -18.31 -19.54
N VAL B 368 9.47 -19.44 -19.22
CA VAL B 368 10.13 -20.76 -19.31
C VAL B 368 10.09 -21.30 -20.73
N THR B 369 9.05 -20.95 -21.50
CA THR B 369 8.91 -21.45 -22.88
C THR B 369 10.03 -20.91 -23.77
N THR B 370 10.03 -19.60 -24.00
CA THR B 370 11.03 -18.96 -24.83
C THR B 370 12.32 -18.73 -24.04
N HIS B 371 13.33 -18.17 -24.71
CA HIS B 371 14.61 -17.90 -24.09
C HIS B 371 14.64 -16.48 -23.56
N SER B 372 14.67 -16.33 -22.23
CA SER B 372 14.82 -15.04 -21.57
C SER B 372 16.29 -14.78 -21.27
N PHE B 373 16.80 -13.61 -21.66
CA PHE B 373 18.17 -13.22 -21.39
C PHE B 373 18.27 -11.71 -21.45
N ASN B 374 19.35 -11.19 -20.85
CA ASN B 374 19.56 -9.75 -20.80
C ASN B 374 20.31 -9.29 -22.06
N CYS B 375 20.19 -7.99 -22.36
CA CYS B 375 20.78 -7.44 -23.56
C CYS B 375 20.63 -5.92 -23.58
N GLY B 376 21.42 -5.23 -22.75
CA GLY B 376 21.41 -3.77 -22.73
C GLY B 376 20.09 -3.18 -22.28
N GLY B 377 19.54 -3.66 -21.18
CA GLY B 377 18.31 -3.14 -20.62
C GLY B 377 17.05 -3.70 -21.25
N GLU B 378 17.12 -4.12 -22.51
CA GLU B 378 15.97 -4.67 -23.21
C GLU B 378 15.84 -6.16 -22.92
N PHE B 379 14.59 -6.64 -22.83
CA PHE B 379 14.34 -8.03 -22.48
C PHE B 379 13.84 -8.81 -23.68
N PHE B 380 14.56 -9.86 -24.05
CA PHE B 380 14.23 -10.64 -25.24
C PHE B 380 13.60 -11.97 -24.88
N TYR B 381 12.66 -12.41 -25.71
CA TYR B 381 12.02 -13.72 -25.60
C TYR B 381 12.10 -14.42 -26.95
N CYS B 382 12.98 -15.42 -27.09
CA CYS B 382 13.26 -16.05 -28.38
C CYS B 382 12.79 -17.48 -28.48
N ASN B 383 12.27 -17.83 -29.66
CA ASN B 383 11.76 -19.15 -29.96
C ASN B 383 12.89 -20.13 -30.31
N THR B 384 13.36 -20.88 -29.32
CA THR B 384 14.55 -21.71 -29.50
C THR B 384 14.23 -23.03 -30.18
N SER B 385 13.01 -23.15 -30.71
CA SER B 385 12.65 -24.31 -31.52
C SER B 385 13.62 -24.47 -32.68
N GLY B 386 14.14 -23.36 -33.18
CA GLY B 386 15.09 -23.38 -34.28
C GLY B 386 16.42 -24.01 -33.92
N LEU B 387 16.69 -24.13 -32.62
CA LEU B 387 17.90 -24.81 -32.15
C LEU B 387 17.60 -26.24 -31.72
N PHE B 388 16.70 -26.37 -30.76
CA PHE B 388 16.33 -27.66 -30.17
C PHE B 388 15.36 -28.44 -31.04
N ASN B 389 15.82 -28.86 -32.21
CA ASN B 389 15.04 -29.68 -33.12
C ASN B 389 15.91 -30.66 -33.89
N SER B 390 16.22 -31.80 -33.27
CA SER B 390 17.14 -32.75 -33.86
C SER B 390 16.91 -34.13 -33.27
N THR B 391 18.00 -34.84 -33.92
CA THR B 391 17.93 -36.23 -33.48
C THR B 391 19.26 -36.92 -33.75
N TRP B 392 19.52 -37.99 -33.00
CA TRP B 392 20.68 -38.83 -33.27
C TRP B 392 20.33 -40.31 -33.19
N ILE B 393 21.03 -41.11 -34.00
CA ILE B 393 20.63 -42.49 -34.24
C ILE B 393 20.97 -43.37 -33.03
N SER B 394 21.51 -44.55 -33.29
CA SER B 394 21.73 -45.55 -32.25
C SER B 394 23.19 -45.64 -31.85
N ASN B 395 24.10 -45.40 -32.80
CA ASN B 395 25.52 -45.51 -32.48
C ASN B 395 26.38 -44.78 -33.51
N ASN B 407 25.87 -20.72 -45.33
CA ASN B 407 26.68 -20.31 -44.19
C ASN B 407 27.23 -21.47 -43.36
N ASP B 408 26.36 -22.36 -42.89
CA ASP B 408 24.93 -22.08 -42.73
C ASP B 408 24.65 -21.45 -41.37
N SER B 409 23.47 -20.86 -41.23
CA SER B 409 23.13 -20.14 -40.00
C SER B 409 21.65 -20.30 -39.66
N ILE B 410 21.32 -20.05 -38.39
CA ILE B 410 19.94 -20.19 -37.92
C ILE B 410 19.40 -18.85 -37.44
N THR B 411 18.19 -18.52 -37.89
CA THR B 411 17.51 -17.31 -37.43
C THR B 411 16.46 -17.64 -36.37
N LEU B 412 16.59 -17.03 -35.20
CA LEU B 412 15.66 -17.25 -34.10
C LEU B 412 14.76 -16.04 -33.87
N PRO B 413 13.46 -16.19 -34.16
CA PRO B 413 12.47 -15.13 -33.94
C PRO B 413 12.36 -14.73 -32.47
N CYS B 414 12.45 -13.43 -32.19
CA CYS B 414 12.36 -12.96 -30.81
C CYS B 414 11.26 -11.92 -30.61
N ARG B 415 10.84 -11.75 -29.36
CA ARG B 415 9.82 -10.77 -29.01
C ARG B 415 10.37 -9.86 -27.94
N ILE B 416 9.81 -8.66 -27.84
CA ILE B 416 10.23 -7.65 -26.87
C ILE B 416 9.09 -7.42 -25.88
N LYS B 417 9.46 -7.21 -24.63
CA LYS B 417 8.49 -6.95 -23.57
C LYS B 417 9.06 -5.91 -22.61
N GLN B 418 8.22 -4.95 -22.22
CA GLN B 418 8.61 -3.92 -21.27
C GLN B 418 8.29 -4.31 -19.84
N ILE B 419 7.26 -5.11 -19.61
CA ILE B 419 6.87 -5.58 -18.29
C ILE B 419 7.24 -7.05 -18.19
N ILE B 420 8.02 -7.39 -17.16
CA ILE B 420 8.50 -8.75 -16.95
C ILE B 420 8.55 -9.01 -15.45
N ASN B 421 8.69 -10.29 -15.08
CA ASN B 421 8.80 -10.74 -13.69
C ASN B 421 10.12 -11.49 -13.50
N MET B 422 11.01 -10.96 -12.67
CA MET B 422 12.31 -11.58 -12.39
C MET B 422 12.23 -12.53 -11.20
N TRP B 423 12.99 -13.63 -11.25
CA TRP B 423 13.01 -14.69 -10.22
C TRP B 423 11.65 -15.25 -9.88
N GLN B 424 10.69 -14.99 -10.76
CA GLN B 424 9.34 -15.37 -10.52
C GLN B 424 8.63 -14.83 -9.29
N ARG B 425 9.08 -13.67 -8.84
CA ARG B 425 8.53 -13.07 -7.65
C ARG B 425 7.23 -12.37 -8.00
N ILE B 426 6.13 -13.07 -7.79
CA ILE B 426 4.79 -12.50 -7.93
C ILE B 426 4.59 -11.35 -6.93
N GLY B 427 3.55 -10.54 -7.17
CA GLY B 427 3.26 -9.42 -6.29
C GLY B 427 4.00 -8.15 -6.60
N GLN B 428 4.92 -8.17 -7.56
CA GLN B 428 5.68 -6.98 -7.93
C GLN B 428 5.94 -7.00 -9.43
N CYS B 429 6.43 -5.86 -9.93
CA CYS B 429 6.73 -5.72 -11.35
C CYS B 429 7.83 -4.69 -11.52
N MET B 430 8.20 -4.45 -12.77
CA MET B 430 9.26 -3.49 -13.08
C MET B 430 9.14 -3.08 -14.54
N TYR B 431 9.14 -1.78 -14.79
CA TYR B 431 9.02 -1.24 -16.14
C TYR B 431 10.40 -0.78 -16.61
N ALA B 432 10.93 -1.43 -17.62
CA ALA B 432 12.23 -1.05 -18.17
C ALA B 432 12.04 0.07 -19.19
N PRO B 433 12.76 1.18 -19.08
CA PRO B 433 12.59 2.28 -20.03
C PRO B 433 13.16 1.91 -21.39
N PRO B 434 12.48 2.29 -22.48
CA PRO B 434 13.03 2.00 -23.81
C PRO B 434 14.41 2.62 -23.99
N ILE B 435 15.16 2.05 -24.93
CA ILE B 435 16.51 2.50 -25.24
C ILE B 435 16.51 3.07 -26.66
N GLN B 436 17.07 4.27 -26.81
CA GLN B 436 17.14 4.93 -28.10
C GLN B 436 18.29 4.37 -28.92
N GLY B 437 18.09 4.28 -30.23
CA GLY B 437 19.09 3.77 -31.13
C GLY B 437 19.00 2.26 -31.31
N VAL B 438 19.77 1.76 -32.28
CA VAL B 438 19.80 0.34 -32.57
C VAL B 438 20.64 -0.38 -31.53
N ILE B 439 20.18 -1.56 -31.12
CA ILE B 439 20.87 -2.38 -30.13
C ILE B 439 21.38 -3.64 -30.80
N ARG B 440 22.55 -4.11 -30.36
CA ARG B 440 23.15 -5.31 -30.92
C ARG B 440 24.12 -5.94 -29.92
N CYS B 441 23.59 -6.54 -28.86
CA CYS B 441 24.43 -7.21 -27.88
C CYS B 441 25.08 -8.44 -28.49
N VAL B 442 26.02 -9.01 -27.74
CA VAL B 442 26.74 -10.20 -28.17
C VAL B 442 27.08 -11.04 -26.95
N SER B 443 26.88 -12.35 -27.06
CA SER B 443 27.16 -13.27 -25.97
C SER B 443 27.62 -14.60 -26.56
N ASN B 444 27.98 -15.53 -25.68
CA ASN B 444 28.45 -16.86 -26.09
C ASN B 444 27.75 -17.90 -25.24
N ILE B 445 27.06 -18.84 -25.89
CA ILE B 445 26.35 -19.91 -25.19
C ILE B 445 27.40 -20.85 -24.62
N THR B 446 27.54 -20.87 -23.29
CA THR B 446 28.51 -21.70 -22.62
C THR B 446 27.92 -22.98 -22.03
N GLY B 447 26.63 -22.99 -21.73
CA GLY B 447 26.00 -24.17 -21.17
C GLY B 447 24.53 -24.22 -21.52
N LEU B 448 23.88 -25.31 -21.11
CA LEU B 448 22.47 -25.54 -21.38
C LEU B 448 21.78 -25.96 -20.09
N ILE B 449 20.44 -26.03 -20.15
CA ILE B 449 19.63 -26.47 -19.03
C ILE B 449 18.59 -27.45 -19.54
N LEU B 450 18.99 -28.69 -19.76
CA LEU B 450 18.10 -29.72 -20.28
C LEU B 450 17.35 -30.40 -19.14
N THR B 451 16.25 -31.06 -19.49
CA THR B 451 15.39 -31.81 -18.57
C THR B 451 14.98 -33.12 -19.23
N ARG B 452 15.44 -34.24 -18.65
CA ARG B 452 15.10 -35.58 -19.16
C ARG B 452 13.59 -35.84 -19.05
N ASP B 453 12.96 -36.22 -20.15
CA ASP B 453 11.52 -36.56 -20.17
C ASP B 453 11.19 -37.85 -19.42
N THR B 457 7.40 -47.71 -22.35
CA THR B 457 7.93 -47.11 -23.55
C THR B 457 9.16 -46.27 -23.24
N ASN B 458 10.09 -46.82 -22.46
CA ASN B 458 11.33 -46.15 -22.08
C ASN B 458 12.48 -47.17 -22.12
N SER B 459 12.94 -47.50 -23.33
CA SER B 459 14.01 -48.48 -23.49
C SER B 459 14.88 -48.23 -24.71
N THR B 460 14.70 -47.13 -25.43
CA THR B 460 15.51 -46.84 -26.61
C THR B 460 15.52 -45.35 -26.91
N THR B 461 14.34 -44.79 -27.18
CA THR B 461 14.21 -43.37 -27.48
C THR B 461 14.08 -42.57 -26.19
N GLU B 462 14.78 -41.44 -26.13
CA GLU B 462 14.76 -40.57 -24.96
C GLU B 462 14.74 -39.13 -25.44
N THR B 463 13.59 -38.46 -25.33
CA THR B 463 13.45 -37.08 -25.76
C THR B 463 13.91 -36.14 -24.66
N PHE B 464 14.52 -35.03 -25.07
CA PHE B 464 15.02 -34.02 -24.16
C PHE B 464 14.53 -32.64 -24.60
N ARG B 465 14.35 -31.75 -23.64
CA ARG B 465 13.92 -30.38 -23.88
C ARG B 465 14.61 -29.47 -22.88
N PRO B 466 14.74 -28.18 -23.20
CA PRO B 466 15.36 -27.25 -22.25
C PRO B 466 14.46 -26.93 -21.08
N GLY B 467 14.90 -26.09 -20.15
CA GLY B 467 14.16 -25.74 -18.95
C GLY B 467 14.74 -24.49 -18.28
N GLY B 468 14.32 -24.23 -17.06
CA GLY B 468 14.76 -23.04 -16.32
C GLY B 468 13.88 -22.80 -15.10
N GLY B 469 13.38 -21.57 -14.99
CA GLY B 469 12.52 -21.16 -13.88
C GLY B 469 13.31 -20.70 -12.66
N ASP B 470 13.97 -21.63 -11.97
CA ASP B 470 14.85 -21.31 -10.85
C ASP B 470 16.19 -20.73 -11.33
N MET B 471 16.48 -19.47 -10.98
CA MET B 471 17.71 -18.80 -11.41
C MET B 471 18.95 -19.26 -10.64
N ARG B 472 18.78 -20.03 -9.54
CA ARG B 472 19.91 -20.62 -8.80
C ARG B 472 20.75 -21.56 -9.64
N ASP B 473 20.18 -22.11 -10.71
CA ASP B 473 20.89 -22.96 -11.66
C ASP B 473 22.04 -22.24 -12.35
N ASN B 474 21.90 -20.94 -12.63
CA ASN B 474 22.95 -20.16 -13.26
C ASN B 474 24.12 -19.91 -12.31
N TRP B 475 23.84 -19.76 -11.01
CA TRP B 475 24.90 -19.53 -10.05
C TRP B 475 25.59 -20.84 -9.66
N ARG B 476 24.81 -21.89 -9.40
CA ARG B 476 25.39 -23.19 -9.14
C ARG B 476 26.30 -23.61 -10.29
N SER B 477 25.85 -23.35 -11.54
CA SER B 477 26.60 -23.83 -12.70
C SER B 477 28.03 -23.33 -12.66
N GLU B 478 28.30 -22.34 -11.82
CA GLU B 478 29.65 -21.81 -11.68
C GLU B 478 30.28 -22.13 -10.34
N LEU B 479 29.49 -22.08 -9.28
CA LEU B 479 30.00 -22.17 -7.92
C LEU B 479 30.33 -23.60 -7.52
N TYR B 480 30.15 -24.52 -8.46
CA TYR B 480 30.39 -25.93 -8.15
C TYR B 480 31.88 -26.14 -7.95
N LYS B 481 32.69 -25.18 -8.40
CA LYS B 481 34.13 -25.31 -8.34
C LYS B 481 34.63 -24.94 -6.95
N TYR B 482 33.73 -24.42 -6.13
CA TYR B 482 34.09 -23.85 -4.83
C TYR B 482 33.35 -24.50 -3.67
N LYS B 483 33.97 -24.50 -2.50
CA LYS B 483 33.28 -24.85 -1.27
C LYS B 483 33.92 -24.10 -0.09
N VAL B 484 33.14 -23.88 0.97
CA VAL B 484 33.64 -23.16 2.13
C VAL B 484 33.73 -24.04 3.37
N VAL B 485 34.88 -23.97 4.06
CA VAL B 485 35.12 -24.78 5.25
C VAL B 485 35.58 -23.89 6.41
N LYS B 486 35.31 -24.36 7.63
CA LYS B 486 35.71 -23.62 8.82
C LYS B 486 36.95 -24.25 9.46
N ILE B 487 38.03 -23.47 9.54
CA ILE B 487 39.26 -23.95 10.15
C ILE B 487 39.14 -24.03 11.67
N GLU B 488 39.67 -25.12 12.23
CA GLU B 488 39.78 -25.27 13.68
C GLU B 488 41.25 -25.33 14.07
N PRO B 489 41.82 -24.17 14.45
CA PRO B 489 43.22 -24.01 14.84
C PRO B 489 43.66 -24.92 15.99
N LEU B 490 42.74 -25.23 16.91
CA LEU B 490 43.13 -25.91 18.15
C LEU B 490 43.06 -27.42 17.99
N GLY B 491 44.15 -28.09 18.38
CA GLY B 491 44.19 -29.54 18.37
C GLY B 491 45.14 -30.06 19.44
N VAL B 492 45.03 -31.35 19.76
CA VAL B 492 45.92 -31.96 20.73
C VAL B 492 46.41 -33.31 20.21
N ALA B 493 47.51 -33.80 20.78
CA ALA B 493 48.09 -35.06 20.35
C ALA B 493 49.04 -35.61 21.42
N PRO B 494 49.20 -36.93 21.43
CA PRO B 494 50.09 -37.59 22.37
C PRO B 494 51.55 -37.39 22.03
N THR B 495 52.31 -36.88 23.00
CA THR B 495 53.73 -36.68 22.80
C THR B 495 54.51 -37.00 24.07
N ARG B 496 55.68 -37.60 23.87
CA ARG B 496 56.56 -37.98 24.97
C ARG B 496 57.05 -36.65 25.59
N CYS B 497 56.40 -36.15 26.66
CA CYS B 497 56.82 -34.92 27.31
C CYS B 497 56.15 -34.73 28.66
N LYS B 498 56.94 -34.58 29.71
CA LYS B 498 56.44 -34.29 31.04
C LYS B 498 56.81 -32.88 31.47
N ARG B 499 55.91 -31.89 31.45
CA ARG B 499 56.23 -30.42 31.74
C ARG B 499 56.70 -29.88 33.19
N ARG B 500 58.02 -29.61 33.43
CA ARG B 500 58.59 -29.06 34.74
C ARG B 500 58.29 -27.57 35.26
N VAL B 501 58.36 -27.23 36.58
CA VAL B 501 58.10 -25.87 37.03
C VAL B 501 59.36 -25.03 37.02
N ASN C 31 53.16 -6.95 59.83
CA ASN C 31 52.39 -5.87 59.23
C ASN C 31 51.66 -6.36 57.98
N LEU C 32 50.51 -5.75 57.71
CA LEU C 32 49.67 -6.17 56.58
C LEU C 32 49.90 -5.34 55.33
N TRP C 33 49.67 -5.97 54.18
CA TRP C 33 49.99 -5.37 52.89
C TRP C 33 48.75 -5.35 52.00
N VAL C 34 48.79 -4.56 50.94
CA VAL C 34 47.68 -4.52 49.99
C VAL C 34 47.73 -5.71 49.03
N THR C 35 46.72 -6.57 49.12
CA THR C 35 46.61 -7.74 48.26
C THR C 35 45.44 -7.58 47.31
N VAL C 36 45.67 -7.93 46.05
CA VAL C 36 44.67 -7.72 45.00
C VAL C 36 43.88 -8.99 44.71
N TYR C 37 42.57 -8.86 44.65
CA TYR C 37 41.68 -9.99 44.43
C TYR C 37 40.79 -9.74 43.22
N TYR C 38 40.42 -10.81 42.53
CA TYR C 38 39.56 -10.70 41.36
C TYR C 38 38.56 -11.84 41.30
N GLY C 39 37.33 -11.54 40.90
CA GLY C 39 36.24 -12.49 40.97
C GLY C 39 35.47 -12.37 42.27
N VAL C 40 35.51 -11.19 42.87
CA VAL C 40 34.88 -10.98 44.17
C VAL C 40 33.37 -10.90 44.03
N PRO C 41 32.65 -11.70 44.83
CA PRO C 41 31.19 -11.78 44.74
C PRO C 41 30.50 -10.56 45.36
N VAL C 42 30.63 -9.41 44.70
CA VAL C 42 29.95 -8.20 45.15
C VAL C 42 29.31 -7.47 43.97
N TRP C 43 28.38 -6.57 44.28
CA TRP C 43 27.63 -5.90 43.23
C TRP C 43 26.99 -4.60 43.71
N LYS C 44 26.69 -3.72 42.78
CA LYS C 44 25.95 -2.49 43.07
C LYS C 44 24.68 -2.42 42.22
N ASP C 45 23.61 -1.92 42.80
CA ASP C 45 22.37 -1.69 42.06
C ASP C 45 22.60 -0.72 40.90
N ALA C 46 22.29 -1.18 39.70
CA ALA C 46 22.59 -0.42 38.49
C ALA C 46 21.68 -0.84 37.35
N GLU C 47 21.40 0.09 36.45
CA GLU C 47 20.54 -0.18 35.30
C GLU C 47 21.39 -0.43 34.05
N THR C 48 21.02 -1.48 33.30
CA THR C 48 21.74 -1.83 32.08
C THR C 48 20.78 -1.88 30.90
N THR C 49 21.21 -2.48 29.80
CA THR C 49 20.40 -2.63 28.60
C THR C 49 20.07 -4.11 28.44
N LEU C 50 19.11 -4.57 29.23
CA LEU C 50 18.67 -5.96 29.16
C LEU C 50 18.19 -6.29 27.75
N PHE C 51 18.37 -7.54 27.36
CA PHE C 51 17.94 -8.04 26.06
C PHE C 51 16.82 -9.07 26.26
N CYS C 52 16.34 -9.60 25.15
CA CYS C 52 15.12 -10.41 25.14
C CYS C 52 15.43 -11.85 25.58
N ALA C 53 14.52 -12.76 25.22
CA ALA C 53 14.60 -14.19 25.46
C ALA C 53 13.19 -14.73 25.63
N SER C 54 12.68 -15.47 24.64
CA SER C 54 11.28 -15.90 24.61
C SER C 54 11.20 -17.38 24.24
N ASP C 55 11.17 -18.24 25.27
CA ASP C 55 10.96 -19.67 25.09
C ASP C 55 11.83 -20.23 23.97
N ALA C 56 11.44 -21.37 23.42
CA ALA C 56 12.13 -21.98 22.29
C ALA C 56 11.17 -22.60 21.28
N LYS C 57 10.00 -23.04 21.71
CA LYS C 57 9.00 -23.61 20.81
C LYS C 57 8.07 -22.57 20.23
N ALA C 58 8.00 -21.38 20.83
CA ALA C 58 7.10 -20.34 20.32
C ALA C 58 7.40 -20.02 18.86
N TYR C 59 8.66 -20.05 18.45
CA TYR C 59 9.04 -19.78 17.05
C TYR C 59 8.51 -20.83 16.07
N GLU C 60 8.28 -22.08 16.52
CA GLU C 60 7.75 -23.16 15.69
C GLU C 60 6.33 -22.89 15.20
N THR C 61 5.53 -22.13 15.98
CA THR C 61 4.19 -21.73 15.53
C THR C 61 4.25 -20.89 14.28
N GLU C 62 5.32 -20.13 14.15
CA GLU C 62 5.55 -19.21 13.02
C GLU C 62 4.46 -18.12 12.80
N LYS C 63 3.44 -18.52 12.04
CA LYS C 63 2.34 -17.67 11.64
C LYS C 63 2.91 -16.25 11.33
N HIS C 64 3.97 -16.18 10.48
CA HIS C 64 4.57 -14.94 9.90
C HIS C 64 4.69 -13.92 11.02
N ASN C 65 5.41 -14.31 12.07
CA ASN C 65 5.51 -13.57 13.30
C ASN C 65 4.17 -13.48 14.07
N VAL C 66 4.12 -14.13 15.21
CA VAL C 66 3.00 -14.04 16.16
C VAL C 66 3.29 -12.92 17.16
N TRP C 67 2.25 -12.15 17.52
CA TRP C 67 2.36 -11.06 18.49
C TRP C 67 3.45 -10.08 18.05
N ALA C 68 4.69 -10.34 18.45
CA ALA C 68 5.80 -9.47 18.10
C ALA C 68 7.13 -10.05 18.58
N THR C 69 7.31 -11.36 18.40
CA THR C 69 8.53 -12.03 18.80
C THR C 69 8.95 -13.16 17.87
N HIS C 70 10.13 -12.99 17.28
CA HIS C 70 10.75 -13.99 16.42
C HIS C 70 12.23 -13.66 16.52
N ALA C 71 12.53 -12.37 16.43
CA ALA C 71 13.89 -11.88 16.48
C ALA C 71 14.28 -11.86 17.95
N CYS C 72 14.51 -13.04 18.52
CA CYS C 72 14.76 -13.16 19.95
C CYS C 72 15.45 -14.48 20.24
N VAL C 73 16.48 -14.43 21.09
CA VAL C 73 17.29 -15.59 21.37
C VAL C 73 16.50 -16.65 22.12
N PRO C 74 16.54 -17.88 21.60
CA PRO C 74 15.87 -19.00 22.24
C PRO C 74 16.37 -19.19 23.66
N THR C 75 15.50 -19.68 24.54
CA THR C 75 15.88 -19.89 25.93
C THR C 75 16.69 -21.17 26.07
N ASP C 76 17.38 -21.32 27.20
CA ASP C 76 18.10 -22.55 27.50
C ASP C 76 17.10 -23.61 27.90
N PRO C 77 17.38 -24.86 27.57
CA PRO C 77 16.50 -25.97 27.98
C PRO C 77 16.56 -26.24 29.48
N ASN C 78 17.61 -25.74 30.12
CA ASN C 78 17.76 -25.88 31.56
C ASN C 78 18.09 -24.57 32.27
N PRO C 79 17.10 -23.71 32.42
CA PRO C 79 17.31 -22.45 33.14
C PRO C 79 17.87 -22.74 34.55
N GLN C 80 18.99 -22.12 34.91
CA GLN C 80 19.67 -22.40 36.19
C GLN C 80 19.31 -21.40 37.30
N GLU C 81 19.48 -21.79 38.56
CA GLU C 81 19.24 -20.86 39.64
C GLU C 81 20.09 -21.27 40.84
N ILE C 82 20.07 -20.46 41.89
CA ILE C 82 20.78 -20.84 43.11
C ILE C 82 20.46 -19.89 44.25
N HIS C 83 19.89 -20.95 45.10
CA HIS C 83 19.57 -20.17 46.28
C HIS C 83 20.84 -19.69 46.97
N LEU C 84 20.83 -18.44 47.42
CA LEU C 84 21.99 -17.84 48.04
C LEU C 84 21.82 -17.77 49.56
N GLU C 85 22.21 -18.60 50.54
CA GLU C 85 22.15 -18.65 51.99
C GLU C 85 23.02 -17.56 52.62
N ASN C 86 22.48 -16.88 53.63
CA ASN C 86 23.14 -15.77 54.30
C ASN C 86 23.16 -14.46 53.50
N VAL C 87 22.65 -14.51 52.28
CA VAL C 87 22.56 -13.30 51.46
C VAL C 87 21.18 -12.66 51.53
N THR C 88 21.17 -11.41 52.01
CA THR C 88 19.96 -10.62 52.21
C THR C 88 20.23 -9.21 51.65
N GLU C 89 19.20 -8.53 51.12
CA GLU C 89 19.31 -7.11 50.76
C GLU C 89 17.94 -6.52 50.34
N GLU C 90 17.93 -5.22 50.08
CA GLU C 90 16.73 -4.48 49.73
C GLU C 90 16.14 -4.69 48.34
N PHE C 91 14.82 -4.70 48.29
CA PHE C 91 14.08 -4.84 47.04
C PHE C 91 13.15 -3.64 46.96
N ASN C 92 13.19 -2.92 45.85
CA ASN C 92 12.32 -1.75 45.69
C ASN C 92 11.63 -1.78 44.33
N MET C 93 10.41 -2.29 44.31
CA MET C 93 9.66 -2.44 43.07
C MET C 93 9.21 -1.11 42.49
N TRP C 94 9.28 -0.06 43.29
CA TRP C 94 8.74 1.23 42.90
C TRP C 94 9.77 2.09 42.20
N LYS C 95 11.01 1.62 42.18
CA LYS C 95 12.09 2.30 41.47
C LYS C 95 12.79 1.33 40.53
N ASN C 96 12.13 0.21 40.25
CA ASN C 96 12.69 -0.84 39.41
C ASN C 96 12.57 -0.46 37.93
N ASN C 97 13.67 -0.01 37.35
CA ASN C 97 13.66 0.49 35.97
C ASN C 97 13.50 -0.60 34.92
N MET C 98 13.49 -1.85 35.34
CA MET C 98 13.15 -2.95 34.43
C MET C 98 11.77 -2.74 33.81
N VAL C 99 10.86 -2.19 34.61
CA VAL C 99 9.50 -1.91 34.16
C VAL C 99 9.50 -0.90 33.02
N GLU C 100 10.26 0.17 33.19
CA GLU C 100 10.30 1.26 32.21
C GLU C 100 10.78 0.78 30.85
N GLN C 101 11.85 -0.01 30.84
CA GLN C 101 12.38 -0.57 29.60
C GLN C 101 11.34 -1.46 28.93
N MET C 102 10.83 -2.44 29.69
CA MET C 102 9.84 -3.36 29.15
C MET C 102 8.69 -2.60 28.51
N HIS C 103 8.20 -1.57 29.19
CA HIS C 103 7.08 -0.78 28.72
C HIS C 103 7.35 -0.21 27.32
N THR C 104 8.46 0.50 27.19
CA THR C 104 8.78 1.21 25.95
C THR C 104 9.16 0.22 24.85
N ASP C 105 9.73 -0.92 25.24
CA ASP C 105 10.08 -1.96 24.28
C ASP C 105 8.83 -2.56 23.65
N ILE C 106 7.82 -2.85 24.47
CA ILE C 106 6.55 -3.35 23.97
C ILE C 106 5.91 -2.35 23.02
N ILE C 107 5.94 -1.08 23.38
CA ILE C 107 5.41 -0.02 22.52
C ILE C 107 6.12 -0.04 21.17
N SER C 108 7.45 -0.11 21.20
CA SER C 108 8.24 -0.09 19.97
C SER C 108 7.84 -1.26 19.07
N LEU C 109 7.70 -2.43 19.66
CA LEU C 109 7.29 -3.64 18.96
C LEU C 109 5.96 -3.40 18.24
N TRP C 110 5.01 -2.84 18.98
CA TRP C 110 3.68 -2.54 18.47
C TRP C 110 3.74 -1.76 17.17
N ASP C 111 4.42 -0.62 17.20
CA ASP C 111 4.57 0.24 16.03
C ASP C 111 5.21 -0.49 14.85
N GLN C 112 6.28 -1.24 15.13
CA GLN C 112 7.02 -1.92 14.07
C GLN C 112 6.16 -2.96 13.36
N SER C 113 5.21 -3.53 14.09
CA SER C 113 4.32 -4.54 13.54
C SER C 113 3.21 -3.94 12.68
N LEU C 114 3.08 -2.61 12.73
CA LEU C 114 2.00 -1.94 12.00
C LEU C 114 2.50 -1.22 10.76
N LYS C 115 3.77 -0.79 10.78
CA LYS C 115 4.28 0.01 9.68
C LYS C 115 4.14 -0.70 8.35
N PRO C 116 4.37 -2.06 8.36
CA PRO C 116 4.36 -2.69 7.04
C PRO C 116 2.96 -3.08 6.63
N CYS C 117 1.96 -2.65 7.40
CA CYS C 117 0.58 -2.99 7.10
C CYS C 117 -0.16 -1.86 6.40
N VAL C 118 -1.37 -2.16 5.93
CA VAL C 118 -2.15 -1.23 5.13
C VAL C 118 -2.76 -0.08 5.92
N LYS C 119 -2.52 1.12 5.40
CA LYS C 119 -3.03 2.33 6.00
C LYS C 119 -4.45 2.53 5.49
N LEU C 120 -5.33 3.05 6.33
CA LEU C 120 -6.72 3.24 5.96
C LEU C 120 -7.07 4.70 5.77
N THR C 121 -6.12 5.49 5.28
CA THR C 121 -6.32 6.93 5.01
C THR C 121 -7.58 7.23 4.19
N PRO C 122 -7.89 6.51 3.09
CA PRO C 122 -9.01 6.90 2.25
C PRO C 122 -10.39 6.52 2.81
N LEU C 123 -10.46 5.90 4.01
CA LEU C 123 -11.73 5.61 4.69
C LEU C 123 -12.38 6.86 5.29
N CYS C 124 -11.60 7.91 5.50
CA CYS C 124 -12.04 9.19 6.05
C CYS C 124 -13.00 9.92 5.09
N VAL C 125 -14.26 9.49 5.02
CA VAL C 125 -15.30 10.03 4.13
C VAL C 125 -16.63 10.18 4.88
N THR C 126 -17.54 10.97 4.33
CA THR C 126 -18.89 11.08 4.85
C THR C 126 -19.65 9.76 4.71
N LEU C 127 -20.17 9.26 5.83
CA LEU C 127 -20.90 8.00 5.82
C LEU C 127 -22.41 8.21 5.85
N GLN C 128 -23.14 7.47 5.03
CA GLN C 128 -24.59 7.53 5.01
C GLN C 128 -25.14 6.30 5.72
N CYS C 129 -25.69 6.50 6.92
CA CYS C 129 -25.99 5.40 7.82
C CYS C 129 -27.45 5.37 8.28
N THR C 130 -27.90 4.18 8.67
CA THR C 130 -29.29 3.94 9.04
C THR C 130 -29.35 2.88 10.13
N ASN C 131 -30.43 2.86 10.89
CA ASN C 131 -30.60 1.85 11.95
C ASN C 131 -30.69 0.44 11.37
N VAL C 132 -30.29 -0.54 12.17
CA VAL C 132 -30.35 -1.92 11.72
C VAL C 132 -31.50 -2.56 12.48
N THR C 133 -32.52 -3.01 11.76
CA THR C 133 -33.68 -3.62 12.40
C THR C 133 -33.48 -5.00 13.01
N ASN C 134 -32.84 -5.04 14.17
CA ASN C 134 -32.70 -6.26 14.93
C ASN C 134 -34.08 -6.71 15.38
N ASN C 135 -34.15 -8.01 15.63
CA ASN C 135 -35.34 -8.71 16.01
C ASN C 135 -36.24 -7.82 16.81
N ILE C 136 -37.42 -7.52 16.28
CA ILE C 136 -38.30 -6.56 16.95
C ILE C 136 -38.68 -7.08 18.33
N THR C 137 -38.91 -6.18 19.29
CA THR C 137 -38.78 -4.74 19.10
C THR C 137 -37.33 -4.24 19.15
N ASP C 138 -36.73 -4.19 20.34
CA ASP C 138 -35.33 -3.76 20.42
C ASP C 138 -34.59 -3.91 21.76
N ASP C 139 -33.91 -5.05 21.88
CA ASP C 139 -33.16 -5.47 23.05
C ASP C 139 -31.68 -5.18 22.79
N MET C 140 -31.29 -5.30 21.52
CA MET C 140 -29.88 -5.10 21.15
C MET C 140 -29.52 -3.63 21.06
N ARG C 141 -30.54 -2.78 20.94
CA ARG C 141 -30.33 -1.35 20.79
C ARG C 141 -29.54 -1.00 19.54
N GLY C 142 -29.60 -1.86 18.53
CA GLY C 142 -28.83 -1.63 17.32
C GLY C 142 -27.34 -1.76 17.51
N GLU C 143 -26.74 -0.66 17.97
CA GLU C 143 -25.31 -0.59 18.24
C GLU C 143 -24.45 -0.58 16.99
N LEU C 144 -25.00 -1.02 15.86
CA LEU C 144 -24.29 -0.99 14.59
C LEU C 144 -25.22 -0.41 13.52
N LYS C 145 -24.63 0.30 12.57
CA LYS C 145 -25.37 0.94 11.49
C LYS C 145 -24.81 0.46 10.15
N ASN C 146 -25.72 0.07 9.26
CA ASN C 146 -25.33 -0.40 7.92
C ASN C 146 -25.22 0.82 7.02
N CYS C 147 -24.01 1.35 6.90
CA CYS C 147 -23.77 2.54 6.12
C CYS C 147 -23.46 2.17 4.67
N SER C 148 -23.31 3.20 3.84
CA SER C 148 -23.01 3.02 2.43
C SER C 148 -22.42 4.32 1.88
N PHE C 149 -21.56 4.18 0.88
CA PHE C 149 -20.91 5.33 0.26
C PHE C 149 -20.15 4.86 -0.97
N ASN C 150 -19.89 5.79 -1.87
CA ASN C 150 -19.17 5.50 -3.12
C ASN C 150 -17.68 5.43 -2.80
N MET C 151 -17.16 4.22 -2.67
CA MET C 151 -15.75 4.00 -2.37
C MET C 151 -14.97 3.75 -3.66
N THR C 152 -13.73 4.21 -3.68
CA THR C 152 -12.86 4.05 -4.83
C THR C 152 -12.14 2.72 -4.75
N THR C 153 -12.35 1.86 -5.74
CA THR C 153 -11.71 0.56 -5.80
C THR C 153 -10.33 0.71 -6.44
N GLU C 154 -9.78 -0.39 -6.98
CA GLU C 154 -8.48 -0.32 -7.63
C GLU C 154 -8.52 0.59 -8.85
N LEU C 155 -9.60 0.51 -9.63
CA LEU C 155 -9.74 1.35 -10.82
C LEU C 155 -9.77 2.81 -10.43
N ARG C 156 -8.60 3.44 -10.32
CA ARG C 156 -8.49 4.84 -9.94
C ARG C 156 -9.11 5.74 -11.01
N ASP C 157 -10.43 5.77 -11.09
CA ASP C 157 -11.12 6.58 -12.07
C ASP C 157 -12.62 6.63 -11.77
N LYS C 158 -13.24 5.46 -11.62
CA LYS C 158 -14.66 5.35 -11.33
C LYS C 158 -14.84 4.74 -9.94
N LYS C 159 -15.71 5.37 -9.14
CA LYS C 159 -15.97 4.90 -7.80
C LYS C 159 -16.97 3.74 -7.82
N GLN C 160 -17.27 3.19 -6.65
CA GLN C 160 -18.21 2.09 -6.52
C GLN C 160 -18.94 2.21 -5.19
N LYS C 161 -20.24 1.97 -5.22
CA LYS C 161 -21.07 2.05 -4.02
C LYS C 161 -21.02 0.72 -3.29
N VAL C 162 -20.61 0.75 -2.02
CA VAL C 162 -20.51 -0.42 -1.19
C VAL C 162 -21.20 -0.13 0.14
N TYR C 163 -21.13 -1.10 1.06
CA TYR C 163 -21.73 -0.97 2.37
C TYR C 163 -20.90 -1.76 3.38
N SER C 164 -21.12 -1.45 4.65
CA SER C 164 -20.38 -2.11 5.73
C SER C 164 -21.03 -1.71 7.05
N LEU C 165 -20.76 -2.53 8.08
CA LEU C 165 -21.28 -2.31 9.41
C LEU C 165 -20.20 -1.69 10.29
N PHE C 166 -20.61 -0.77 11.16
CA PHE C 166 -19.69 -0.11 12.07
C PHE C 166 -20.39 0.16 13.39
N TYR C 167 -19.68 -0.08 14.50
CA TYR C 167 -20.25 0.18 15.82
C TYR C 167 -20.41 1.67 16.05
N ARG C 168 -21.44 2.03 16.81
CA ARG C 168 -21.70 3.45 17.05
C ARG C 168 -20.67 4.04 18.02
N LEU C 169 -19.81 3.18 18.56
CA LEU C 169 -18.68 3.62 19.35
C LEU C 169 -17.52 4.08 18.47
N ASP C 170 -17.55 3.65 17.20
CA ASP C 170 -16.49 4.01 16.25
C ASP C 170 -16.84 5.25 15.45
N VAL C 171 -18.13 5.44 15.17
CA VAL C 171 -18.57 6.54 14.32
C VAL C 171 -19.32 7.61 15.10
N VAL C 172 -19.38 8.81 14.52
CA VAL C 172 -20.08 9.92 15.14
C VAL C 172 -20.81 10.77 14.10
N GLN C 173 -21.98 11.28 14.46
CA GLN C 173 -22.78 12.08 13.54
C GLN C 173 -22.06 13.36 13.15
N ILE C 174 -22.10 13.70 11.87
CA ILE C 174 -21.55 14.98 11.40
C ILE C 174 -22.63 16.05 11.52
N ASN C 175 -22.32 17.14 12.21
CA ASN C 175 -23.22 18.27 12.32
C ASN C 175 -24.40 17.99 13.23
N ASN C 186 -31.58 8.98 5.92
CA ASN C 186 -30.36 8.66 6.62
C ASN C 186 -29.66 9.91 7.12
N LYS C 187 -28.59 9.71 7.88
CA LYS C 187 -27.81 10.82 8.41
C LYS C 187 -26.34 10.62 8.09
N GLU C 188 -25.57 11.70 8.25
CA GLU C 188 -24.15 11.69 7.96
C GLU C 188 -23.33 11.34 9.20
N TYR C 189 -22.35 10.48 9.04
CA TYR C 189 -21.50 10.05 10.15
C TYR C 189 -20.01 10.10 9.79
N ARG C 190 -19.16 9.99 10.80
CA ARG C 190 -17.73 10.09 10.57
C ARG C 190 -16.95 9.11 11.45
N LEU C 191 -15.87 8.56 10.91
CA LEU C 191 -14.98 7.70 11.68
C LEU C 191 -14.31 8.55 12.74
N ILE C 192 -14.44 8.16 14.01
CA ILE C 192 -14.05 9.06 15.09
C ILE C 192 -12.58 9.46 15.03
N ASN C 193 -11.73 8.57 14.52
CA ASN C 193 -10.29 8.81 14.51
C ASN C 193 -9.87 9.99 13.63
N CYS C 194 -10.70 10.31 12.63
CA CYS C 194 -10.30 11.26 11.59
C CYS C 194 -10.17 12.69 12.09
N ASN C 195 -10.67 12.95 13.29
CA ASN C 195 -10.53 14.26 13.88
C ASN C 195 -9.27 14.38 14.72
N THR C 196 -8.60 13.26 14.94
CA THR C 196 -7.40 13.23 15.76
C THR C 196 -6.12 12.83 15.02
N SER C 197 -6.23 11.82 14.15
CA SER C 197 -5.09 11.32 13.40
C SER C 197 -5.48 10.29 12.35
N ALA C 198 -4.48 9.80 11.62
CA ALA C 198 -4.69 8.79 10.60
C ALA C 198 -4.61 7.40 11.23
N CYS C 199 -5.61 6.58 10.96
CA CYS C 199 -5.71 5.24 11.54
C CYS C 199 -5.02 4.25 10.61
N THR C 200 -4.11 3.45 11.17
CA THR C 200 -3.39 2.44 10.43
C THR C 200 -3.84 1.05 10.85
N GLN C 201 -4.18 0.23 9.87
CA GLN C 201 -4.70 -1.11 10.13
C GLN C 201 -3.56 -2.11 10.24
N ALA C 202 -3.75 -3.11 11.10
CA ALA C 202 -2.80 -4.20 11.23
C ALA C 202 -3.05 -5.24 10.14
N CYS C 203 -1.97 -5.87 9.67
CA CYS C 203 -2.08 -6.87 8.62
C CYS C 203 -3.04 -7.97 9.05
N PRO C 204 -3.68 -8.69 8.11
CA PRO C 204 -4.66 -9.72 8.47
C PRO C 204 -4.01 -11.01 9.04
N LYS C 205 -2.69 -11.14 8.91
CA LYS C 205 -1.94 -12.34 9.32
C LYS C 205 -1.40 -12.26 10.76
N VAL C 206 -0.84 -11.11 11.12
CA VAL C 206 -0.34 -10.87 12.48
C VAL C 206 -1.49 -11.02 13.49
N SER C 207 -1.25 -11.79 14.53
CA SER C 207 -2.20 -11.98 15.64
C SER C 207 -1.85 -11.09 16.83
N PHE C 208 -2.57 -11.24 17.93
CA PHE C 208 -2.38 -10.50 19.17
C PHE C 208 -2.49 -11.42 20.37
N GLU C 209 -1.92 -12.62 20.26
CA GLU C 209 -1.95 -13.59 21.34
C GLU C 209 -0.72 -13.40 22.23
N PRO C 210 -0.88 -13.02 23.50
CA PRO C 210 0.30 -12.87 24.36
C PRO C 210 1.09 -14.17 24.47
N ILE C 211 2.40 -14.02 24.56
CA ILE C 211 3.30 -15.17 24.67
C ILE C 211 4.31 -14.87 25.79
N PRO C 212 4.70 -15.86 26.60
CA PRO C 212 5.68 -15.58 27.65
C PRO C 212 7.00 -15.09 27.07
N ILE C 213 7.64 -14.17 27.80
CA ILE C 213 8.90 -13.58 27.38
C ILE C 213 9.85 -13.57 28.57
N HIS C 214 11.08 -14.03 28.36
CA HIS C 214 12.10 -14.04 29.40
C HIS C 214 13.09 -12.89 29.18
N TYR C 215 13.53 -12.28 30.28
CA TYR C 215 14.50 -11.19 30.19
C TYR C 215 15.85 -11.64 30.75
N CYS C 216 16.92 -11.28 30.04
CA CYS C 216 18.27 -11.62 30.50
C CYS C 216 19.18 -10.40 30.57
N ALA C 217 20.10 -10.42 31.52
CA ALA C 217 21.12 -9.38 31.64
C ALA C 217 22.42 -9.83 30.98
N PRO C 218 23.17 -8.88 30.41
CA PRO C 218 24.49 -9.16 29.84
C PRO C 218 25.54 -9.49 30.89
N ALA C 219 26.62 -10.16 30.47
CA ALA C 219 27.67 -10.58 31.39
C ALA C 219 28.18 -9.43 32.24
N GLY C 220 28.34 -9.69 33.53
CA GLY C 220 28.74 -8.64 34.47
C GLY C 220 27.56 -8.15 35.27
N PHE C 221 26.37 -8.48 34.80
CA PHE C 221 25.14 -8.14 35.51
C PHE C 221 24.39 -9.41 35.91
N ALA C 222 23.72 -9.35 37.06
CA ALA C 222 23.07 -10.51 37.64
C ALA C 222 21.59 -10.26 37.79
N ILE C 223 20.77 -11.28 37.55
CA ILE C 223 19.35 -11.22 37.85
C ILE C 223 19.08 -11.81 39.23
N LEU C 224 18.72 -10.95 40.17
CA LEU C 224 18.47 -11.38 41.53
C LEU C 224 16.99 -11.66 41.74
N LYS C 225 16.67 -12.73 42.46
CA LYS C 225 15.27 -13.03 42.70
C LYS C 225 14.96 -13.55 44.09
N CYS C 226 14.18 -12.77 44.83
CA CYS C 226 13.84 -13.17 46.19
C CYS C 226 12.80 -14.29 46.07
N LYS C 227 12.83 -15.20 47.02
CA LYS C 227 11.86 -16.28 47.04
C LYS C 227 10.97 -16.11 48.26
N ASP C 228 11.15 -14.99 48.95
CA ASP C 228 10.37 -14.73 50.15
C ASP C 228 8.89 -14.58 49.77
N LYS C 229 8.05 -15.45 50.32
CA LYS C 229 6.62 -15.39 50.04
C LYS C 229 6.00 -14.11 50.58
N LYS C 230 6.67 -13.50 51.55
CA LYS C 230 6.23 -12.20 52.08
C LYS C 230 7.02 -11.07 51.43
N PHE C 231 6.32 -9.96 51.20
CA PHE C 231 6.95 -8.79 50.60
C PHE C 231 6.02 -7.59 50.66
N ASN C 232 6.53 -6.48 51.18
CA ASN C 232 5.70 -5.30 51.39
C ASN C 232 5.72 -4.40 50.15
N GLY C 233 6.55 -4.78 49.19
CA GLY C 233 6.83 -3.94 48.03
C GLY C 233 8.24 -3.40 48.08
N THR C 234 8.85 -3.41 49.26
CA THR C 234 10.23 -2.95 49.41
C THR C 234 10.80 -3.29 50.79
N GLY C 235 12.11 -3.50 50.83
CA GLY C 235 12.79 -3.86 52.06
C GLY C 235 13.63 -5.11 51.94
N PRO C 236 14.27 -5.53 53.03
CA PRO C 236 15.19 -6.66 53.05
C PRO C 236 14.48 -8.00 52.87
N CYS C 237 15.06 -8.92 52.11
CA CYS C 237 14.52 -10.26 51.96
C CYS C 237 15.44 -11.30 52.56
N PRO C 238 14.98 -11.97 53.63
CA PRO C 238 15.74 -13.05 54.29
C PRO C 238 16.17 -14.16 53.33
N SER C 239 15.34 -14.44 52.33
CA SER C 239 15.61 -15.53 51.40
C SER C 239 15.79 -15.02 49.97
N VAL C 240 17.04 -14.78 49.58
CA VAL C 240 17.34 -14.32 48.23
C VAL C 240 18.04 -15.39 47.41
N SER C 241 17.59 -15.57 46.16
CA SER C 241 18.28 -16.43 45.22
C SER C 241 18.72 -15.63 44.00
N THR C 242 19.27 -16.31 43.00
CA THR C 242 19.57 -15.66 41.72
C THR C 242 19.38 -16.62 40.54
N VAL C 243 19.08 -16.05 39.38
CA VAL C 243 18.73 -16.83 38.20
C VAL C 243 19.52 -16.34 37.00
N GLN C 244 19.54 -17.14 35.94
CA GLN C 244 20.16 -16.71 34.69
C GLN C 244 19.21 -15.65 34.18
N CYS C 245 17.96 -16.04 33.91
CA CYS C 245 16.97 -15.14 33.33
C CYS C 245 15.65 -15.22 34.08
N THR C 246 14.72 -14.34 33.73
CA THR C 246 13.43 -14.29 34.41
C THR C 246 12.52 -15.40 33.90
N HIS C 247 11.44 -15.66 34.61
CA HIS C 247 10.41 -16.58 34.13
C HIS C 247 9.59 -15.94 33.01
N GLY C 248 8.93 -16.78 32.21
CA GLY C 248 8.13 -16.29 31.11
C GLY C 248 7.01 -15.38 31.56
N ILE C 249 7.06 -14.13 31.14
CA ILE C 249 5.98 -13.19 31.43
C ILE C 249 5.23 -12.80 30.17
N LYS C 250 3.92 -13.02 30.17
CA LYS C 250 3.07 -12.66 29.05
C LYS C 250 2.72 -11.17 29.10
N PRO C 251 2.90 -10.48 27.96
CA PRO C 251 2.61 -9.04 27.87
C PRO C 251 1.12 -8.75 27.75
N VAL C 252 0.35 -9.11 28.77
CA VAL C 252 -1.09 -8.96 28.73
C VAL C 252 -1.51 -7.52 29.04
N VAL C 253 -2.17 -6.88 28.08
CA VAL C 253 -2.65 -5.52 28.27
C VAL C 253 -4.10 -5.53 28.76
N SER C 254 -4.32 -4.93 29.93
CA SER C 254 -5.67 -4.84 30.49
C SER C 254 -5.76 -3.75 31.55
N THR C 255 -6.97 -3.24 31.77
CA THR C 255 -7.21 -2.25 32.80
C THR C 255 -8.07 -2.83 33.93
N GLN C 256 -7.96 -2.24 35.11
CA GLN C 256 -8.79 -2.67 36.24
C GLN C 256 -8.47 -4.06 36.76
N LEU C 257 -8.75 -5.06 35.93
CA LEU C 257 -8.46 -6.46 36.25
C LEU C 257 -7.16 -6.94 35.60
N LEU C 258 -6.40 -7.74 36.34
CA LEU C 258 -5.19 -8.35 35.80
C LEU C 258 -5.48 -9.78 35.35
N LEU C 259 -4.99 -10.13 34.17
CA LEU C 259 -5.31 -11.44 33.58
C LEU C 259 -4.08 -12.29 33.29
N ASN C 260 -4.21 -13.59 33.53
CA ASN C 260 -3.18 -14.58 33.23
C ASN C 260 -1.80 -14.23 33.80
N GLY C 261 -1.78 -13.68 35.00
CA GLY C 261 -0.53 -13.40 35.69
C GLY C 261 -0.08 -14.53 36.58
N SER C 262 0.84 -14.23 37.50
CA SER C 262 1.33 -15.21 38.46
C SER C 262 0.51 -15.17 39.75
N LEU C 263 0.58 -16.25 40.51
CA LEU C 263 -0.17 -16.36 41.75
C LEU C 263 0.70 -16.05 42.96
N ALA C 264 0.07 -15.55 44.02
CA ALA C 264 0.77 -15.32 45.28
C ALA C 264 0.66 -16.51 46.21
N GLU C 265 1.66 -16.68 47.06
CA GLU C 265 1.63 -17.72 48.08
C GLU C 265 1.15 -17.15 49.42
N GLU C 266 0.88 -18.04 50.37
CA GLU C 266 0.36 -17.66 51.68
C GLU C 266 -1.00 -16.98 51.59
N GLU C 267 -1.01 -15.67 51.83
CA GLU C 267 -2.26 -14.91 51.84
C GLU C 267 -2.31 -13.94 50.68
N VAL C 268 -3.42 -13.19 50.58
CA VAL C 268 -3.55 -12.22 49.50
C VAL C 268 -2.53 -11.09 49.70
N MET C 269 -1.88 -10.66 48.64
CA MET C 269 -0.86 -9.63 48.81
C MET C 269 -1.32 -8.21 48.50
N ILE C 270 -1.06 -7.31 49.44
CA ILE C 270 -1.37 -5.89 49.27
C ILE C 270 -0.09 -5.10 49.12
N ARG C 271 0.11 -4.48 47.96
CA ARG C 271 1.31 -3.68 47.75
C ARG C 271 0.95 -2.28 47.26
N SER C 272 1.55 -1.27 47.86
CA SER C 272 1.32 0.13 47.46
C SER C 272 2.52 1.00 47.78
N GLU C 273 2.78 2.00 46.93
CA GLU C 273 3.89 2.91 47.18
C GLU C 273 3.70 3.64 48.50
N ASN C 274 2.44 3.88 48.84
CA ASN C 274 2.09 4.58 50.07
C ASN C 274 0.62 4.34 50.41
N ILE C 275 0.38 3.36 51.27
CA ILE C 275 -0.98 2.94 51.60
C ILE C 275 -1.83 4.11 52.09
N THR C 276 -1.21 4.97 52.89
CA THR C 276 -1.94 6.06 53.56
C THR C 276 -2.26 7.19 52.58
N ASN C 277 -1.54 7.22 51.46
CA ASN C 277 -1.72 8.26 50.47
C ASN C 277 -2.70 7.84 49.39
N ASN C 278 -3.88 8.44 49.38
CA ASN C 278 -4.94 8.04 48.46
C ASN C 278 -4.79 8.68 47.08
N ALA C 279 -3.65 9.35 46.89
CA ALA C 279 -3.23 9.82 45.58
C ALA C 279 -2.49 8.69 44.87
N LYS C 280 -2.16 7.65 45.62
CA LYS C 280 -1.51 6.47 45.05
C LYS C 280 -2.56 5.40 44.75
N ASN C 281 -2.11 4.18 44.50
CA ASN C 281 -3.04 3.08 44.26
C ASN C 281 -2.58 1.78 44.91
N ILE C 282 -3.37 0.74 44.76
CA ILE C 282 -3.10 -0.51 45.46
C ILE C 282 -3.05 -1.68 44.49
N LEU C 283 -1.99 -2.49 44.60
CA LEU C 283 -1.90 -3.73 43.83
C LEU C 283 -2.32 -4.93 44.68
N VAL C 284 -3.30 -5.67 44.19
CA VAL C 284 -3.78 -6.86 44.88
C VAL C 284 -3.46 -8.11 44.05
N GLN C 285 -2.71 -9.03 44.64
CA GLN C 285 -2.38 -10.28 43.96
C GLN C 285 -3.12 -11.45 44.60
N PHE C 286 -3.81 -12.23 43.78
CA PHE C 286 -4.61 -13.34 44.28
C PHE C 286 -3.79 -14.58 44.61
N ASN C 287 -4.43 -15.50 45.32
CA ASN C 287 -3.85 -16.78 45.67
C ASN C 287 -4.38 -17.89 44.76
N THR C 288 -5.63 -17.72 44.31
CA THR C 288 -6.29 -18.73 43.50
C THR C 288 -6.86 -18.09 42.25
N PRO C 289 -6.61 -18.71 41.09
CA PRO C 289 -7.16 -18.19 39.84
C PRO C 289 -8.68 -18.04 39.88
N VAL C 290 -9.16 -16.86 39.52
CA VAL C 290 -10.60 -16.64 39.41
C VAL C 290 -11.02 -16.69 37.94
N GLN C 291 -11.71 -17.76 37.57
CA GLN C 291 -12.10 -17.98 36.18
C GLN C 291 -13.06 -16.88 35.69
N ILE C 292 -12.79 -16.38 34.49
CA ILE C 292 -13.76 -15.53 33.80
C ILE C 292 -13.91 -15.96 32.34
N ASN C 293 -15.15 -16.12 31.89
CA ASN C 293 -15.44 -16.66 30.58
C ASN C 293 -16.27 -15.71 29.73
N CYS C 294 -15.66 -15.13 28.71
CA CYS C 294 -16.30 -14.07 27.95
C CYS C 294 -16.62 -14.51 26.53
N THR C 295 -17.75 -14.05 26.00
CA THR C 295 -18.28 -14.57 24.74
C THR C 295 -18.83 -13.49 23.82
N ARG C 296 -18.65 -13.71 22.52
CA ARG C 296 -19.23 -12.84 21.51
C ARG C 296 -19.98 -13.71 20.50
N PRO C 297 -21.28 -13.94 20.76
CA PRO C 297 -22.08 -14.89 19.99
C PRO C 297 -22.57 -14.34 18.66
N ASN C 298 -21.64 -14.05 17.75
CA ASN C 298 -21.97 -13.48 16.46
C ASN C 298 -21.18 -14.14 15.33
N ASN C 299 -21.80 -15.08 14.63
CA ASN C 299 -21.16 -15.74 13.50
C ASN C 299 -21.18 -14.83 12.28
N ASN C 300 -20.43 -13.73 12.36
CA ASN C 300 -20.42 -12.72 11.30
C ASN C 300 -19.36 -12.96 10.24
N THR C 301 -19.59 -12.39 9.06
CA THR C 301 -18.74 -12.62 7.90
C THR C 301 -17.83 -11.41 7.65
N ARG C 302 -16.90 -11.55 6.72
CA ARG C 302 -15.97 -10.47 6.42
C ARG C 302 -16.00 -10.08 4.95
N LYS C 303 -16.93 -9.21 4.59
CA LYS C 303 -17.01 -8.71 3.22
C LYS C 303 -15.82 -7.82 2.93
N SER C 304 -14.68 -8.43 2.67
CA SER C 304 -13.47 -7.68 2.32
C SER C 304 -13.67 -6.90 1.03
N ILE C 305 -13.22 -5.65 1.03
CA ILE C 305 -13.40 -4.78 -0.13
C ILE C 305 -12.05 -4.36 -0.67
N ARG C 306 -11.83 -4.55 -1.96
CA ARG C 306 -10.55 -4.24 -2.57
C ARG C 306 -10.32 -2.75 -2.80
N ILE C 307 -10.11 -2.00 -1.72
CA ILE C 307 -9.84 -0.58 -1.84
C ILE C 307 -8.36 -0.36 -2.15
N GLY C 308 -7.95 -0.72 -3.37
CA GLY C 308 -6.57 -0.60 -3.81
C GLY C 308 -6.02 0.81 -3.92
N PRO C 309 -5.09 1.01 -4.85
CA PRO C 309 -4.64 -0.07 -5.73
C PRO C 309 -3.85 -1.12 -4.95
N GLY C 310 -4.21 -2.39 -5.10
CA GLY C 310 -3.40 -3.46 -4.55
C GLY C 310 -3.77 -3.85 -3.14
N GLN C 311 -3.67 -2.89 -2.22
CA GLN C 311 -3.95 -3.17 -0.82
C GLN C 311 -5.43 -3.45 -0.57
N ALA C 312 -5.71 -4.35 0.35
CA ALA C 312 -7.08 -4.77 0.62
C ALA C 312 -7.59 -4.39 2.00
N PHE C 313 -8.88 -4.10 2.11
CA PHE C 313 -9.47 -3.71 3.38
C PHE C 313 -10.48 -4.76 3.79
N TYR C 314 -10.49 -5.08 5.07
CA TYR C 314 -11.47 -6.04 5.58
C TYR C 314 -12.62 -5.32 6.29
N ALA C 315 -13.72 -5.15 5.57
CA ALA C 315 -14.91 -4.53 6.13
C ALA C 315 -15.77 -5.54 6.88
N THR C 316 -16.84 -5.08 7.52
CA THR C 316 -17.75 -6.00 8.21
C THR C 316 -18.89 -6.45 7.33
N GLY C 317 -18.98 -7.77 7.10
CA GLY C 317 -20.00 -8.34 6.24
C GLY C 317 -21.41 -8.27 6.78
N ASP C 318 -21.91 -9.42 7.25
CA ASP C 318 -23.23 -9.51 7.86
C ASP C 318 -23.13 -10.15 9.24
N ILE C 319 -24.08 -9.82 10.11
CA ILE C 319 -24.12 -10.40 11.44
C ILE C 319 -25.29 -11.36 11.60
N ILE C 320 -24.99 -12.63 11.82
CA ILE C 320 -26.02 -13.66 11.94
C ILE C 320 -25.75 -14.56 13.14
N GLY C 321 -26.77 -15.31 13.56
CA GLY C 321 -26.64 -16.16 14.73
C GLY C 321 -27.37 -15.62 15.94
N ASP C 322 -26.85 -15.95 17.12
CA ASP C 322 -27.50 -15.60 18.37
C ASP C 322 -27.29 -14.14 18.75
N ILE C 323 -28.14 -13.28 18.21
CA ILE C 323 -27.98 -11.84 18.38
C ILE C 323 -28.18 -11.47 19.84
N ARG C 324 -27.15 -11.72 20.66
CA ARG C 324 -27.14 -11.26 22.05
C ARG C 324 -25.92 -10.38 22.28
N GLN C 325 -25.97 -9.50 23.28
CA GLN C 325 -24.86 -8.63 23.60
C GLN C 325 -23.72 -9.46 24.14
N ALA C 326 -22.49 -9.14 23.75
CA ALA C 326 -21.36 -9.87 24.29
C ALA C 326 -21.27 -9.59 25.79
N HIS C 327 -20.80 -10.58 26.54
CA HIS C 327 -20.79 -10.52 27.98
C HIS C 327 -19.80 -11.50 28.56
N CYS C 328 -19.54 -11.35 29.86
CA CYS C 328 -18.65 -12.27 30.56
C CYS C 328 -19.38 -13.00 31.68
N ASN C 329 -18.98 -14.24 31.89
CA ASN C 329 -19.49 -15.07 32.98
C ASN C 329 -18.51 -15.26 34.12
N VAL C 330 -18.93 -14.88 35.32
CA VAL C 330 -18.08 -14.97 36.50
C VAL C 330 -18.79 -15.84 37.54
N SER C 331 -18.03 -16.76 38.13
CA SER C 331 -18.49 -17.54 39.27
C SER C 331 -18.63 -16.65 40.50
N LYS C 332 -19.88 -16.39 40.87
CA LYS C 332 -20.22 -15.45 41.92
C LYS C 332 -19.71 -15.80 43.32
N ALA C 333 -19.96 -17.02 43.76
CA ALA C 333 -19.46 -17.46 45.06
C ALA C 333 -17.94 -17.35 45.15
N THR C 334 -17.26 -17.69 44.07
CA THR C 334 -15.80 -17.57 44.00
C THR C 334 -15.35 -16.12 44.19
N TRP C 335 -15.98 -15.21 43.47
CA TRP C 335 -15.70 -13.79 43.63
C TRP C 335 -15.91 -13.31 45.05
N ASN C 336 -17.02 -13.72 45.65
CA ASN C 336 -17.37 -13.28 46.99
C ASN C 336 -16.32 -13.77 47.97
N GLU C 337 -15.97 -15.04 47.85
CA GLU C 337 -14.96 -15.67 48.69
C GLU C 337 -13.61 -14.98 48.62
N THR C 338 -13.10 -14.79 47.40
CA THR C 338 -11.81 -14.13 47.22
C THR C 338 -11.85 -12.67 47.69
N LEU C 339 -12.94 -11.98 47.38
CA LEU C 339 -13.05 -10.58 47.76
C LEU C 339 -12.90 -10.49 49.27
N GLY C 340 -13.55 -11.41 49.97
CA GLY C 340 -13.46 -11.46 51.41
C GLY C 340 -12.01 -11.58 51.84
N LYS C 341 -11.27 -12.48 51.18
CA LYS C 341 -9.88 -12.69 51.55
C LYS C 341 -9.09 -11.39 51.37
N VAL C 342 -9.43 -10.64 50.34
CA VAL C 342 -8.83 -9.33 50.10
C VAL C 342 -9.14 -8.37 51.25
N VAL C 343 -10.40 -8.35 51.67
CA VAL C 343 -10.83 -7.46 52.74
C VAL C 343 -10.12 -7.77 54.06
N LYS C 344 -9.74 -9.02 54.24
CA LYS C 344 -9.04 -9.41 55.45
C LYS C 344 -7.75 -8.60 55.52
N GLN C 345 -7.17 -8.31 54.37
CA GLN C 345 -5.85 -7.72 54.30
C GLN C 345 -5.94 -6.23 54.56
N LEU C 346 -7.16 -5.94 53.86
CA LEU C 346 -7.41 -4.52 54.09
C LEU C 346 -7.59 -4.24 55.59
N ARG C 347 -8.31 -5.13 56.27
CA ARG C 347 -8.53 -4.95 57.69
C ARG C 347 -7.18 -4.78 58.37
N LYS C 348 -6.30 -5.74 58.15
CA LYS C 348 -4.94 -5.71 58.68
C LYS C 348 -4.19 -4.41 58.43
N HIS C 349 -4.46 -3.26 57.61
CA HIS C 349 -3.77 -2.01 57.32
C HIS C 349 -4.66 -0.79 57.56
N PHE C 350 -5.82 -1.02 58.17
CA PHE C 350 -6.76 0.07 58.41
C PHE C 350 -7.49 -0.04 59.73
N GLY C 351 -7.55 -1.25 60.28
CA GLY C 351 -8.04 -1.43 61.63
C GLY C 351 -9.07 -2.53 61.78
N ASN C 352 -9.32 -2.93 63.02
CA ASN C 352 -10.24 -4.01 63.31
C ASN C 352 -11.62 -3.45 63.63
N ASN C 353 -11.85 -2.21 63.23
CA ASN C 353 -13.15 -1.58 63.43
C ASN C 353 -13.48 -0.54 62.36
N THR C 354 -13.28 -0.92 61.10
CA THR C 354 -13.59 -0.04 59.97
C THR C 354 -14.48 -0.72 58.95
N ILE C 355 -15.05 0.07 58.05
CA ILE C 355 -16.01 -0.43 57.07
C ILE C 355 -15.46 -0.32 55.65
N ILE C 356 -15.57 -1.40 54.89
CA ILE C 356 -15.00 -1.45 53.55
C ILE C 356 -16.10 -1.56 52.50
N ARG C 357 -16.15 -0.58 51.59
CA ARG C 357 -17.11 -0.58 50.51
C ARG C 357 -16.44 -0.61 49.14
N PHE C 358 -17.03 -1.34 48.21
CA PHE C 358 -16.51 -1.40 46.84
C PHE C 358 -17.51 -0.83 45.84
N ALA C 359 -17.02 0.00 44.94
CA ALA C 359 -17.86 0.64 43.94
C ALA C 359 -17.12 0.74 42.61
N ASN C 360 -17.82 1.18 41.57
CA ASN C 360 -17.21 1.38 40.26
C ASN C 360 -16.43 2.69 40.18
N SER C 361 -15.87 2.97 39.01
CA SER C 361 -14.98 4.11 38.82
C SER C 361 -15.70 5.45 38.87
N SER C 362 -14.94 6.53 38.77
CA SER C 362 -15.50 7.87 38.80
C SER C 362 -16.13 8.24 37.47
N GLY C 363 -15.93 7.39 36.46
CA GLY C 363 -16.44 7.65 35.13
C GLY C 363 -15.51 8.50 34.29
N GLY C 364 -15.94 8.82 33.07
CA GLY C 364 -15.13 9.60 32.16
C GLY C 364 -14.77 8.84 30.90
N ASP C 365 -13.48 8.85 30.56
CA ASP C 365 -12.99 8.15 29.39
C ASP C 365 -13.28 6.65 29.47
N LEU C 366 -13.99 6.13 28.48
CA LEU C 366 -14.43 4.74 28.48
C LEU C 366 -13.26 3.81 28.78
N GLU C 367 -12.09 4.14 28.24
CA GLU C 367 -10.91 3.30 28.39
C GLU C 367 -10.55 3.08 29.86
N VAL C 368 -10.78 4.10 30.68
CA VAL C 368 -10.55 3.99 32.11
C VAL C 368 -11.80 3.52 32.86
N THR C 369 -12.95 4.04 32.44
CA THR C 369 -14.21 3.70 33.09
C THR C 369 -14.48 2.20 33.16
N THR C 370 -14.33 1.52 32.03
CA THR C 370 -14.64 0.10 31.97
C THR C 370 -13.39 -0.78 31.90
N HIS C 371 -13.60 -2.09 31.98
CA HIS C 371 -12.50 -3.05 31.87
C HIS C 371 -12.21 -3.35 30.40
N SER C 372 -11.03 -2.95 29.94
CA SER C 372 -10.62 -3.20 28.57
C SER C 372 -9.65 -4.37 28.49
N PHE C 373 -9.80 -5.20 27.47
CA PHE C 373 -8.87 -6.30 27.23
C PHE C 373 -9.02 -6.86 25.82
N ASN C 374 -7.99 -7.57 25.36
CA ASN C 374 -8.00 -8.16 24.03
C ASN C 374 -8.25 -9.66 24.08
N CYS C 375 -9.19 -10.14 23.28
CA CYS C 375 -9.39 -11.57 23.09
C CYS C 375 -9.46 -11.92 21.61
N GLY C 376 -8.39 -12.52 21.09
CA GLY C 376 -8.38 -13.01 19.72
C GLY C 376 -8.30 -11.90 18.70
N GLY C 377 -7.87 -10.71 19.12
CA GLY C 377 -7.82 -9.56 18.24
C GLY C 377 -8.94 -8.58 18.46
N GLU C 378 -10.02 -9.05 19.08
CA GLU C 378 -11.17 -8.20 19.37
C GLU C 378 -10.99 -7.48 20.71
N PHE C 379 -11.47 -6.24 20.78
CA PHE C 379 -11.28 -5.42 21.97
C PHE C 379 -12.59 -5.27 22.73
N PHE C 380 -12.59 -5.70 23.98
CA PHE C 380 -13.79 -5.68 24.81
C PHE C 380 -13.76 -4.55 25.84
N TYR C 381 -14.94 -3.98 26.08
CA TYR C 381 -15.13 -2.99 27.14
C TYR C 381 -16.32 -3.44 28.00
N CYS C 382 -16.04 -3.87 29.22
CA CYS C 382 -17.06 -4.45 30.08
C CYS C 382 -17.37 -3.63 31.33
N ASN C 383 -18.66 -3.59 31.68
CA ASN C 383 -19.16 -2.87 32.83
C ASN C 383 -18.96 -3.65 34.11
N THR C 384 -17.86 -3.37 34.82
CA THR C 384 -17.49 -4.18 35.97
C THR C 384 -18.25 -3.78 37.24
N SER C 385 -19.27 -2.94 37.08
CA SER C 385 -20.17 -2.61 38.18
C SER C 385 -20.75 -3.88 38.79
N GLY C 386 -20.95 -4.90 37.96
CA GLY C 386 -21.50 -6.16 38.42
C GLY C 386 -20.57 -6.91 39.36
N LEU C 387 -19.30 -6.54 39.35
CA LEU C 387 -18.33 -7.13 40.27
C LEU C 387 -18.09 -6.23 41.47
N PHE C 388 -17.64 -5.01 41.20
CA PHE C 388 -17.29 -4.05 42.23
C PHE C 388 -18.51 -3.34 42.80
N ASN C 389 -19.34 -4.10 43.50
CA ASN C 389 -20.52 -3.56 44.18
C ASN C 389 -20.81 -4.30 45.48
N SER C 390 -20.11 -3.93 46.55
CA SER C 390 -20.24 -4.66 47.81
C SER C 390 -19.81 -3.75 48.97
N THR C 391 -19.90 -4.72 50.05
CA THR C 391 -19.54 -4.02 51.27
C THR C 391 -19.17 -5.02 52.36
N TRP C 392 -18.39 -4.58 53.33
CA TRP C 392 -18.12 -5.40 54.50
C TRP C 392 -18.20 -4.58 55.79
N ILE C 393 -18.62 -5.25 56.87
CA ILE C 393 -19.01 -4.57 58.08
C ILE C 393 -17.79 -4.06 58.85
N SER C 394 -17.78 -4.23 60.16
CA SER C 394 -16.75 -3.65 61.01
C SER C 394 -15.72 -4.68 61.47
N ASN C 395 -16.15 -5.93 61.65
CA ASN C 395 -15.22 -6.96 62.10
C ASN C 395 -15.76 -8.36 61.83
N ASN C 407 -26.41 -20.86 40.65
CA ASN C 407 -25.03 -21.19 40.33
C ASN C 407 -24.04 -20.91 41.47
N ASP C 408 -24.02 -19.69 41.98
CA ASP C 408 -24.52 -18.52 41.27
C ASP C 408 -23.44 -17.89 40.40
N SER C 409 -23.86 -17.03 39.47
CA SER C 409 -22.92 -16.44 38.52
C SER C 409 -23.29 -15.00 38.19
N ILE C 410 -22.32 -14.25 37.67
CA ILE C 410 -22.53 -12.85 37.34
C ILE C 410 -22.34 -12.62 35.84
N THR C 411 -23.29 -11.90 35.24
CA THR C 411 -23.19 -11.53 33.84
C THR C 411 -22.71 -10.08 33.70
N LEU C 412 -21.61 -9.89 32.98
CA LEU C 412 -21.06 -8.55 32.76
C LEU C 412 -21.26 -8.09 31.32
N PRO C 413 -22.11 -7.07 31.12
CA PRO C 413 -22.36 -6.48 29.80
C PRO C 413 -21.10 -5.89 29.17
N CYS C 414 -20.80 -6.27 27.93
CA CYS C 414 -19.62 -5.75 27.26
C CYS C 414 -19.94 -5.08 25.93
N ARG C 415 -19.01 -4.24 25.46
CA ARG C 415 -19.17 -3.55 24.19
C ARG C 415 -17.95 -3.85 23.33
N ILE C 416 -18.10 -3.72 22.02
CA ILE C 416 -17.00 -4.00 21.11
C ILE C 416 -16.60 -2.74 20.38
N LYS C 417 -15.30 -2.48 20.29
CA LYS C 417 -14.82 -1.33 19.55
C LYS C 417 -13.88 -1.80 18.46
N GLN C 418 -13.76 -1.04 17.39
CA GLN C 418 -12.82 -1.41 16.33
C GLN C 418 -11.70 -0.39 16.20
N ILE C 419 -11.95 0.84 16.62
CA ILE C 419 -10.93 1.88 16.65
C ILE C 419 -10.44 2.07 18.08
N ILE C 420 -9.16 1.77 18.31
CA ILE C 420 -8.60 1.85 19.65
C ILE C 420 -7.31 2.66 19.73
N ASN C 421 -7.00 3.13 20.94
CA ASN C 421 -5.79 3.90 21.21
C ASN C 421 -4.96 3.25 22.32
N MET C 422 -3.75 2.82 21.97
CA MET C 422 -2.89 2.10 22.91
C MET C 422 -2.10 3.02 23.84
N TRP C 423 -2.12 2.61 25.10
CA TRP C 423 -1.26 3.12 26.14
C TRP C 423 -1.42 4.60 26.23
N GLN C 424 -2.65 5.05 26.11
CA GLN C 424 -2.99 6.43 26.38
C GLN C 424 -2.28 7.29 25.35
N ARG C 425 -1.87 6.66 24.25
CA ARG C 425 -1.12 7.44 23.27
C ARG C 425 -2.00 8.09 22.22
N ILE C 426 -1.87 9.40 22.08
CA ILE C 426 -2.65 10.14 21.10
C ILE C 426 -1.70 10.49 19.96
N GLY C 427 -2.26 10.74 18.78
CA GLY C 427 -1.46 11.04 17.62
C GLY C 427 -1.49 9.92 16.61
N GLN C 428 -2.03 8.77 17.03
CA GLN C 428 -2.21 7.64 16.13
C GLN C 428 -3.26 6.67 16.67
N CYS C 429 -3.78 5.83 15.78
CA CYS C 429 -4.82 4.88 16.15
C CYS C 429 -4.76 3.64 15.27
N MET C 430 -5.29 2.54 15.76
CA MET C 430 -5.22 1.28 15.04
C MET C 430 -6.59 0.65 14.84
N TYR C 431 -6.84 0.19 13.62
CA TYR C 431 -8.13 -0.42 13.28
C TYR C 431 -8.02 -1.94 13.44
N ALA C 432 -8.88 -2.51 14.27
CA ALA C 432 -8.92 -3.95 14.44
C ALA C 432 -9.76 -4.50 13.29
N PRO C 433 -9.22 -5.58 12.59
CA PRO C 433 -10.12 -6.17 11.61
C PRO C 433 -11.18 -7.00 12.29
N PRO C 434 -12.45 -7.00 11.73
CA PRO C 434 -13.39 -7.92 12.37
C PRO C 434 -12.94 -9.37 12.25
N ILE C 435 -13.03 -10.12 13.34
CA ILE C 435 -12.65 -11.53 13.34
C ILE C 435 -13.85 -12.40 12.99
N GLN C 436 -13.71 -13.20 11.93
CA GLN C 436 -14.82 -13.96 11.40
C GLN C 436 -15.24 -15.08 12.35
N GLY C 437 -16.55 -15.26 12.50
CA GLY C 437 -17.07 -16.32 13.33
C GLY C 437 -17.29 -15.95 14.78
N VAL C 438 -17.85 -16.88 15.55
CA VAL C 438 -18.14 -16.66 16.96
C VAL C 438 -16.85 -16.66 17.78
N ILE C 439 -16.69 -15.64 18.61
CA ILE C 439 -15.48 -15.51 19.43
C ILE C 439 -15.78 -15.68 20.91
N ARG C 440 -15.14 -16.66 21.53
CA ARG C 440 -15.30 -16.91 22.96
C ARG C 440 -14.01 -17.44 23.56
N CYS C 441 -13.69 -16.97 24.77
CA CYS C 441 -12.44 -17.36 25.42
C CYS C 441 -12.57 -17.28 26.94
N VAL C 442 -11.56 -17.81 27.63
CA VAL C 442 -11.57 -17.89 29.09
C VAL C 442 -10.18 -17.59 29.63
N SER C 443 -10.12 -16.91 30.77
CA SER C 443 -8.84 -16.57 31.37
C SER C 443 -8.88 -16.53 32.90
N ASN C 444 -7.72 -16.37 33.50
CA ASN C 444 -7.59 -16.32 34.95
C ASN C 444 -7.40 -14.89 35.45
N ILE C 445 -8.31 -14.43 36.30
CA ILE C 445 -8.12 -13.14 36.96
C ILE C 445 -7.16 -13.38 38.11
N THR C 446 -6.03 -12.66 38.10
CA THR C 446 -4.96 -12.92 39.06
C THR C 446 -4.61 -11.71 39.92
N GLY C 447 -5.40 -10.65 39.81
CA GLY C 447 -5.18 -9.48 40.64
C GLY C 447 -6.04 -8.28 40.31
N LEU C 448 -5.98 -7.27 41.17
CA LEU C 448 -6.78 -6.07 41.02
C LEU C 448 -5.92 -4.81 40.99
N ILE C 449 -6.35 -3.83 40.20
CA ILE C 449 -5.80 -2.49 40.27
C ILE C 449 -6.80 -1.58 40.97
N LEU C 450 -6.58 -1.34 42.25
CA LEU C 450 -7.53 -0.59 43.06
C LEU C 450 -7.01 0.78 43.45
N THR C 451 -7.94 1.71 43.67
CA THR C 451 -7.61 3.05 44.15
C THR C 451 -8.39 3.35 45.43
N ARG C 452 -7.82 4.20 46.28
CA ARG C 452 -8.44 4.53 47.55
C ARG C 452 -9.17 5.87 47.48
N ASP C 453 -10.45 5.86 47.84
CA ASP C 453 -11.29 7.05 47.76
C ASP C 453 -10.68 8.22 48.55
N THR C 457 -14.61 13.35 57.75
CA THR C 457 -15.40 12.14 57.41
C THR C 457 -14.59 10.88 57.08
N ASN C 458 -13.42 10.77 57.70
CA ASN C 458 -12.54 9.62 57.49
C ASN C 458 -12.16 8.97 58.80
N SER C 459 -13.11 8.25 59.40
CA SER C 459 -12.88 7.64 60.70
C SER C 459 -13.48 6.25 60.80
N THR C 460 -13.85 5.69 59.65
CA THR C 460 -14.49 4.37 59.64
C THR C 460 -14.71 3.80 58.25
N THR C 461 -15.68 4.34 57.53
CA THR C 461 -16.00 3.79 56.21
C THR C 461 -15.09 4.30 55.09
N GLU C 462 -14.48 3.36 54.38
CA GLU C 462 -13.65 3.69 53.23
C GLU C 462 -14.16 2.99 51.98
N THR C 463 -14.06 3.64 50.84
CA THR C 463 -14.55 3.06 49.60
C THR C 463 -13.37 2.84 48.65
N PHE C 464 -13.37 1.70 47.96
CA PHE C 464 -12.33 1.42 46.98
C PHE C 464 -12.89 1.14 45.60
N ARG C 465 -12.13 1.52 44.58
CA ARG C 465 -12.57 1.30 43.17
C ARG C 465 -11.46 0.97 42.14
N PRO C 466 -11.85 0.31 41.04
CA PRO C 466 -10.91 -0.14 40.00
C PRO C 466 -10.37 1.01 39.16
N GLY C 467 -9.11 0.91 38.74
CA GLY C 467 -8.50 1.91 37.90
C GLY C 467 -7.53 1.31 36.90
N GLY C 468 -6.52 2.09 36.53
CA GLY C 468 -5.49 1.62 35.61
C GLY C 468 -4.85 2.74 34.84
N GLY C 469 -4.97 2.68 33.51
CA GLY C 469 -4.44 3.72 32.65
C GLY C 469 -2.97 3.52 32.35
N ASP C 470 -2.13 3.61 33.37
CA ASP C 470 -0.69 3.48 33.21
C ASP C 470 -0.30 2.01 33.24
N MET C 471 0.07 1.46 32.07
CA MET C 471 0.22 0.03 31.91
C MET C 471 1.59 -0.47 32.39
N ARG C 472 2.38 0.47 32.90
CA ARG C 472 3.66 0.15 33.47
C ARG C 472 3.29 -0.58 34.77
N ASP C 473 2.10 -0.28 35.30
CA ASP C 473 1.59 -0.96 36.49
C ASP C 473 1.51 -2.46 36.27
N ASN C 474 1.04 -2.86 35.09
CA ASN C 474 0.91 -4.27 34.75
C ASN C 474 2.25 -4.99 34.74
N TRP C 475 3.25 -4.38 34.11
CA TRP C 475 4.55 -5.02 34.06
C TRP C 475 5.12 -5.10 35.47
N ARG C 476 4.94 -4.03 36.24
CA ARG C 476 5.49 -3.96 37.59
C ARG C 476 4.87 -4.99 38.52
N SER C 477 3.64 -5.40 38.22
CA SER C 477 2.95 -6.36 39.06
C SER C 477 3.64 -7.71 38.99
N GLU C 478 4.52 -7.90 38.02
CA GLU C 478 5.25 -9.15 37.88
C GLU C 478 6.74 -8.99 38.18
N LEU C 479 7.32 -7.89 37.75
CA LEU C 479 8.76 -7.70 37.78
C LEU C 479 9.26 -7.34 39.18
N TYR C 480 8.34 -7.29 40.14
CA TYR C 480 8.72 -6.90 41.48
C TYR C 480 9.59 -8.00 42.10
N LYS C 481 9.55 -9.18 41.49
CA LYS C 481 10.26 -10.33 42.02
C LYS C 481 11.73 -10.27 41.61
N TYR C 482 12.05 -9.33 40.73
CA TYR C 482 13.38 -9.26 40.12
C TYR C 482 14.06 -7.91 40.35
N LYS C 483 15.38 -7.94 40.36
CA LYS C 483 16.17 -6.70 40.31
C LYS C 483 17.51 -6.98 39.62
N VAL C 484 18.09 -5.95 39.02
CA VAL C 484 19.36 -6.09 38.33
C VAL C 484 20.51 -5.35 39.01
N VAL C 485 21.63 -6.03 39.17
CA VAL C 485 22.81 -5.47 39.83
C VAL C 485 24.05 -5.63 38.96
N LYS C 486 25.02 -4.73 39.14
CA LYS C 486 26.26 -4.79 38.39
C LYS C 486 27.39 -5.36 39.25
N ILE C 487 27.95 -6.48 38.82
CA ILE C 487 29.06 -7.10 39.54
C ILE C 487 30.36 -6.30 39.37
N GLU C 488 31.10 -6.17 40.46
CA GLU C 488 32.43 -5.58 40.43
C GLU C 488 33.46 -6.62 40.86
N PRO C 489 34.04 -7.32 39.88
CA PRO C 489 35.05 -8.38 40.07
C PRO C 489 36.27 -7.96 40.88
N LEU C 490 36.66 -6.69 40.80
CA LEU C 490 37.94 -6.26 41.37
C LEU C 490 37.76 -5.77 42.80
N GLY C 491 38.59 -6.30 43.69
CA GLY C 491 38.60 -5.86 45.07
C GLY C 491 39.99 -6.03 45.68
N VAL C 492 40.21 -5.39 46.82
CA VAL C 492 41.47 -5.51 47.53
C VAL C 492 41.23 -5.72 49.02
N ALA C 493 42.24 -6.23 49.71
CA ALA C 493 42.13 -6.50 51.14
C ALA C 493 43.50 -6.65 51.78
N PRO C 494 43.58 -6.36 53.07
CA PRO C 494 44.83 -6.49 53.82
C PRO C 494 45.19 -7.93 54.10
N THR C 495 46.39 -8.32 53.72
CA THR C 495 46.87 -9.66 53.96
C THR C 495 48.35 -9.66 54.30
N ARG C 496 48.71 -10.52 55.24
CA ARG C 496 50.08 -10.66 55.70
C ARG C 496 50.87 -11.25 54.49
N CYS C 497 51.52 -10.40 53.68
CA CYS C 497 52.30 -10.88 52.55
C CYS C 497 53.19 -9.79 51.96
N LYS C 498 54.49 -10.04 51.91
CA LYS C 498 55.45 -9.14 51.30
C LYS C 498 56.00 -9.74 50.00
N ARG C 499 55.58 -9.30 48.80
CA ARG C 499 55.98 -9.94 47.47
C ARG C 499 57.49 -9.87 46.89
N ARG C 500 58.31 -10.97 46.98
CA ARG C 500 59.75 -11.05 46.44
C ARG C 500 60.06 -11.07 44.86
N VAL C 501 61.28 -10.66 44.37
CA VAL C 501 61.56 -10.69 42.94
C VAL C 501 62.14 -12.04 42.52
N VAL D 15 35.85 -28.74 44.27
CA VAL D 15 34.45 -28.97 43.92
C VAL D 15 33.90 -27.83 43.08
N PHE D 16 33.31 -28.15 41.93
CA PHE D 16 32.71 -27.12 41.10
C PHE D 16 31.47 -26.59 41.80
N LEU D 17 31.40 -25.27 41.97
CA LEU D 17 30.27 -24.67 42.68
C LEU D 17 29.34 -24.06 41.66
N GLY D 18 29.91 -23.32 40.72
CA GLY D 18 29.12 -22.65 39.70
C GLY D 18 29.48 -21.18 39.68
N PHE D 19 28.93 -20.46 38.71
CA PHE D 19 29.26 -19.04 38.56
C PHE D 19 28.90 -18.25 39.81
N LEU D 20 29.90 -17.64 40.44
CA LEU D 20 29.72 -16.87 41.68
C LEU D 20 29.32 -17.76 42.84
N GLY D 21 29.63 -19.05 42.74
CA GLY D 21 29.24 -20.03 43.74
C GLY D 21 29.86 -19.81 45.11
N ALA D 22 30.97 -19.09 45.15
CA ALA D 22 31.65 -18.82 46.41
C ALA D 22 31.41 -17.39 46.89
N ALA D 23 30.50 -16.69 46.22
CA ALA D 23 30.25 -15.29 46.53
C ALA D 23 29.89 -15.10 48.00
N GLY D 24 29.20 -16.08 48.56
CA GLY D 24 28.78 -16.01 49.95
C GLY D 24 29.73 -16.77 50.87
N SER D 25 31.01 -16.41 50.79
CA SER D 25 32.02 -17.00 51.66
C SER D 25 33.13 -16.00 51.95
N THR D 26 34.02 -16.35 52.86
CA THR D 26 35.15 -15.50 53.21
C THR D 26 36.10 -15.33 52.03
N MET D 27 36.82 -14.21 52.02
CA MET D 27 37.70 -13.88 50.90
C MET D 27 38.74 -14.97 50.67
N GLY D 28 39.22 -15.54 51.76
CA GLY D 28 40.14 -16.66 51.68
C GLY D 28 39.51 -17.84 50.97
N ALA D 29 38.31 -18.21 51.39
CA ALA D 29 37.60 -19.33 50.79
C ALA D 29 37.30 -19.06 49.32
N ALA D 30 36.84 -17.84 49.04
CA ALA D 30 36.41 -17.49 47.69
C ALA D 30 37.56 -17.57 46.69
N SER D 31 38.78 -17.31 47.15
CA SER D 31 39.94 -17.27 46.27
C SER D 31 40.20 -18.64 45.64
N MET D 32 39.60 -19.67 46.22
CA MET D 32 39.81 -21.04 45.76
C MET D 32 39.36 -21.18 44.31
N THR D 33 38.26 -20.51 43.97
CA THR D 33 37.57 -20.74 42.71
C THR D 33 37.33 -19.44 41.94
N LEU D 34 38.38 -18.65 41.77
CA LEU D 34 38.29 -17.39 41.03
C LEU D 34 38.10 -17.60 39.53
N THR D 35 38.65 -18.70 39.02
CA THR D 35 38.58 -19.00 37.58
C THR D 35 37.15 -19.29 37.13
N VAL D 36 36.41 -20.05 37.93
CA VAL D 36 35.00 -20.33 37.64
C VAL D 36 34.25 -19.03 37.32
N GLN D 37 34.60 -17.96 38.01
CA GLN D 37 34.03 -16.64 37.70
C GLN D 37 34.71 -16.03 36.47
N ALA D 38 36.03 -16.14 36.42
CA ALA D 38 36.82 -15.45 35.41
C ALA D 38 36.30 -15.73 34.01
N ARG D 39 35.97 -17.00 33.75
CA ARG D 39 35.56 -17.42 32.41
C ARG D 39 34.40 -16.58 31.89
N ASN D 40 33.44 -16.28 32.75
CA ASN D 40 32.19 -15.67 32.32
C ASN D 40 32.18 -14.16 32.50
N LEU D 41 33.37 -13.61 32.77
CA LEU D 41 33.51 -12.17 32.91
C LEU D 41 33.49 -11.64 31.48
N LEU D 42 33.91 -12.48 30.53
CA LEU D 42 33.82 -12.12 29.12
C LEU D 42 32.93 -13.10 28.37
N SER D 43 32.88 -14.33 28.84
CA SER D 43 31.81 -15.24 28.45
C SER D 43 32.04 -15.72 27.02
N GLY D 44 31.78 -14.85 26.06
CA GLY D 44 31.91 -15.24 24.67
C GLY D 44 30.66 -15.98 24.25
N ILE D 45 30.80 -16.79 23.20
CA ILE D 45 29.66 -17.47 22.57
C ILE D 45 28.56 -16.51 22.14
N VAL D 46 27.45 -16.53 22.87
CA VAL D 46 26.27 -15.71 22.56
C VAL D 46 25.66 -16.13 21.22
N GLN D 47 26.40 -15.92 20.14
CA GLN D 47 25.95 -16.33 18.82
C GLN D 47 24.79 -15.46 18.33
N LEU D 63 14.11 -7.43 6.41
CA LEU D 63 14.06 -6.30 7.33
C LEU D 63 15.35 -6.16 8.11
N LYS D 64 15.98 -4.99 8.02
CA LYS D 64 17.24 -4.74 8.74
C LYS D 64 17.04 -3.97 10.04
N LEU D 65 18.15 -3.49 10.61
CA LEU D 65 18.12 -2.86 11.92
C LEU D 65 17.29 -3.72 12.87
N THR D 66 16.10 -3.22 13.16
CA THR D 66 15.13 -3.90 13.99
C THR D 66 15.55 -3.73 15.42
N VAL D 67 14.60 -3.82 16.36
CA VAL D 67 14.95 -3.75 17.77
C VAL D 67 15.85 -4.91 18.09
N TRP D 68 16.86 -4.70 18.93
CA TRP D 68 17.78 -5.77 19.23
C TRP D 68 18.87 -5.74 18.17
N GLY D 69 18.56 -5.18 17.00
CA GLY D 69 19.50 -5.22 15.91
C GLY D 69 20.82 -4.52 16.23
N ILE D 70 20.75 -3.45 17.01
CA ILE D 70 21.95 -2.72 17.40
C ILE D 70 22.14 -2.74 18.90
N LYS D 71 21.40 -3.61 19.58
CA LYS D 71 21.37 -3.59 21.03
C LYS D 71 22.29 -4.74 21.40
N GLN D 72 22.13 -5.86 20.69
CA GLN D 72 22.95 -7.05 20.89
C GLN D 72 24.28 -6.49 20.42
N LEU D 73 24.26 -5.72 19.34
CA LEU D 73 25.55 -5.19 18.91
C LEU D 73 26.22 -4.42 20.04
N GLN D 74 25.56 -3.36 20.50
CA GLN D 74 26.13 -2.46 21.50
C GLN D 74 26.58 -3.24 22.73
N ALA D 75 25.72 -4.11 23.23
CA ALA D 75 25.98 -4.84 24.46
C ALA D 75 27.24 -5.69 24.37
N ARG D 76 27.35 -6.43 23.27
CA ARG D 76 28.47 -7.34 23.05
C ARG D 76 29.78 -6.59 22.92
N VAL D 77 29.69 -5.38 22.38
CA VAL D 77 30.84 -4.49 22.29
C VAL D 77 31.24 -4.07 23.69
N LEU D 78 30.26 -3.59 24.46
CA LEU D 78 30.51 -3.03 25.78
C LEU D 78 31.15 -4.09 26.69
N ALA D 79 30.76 -5.33 26.48
CA ALA D 79 31.39 -6.47 27.18
C ALA D 79 32.88 -6.54 26.91
N VAL D 80 33.28 -6.45 25.64
CA VAL D 80 34.69 -6.49 25.28
C VAL D 80 35.46 -5.34 25.93
N GLU D 81 34.95 -4.13 25.76
CA GLU D 81 35.60 -2.96 26.36
C GLU D 81 35.66 -3.11 27.87
N ARG D 82 34.51 -3.42 28.46
CA ARG D 82 34.43 -3.59 29.89
C ARG D 82 35.56 -4.48 30.39
N TYR D 83 35.79 -5.58 29.69
CA TYR D 83 36.83 -6.52 30.07
C TYR D 83 38.22 -5.88 29.97
N LEU D 84 38.60 -5.49 28.77
CA LEU D 84 39.97 -5.07 28.49
C LEU D 84 40.37 -3.83 29.29
N ARG D 85 39.44 -2.91 29.47
CA ARG D 85 39.77 -1.72 30.25
C ARG D 85 40.52 -2.05 31.55
N ASP D 86 40.13 -3.11 32.25
CA ASP D 86 40.78 -3.44 33.50
C ASP D 86 41.92 -4.42 33.28
N GLN D 87 41.77 -5.28 32.29
CA GLN D 87 42.82 -6.24 31.94
C GLN D 87 44.12 -5.52 31.58
N GLN D 88 44.01 -4.34 31.02
CA GLN D 88 45.20 -3.64 30.58
C GLN D 88 45.92 -3.17 31.83
N LEU D 89 45.13 -2.85 32.85
CA LEU D 89 45.72 -2.37 34.10
C LEU D 89 46.58 -3.45 34.71
N LEU D 90 46.11 -4.69 34.61
CA LEU D 90 46.85 -5.85 35.09
C LEU D 90 48.06 -6.12 34.20
N GLY D 91 47.94 -5.79 32.92
CA GLY D 91 49.08 -5.74 32.04
C GLY D 91 50.14 -4.73 32.47
N ILE D 92 49.70 -3.53 32.84
CA ILE D 92 50.62 -2.52 33.35
C ILE D 92 51.21 -2.92 34.69
N TRP D 93 50.36 -3.41 35.59
CA TRP D 93 50.82 -3.86 36.90
C TRP D 93 51.51 -5.20 36.75
N GLY D 94 52.83 -5.18 36.63
CA GLY D 94 53.54 -6.31 36.07
C GLY D 94 53.13 -7.61 36.72
N CYS D 95 52.05 -8.20 36.20
CA CYS D 95 51.66 -9.55 36.61
C CYS D 95 51.24 -10.42 35.43
N SER D 96 50.12 -10.05 34.79
CA SER D 96 49.61 -10.73 33.60
C SER D 96 49.08 -12.11 33.97
N GLY D 97 49.93 -12.93 34.61
CA GLY D 97 49.48 -14.20 35.16
C GLY D 97 48.59 -13.90 36.34
N LYS D 98 47.35 -13.50 36.06
CA LYS D 98 46.50 -12.85 37.04
C LYS D 98 45.69 -13.80 37.90
N LEU D 99 44.50 -13.37 38.28
CA LEU D 99 43.78 -13.86 39.45
C LEU D 99 44.47 -13.49 40.76
N ILE D 100 45.77 -13.76 40.86
CA ILE D 100 46.53 -13.35 42.03
C ILE D 100 48.01 -13.17 41.72
N CYS D 101 48.59 -12.10 42.27
CA CYS D 101 50.02 -11.85 42.18
C CYS D 101 50.44 -10.86 43.27
N CYS D 102 51.71 -10.91 43.65
CA CYS D 102 52.21 -10.01 44.69
C CYS D 102 52.83 -8.76 44.08
N THR D 103 53.08 -7.75 44.90
CA THR D 103 53.77 -6.55 44.47
C THR D 103 54.93 -6.24 45.43
N ASN D 104 55.62 -5.14 45.18
CA ASN D 104 56.57 -4.60 46.15
C ASN D 104 56.09 -3.27 46.74
N VAL D 105 54.77 -3.12 46.85
CA VAL D 105 54.18 -1.97 47.53
C VAL D 105 53.62 -2.35 48.89
N PRO D 106 54.15 -1.73 49.96
CA PRO D 106 53.71 -2.02 51.33
C PRO D 106 52.32 -1.43 51.61
N TRP D 107 51.56 -2.11 52.45
CA TRP D 107 50.20 -1.67 52.77
C TRP D 107 50.21 -0.58 53.84
N ASN D 108 49.61 0.55 53.51
CA ASN D 108 49.49 1.65 54.46
C ASN D 108 48.40 1.37 55.49
N SER D 109 48.75 1.51 56.77
CA SER D 109 47.88 1.08 57.86
C SER D 109 46.58 1.89 57.92
N SER D 110 46.59 3.08 57.33
CA SER D 110 45.40 3.92 57.30
C SER D 110 44.29 3.32 56.46
N TRP D 111 44.64 2.36 55.60
CA TRP D 111 43.68 1.71 54.73
C TRP D 111 42.98 0.56 55.43
N SER D 112 42.14 0.88 56.41
CA SER D 112 41.42 -0.12 57.21
C SER D 112 42.40 -1.03 57.96
N ASN D 113 42.77 -0.62 59.17
CA ASN D 113 43.72 -1.38 59.97
C ASN D 113 43.08 -2.56 60.70
N ARG D 114 43.09 -3.72 60.04
CA ARG D 114 42.57 -4.94 60.63
C ARG D 114 43.64 -6.02 60.56
N ASN D 115 43.44 -7.11 61.32
CA ASN D 115 44.36 -8.23 61.30
C ASN D 115 43.91 -9.19 60.21
N LEU D 116 44.80 -10.09 59.81
CA LEU D 116 44.54 -11.03 58.74
C LEU D 116 43.36 -11.95 59.02
N SER D 117 43.29 -12.45 60.25
CA SER D 117 42.16 -13.26 60.69
C SER D 117 40.88 -12.44 60.79
N GLU D 118 41.03 -11.14 61.03
CA GLU D 118 39.89 -10.24 61.04
C GLU D 118 39.41 -9.89 59.64
N ILE D 119 40.34 -10.01 58.69
CA ILE D 119 40.06 -9.79 57.28
C ILE D 119 39.75 -11.08 56.52
N TRP D 120 40.79 -11.83 56.20
CA TRP D 120 40.69 -13.03 55.35
C TRP D 120 39.84 -14.20 55.86
N ASP D 121 39.82 -14.41 57.16
CA ASP D 121 39.06 -15.50 57.77
C ASP D 121 37.72 -15.06 58.35
N ASN D 122 37.38 -13.79 58.19
CA ASN D 122 36.15 -13.27 58.78
C ASN D 122 35.60 -12.08 57.98
N MET D 123 35.54 -12.22 56.66
CA MET D 123 35.00 -11.16 55.84
C MET D 123 34.85 -11.57 54.38
N THR D 124 33.72 -11.22 53.78
CA THR D 124 33.49 -11.49 52.37
C THR D 124 34.08 -10.37 51.51
N TRP D 125 34.19 -10.62 50.21
CA TRP D 125 34.74 -9.62 49.30
C TRP D 125 33.87 -8.38 49.21
N LEU D 126 32.55 -8.57 49.28
CA LEU D 126 31.61 -7.46 49.24
C LEU D 126 31.81 -6.57 50.46
N GLN D 127 31.94 -7.20 51.63
CA GLN D 127 32.19 -6.48 52.87
C GLN D 127 33.53 -5.74 52.81
N TRP D 128 34.52 -6.37 52.20
CA TRP D 128 35.83 -5.77 52.01
C TRP D 128 35.75 -4.47 51.23
N ASP D 129 35.13 -4.52 50.05
CA ASP D 129 34.99 -3.35 49.21
C ASP D 129 34.25 -2.21 49.93
N LYS D 130 33.23 -2.57 50.71
CA LYS D 130 32.48 -1.61 51.50
C LYS D 130 33.41 -0.59 52.17
N GLU D 131 34.56 -1.06 52.65
CA GLU D 131 35.53 -0.19 53.32
C GLU D 131 36.61 0.32 52.36
N ILE D 132 37.32 -0.60 51.73
CA ILE D 132 38.55 -0.27 51.03
C ILE D 132 38.29 0.58 49.78
N SER D 133 37.05 0.53 49.29
CA SER D 133 36.66 1.29 48.10
C SER D 133 37.01 2.77 48.24
N ASN D 134 37.06 3.25 49.47
CA ASN D 134 37.43 4.63 49.75
C ASN D 134 38.81 5.04 49.26
N TYR D 135 39.72 4.08 49.16
CA TYR D 135 41.09 4.38 48.76
C TYR D 135 41.47 3.78 47.41
N THR D 136 40.47 3.45 46.61
CA THR D 136 40.70 2.72 45.36
C THR D 136 41.75 3.41 44.49
N GLN D 137 41.47 4.64 44.08
CA GLN D 137 42.34 5.35 43.16
C GLN D 137 43.69 5.61 43.80
N ILE D 138 43.66 5.87 45.09
CA ILE D 138 44.87 6.11 45.89
C ILE D 138 45.83 4.95 45.84
N ILE D 139 45.32 3.75 46.06
CA ILE D 139 46.13 2.54 45.97
C ILE D 139 46.59 2.29 44.54
N TYR D 140 45.69 2.50 43.58
CA TYR D 140 46.02 2.35 42.17
C TYR D 140 47.23 3.18 41.76
N GLY D 141 47.33 4.37 42.33
CA GLY D 141 48.49 5.23 42.10
C GLY D 141 49.81 4.47 42.20
N LEU D 142 50.03 3.82 43.34
CA LEU D 142 51.28 3.11 43.59
C LEU D 142 51.37 1.83 42.76
N LEU D 143 50.24 1.18 42.53
CA LEU D 143 50.19 -0.01 41.69
C LEU D 143 50.53 0.30 40.23
N GLU D 144 49.82 1.28 39.69
CA GLU D 144 50.18 1.88 38.41
C GLU D 144 51.64 2.28 38.29
N GLU D 145 52.19 2.88 39.33
CA GLU D 145 53.64 3.05 39.38
C GLU D 145 55.00 2.61 39.91
N SER D 146 55.21 2.82 41.20
CA SER D 146 56.33 2.49 42.06
C SER D 146 57.24 1.40 41.54
N GLN D 147 56.71 0.17 41.60
CA GLN D 147 57.38 -1.05 41.15
C GLN D 147 57.62 -1.06 39.64
N ASN D 148 56.56 -0.91 38.87
CA ASN D 148 56.66 -0.76 37.43
C ASN D 148 57.78 0.18 36.97
N GLN D 149 57.98 1.26 37.73
CA GLN D 149 59.05 2.21 37.46
C GLN D 149 60.39 1.61 37.87
N GLN D 150 60.51 1.33 39.16
CA GLN D 150 61.75 0.80 39.71
C GLN D 150 62.31 -0.59 39.48
N GLU D 151 61.43 -1.55 39.25
CA GLU D 151 61.74 -2.93 38.96
C GLU D 151 62.69 -2.86 37.71
N LYS D 152 62.27 -2.00 36.76
CA LYS D 152 62.98 -1.69 35.52
C LYS D 152 64.08 -0.66 35.75
N ASN D 153 65.00 -0.46 34.78
CA ASN D 153 66.15 0.45 34.93
C ASN D 153 67.21 -0.43 35.55
N GLU D 154 66.80 -0.82 36.75
CA GLU D 154 67.44 -1.73 37.68
C GLU D 154 67.95 -2.97 36.94
N GLN D 155 67.02 -3.56 36.18
CA GLN D 155 67.25 -4.75 35.38
C GLN D 155 68.22 -4.45 34.27
N ASP D 156 68.04 -3.27 33.67
CA ASP D 156 68.88 -2.82 32.58
C ASP D 156 70.27 -2.72 33.17
N LEU D 157 70.34 -2.27 34.41
CA LEU D 157 71.63 -2.13 35.07
C LEU D 157 72.13 -3.53 35.38
N LEU D 158 71.26 -4.47 35.75
CA LEU D 158 71.83 -5.79 35.95
C LEU D 158 72.33 -6.41 34.65
N ALA D 159 71.84 -5.91 33.53
CA ALA D 159 72.27 -6.40 32.23
C ALA D 159 73.61 -5.81 31.79
N LEU D 160 74.19 -4.95 32.62
CA LEU D 160 75.46 -4.31 32.27
C LEU D 160 76.53 -5.35 31.99
N ASP D 161 76.54 -6.42 32.77
CA ASP D 161 77.49 -7.51 32.57
C ASP D 161 76.77 -8.83 32.30
N VAL E 15 58.02 12.85 37.07
CA VAL E 15 57.07 13.96 36.96
C VAL E 15 56.05 13.71 35.86
N PHE E 16 54.77 13.83 36.19
CA PHE E 16 53.73 13.65 35.20
C PHE E 16 53.77 14.82 34.23
N LEU E 17 53.87 14.55 32.94
CA LEU E 17 53.97 15.60 31.94
C LEU E 17 52.62 15.77 31.27
N GLY E 18 52.04 14.65 30.87
CA GLY E 18 50.76 14.66 30.19
C GLY E 18 50.88 13.89 28.90
N PHE E 19 49.75 13.70 28.22
CA PHE E 19 49.73 12.91 27.00
C PHE E 19 50.67 13.51 25.95
N LEU E 20 51.67 12.73 25.54
CA LEU E 20 52.67 13.16 24.57
C LEU E 20 53.55 14.29 25.11
N GLY E 21 53.62 14.39 26.43
CA GLY E 21 54.35 15.46 27.09
C GLY E 21 55.85 15.46 26.84
N ALA E 22 56.38 14.29 26.44
CA ALA E 22 57.80 14.18 26.17
C ALA E 22 58.09 14.13 24.68
N ALA E 23 57.07 14.40 23.87
CA ALA E 23 57.20 14.29 22.42
C ALA E 23 58.34 15.17 21.91
N GLY E 24 58.55 16.30 22.55
CA GLY E 24 59.59 17.23 22.16
C GLY E 24 60.85 17.05 22.97
N SER E 25 61.36 15.82 23.00
CA SER E 25 62.60 15.53 23.69
C SER E 25 63.35 14.39 23.00
N THR E 26 64.58 14.14 23.45
CA THR E 26 65.38 13.06 22.87
C THR E 26 64.77 11.70 23.17
N MET E 27 65.06 10.73 22.32
CA MET E 27 64.46 9.40 22.42
C MET E 27 64.75 8.77 23.77
N GLY E 28 65.96 9.00 24.28
CA GLY E 28 66.33 8.55 25.60
C GLY E 28 65.43 9.15 26.66
N ALA E 29 65.26 10.48 26.61
CA ALA E 29 64.43 11.17 27.58
C ALA E 29 62.98 10.71 27.47
N ALA E 30 62.48 10.59 26.25
CA ALA E 30 61.09 10.27 26.01
C ALA E 30 60.72 8.90 26.57
N SER E 31 61.69 7.99 26.58
CA SER E 31 61.43 6.62 27.00
C SER E 31 61.02 6.56 28.46
N MET E 32 61.28 7.63 29.19
CA MET E 32 61.00 7.69 30.61
C MET E 32 59.49 7.50 30.86
N THR E 33 58.69 8.07 29.98
CA THR E 33 57.25 8.18 30.21
C THR E 33 56.44 7.66 29.03
N LEU E 34 56.74 6.43 28.60
CA LEU E 34 56.02 5.80 27.50
C LEU E 34 54.60 5.39 27.90
N THR E 35 54.42 5.06 29.17
CA THR E 35 53.12 4.60 29.66
C THR E 35 52.07 5.70 29.63
N VAL E 36 52.46 6.91 30.01
CA VAL E 36 51.56 8.07 29.93
C VAL E 36 50.92 8.16 28.56
N GLN E 37 51.66 7.81 27.52
CA GLN E 37 51.10 7.74 26.17
C GLN E 37 50.32 6.45 25.98
N ALA E 38 50.87 5.35 26.45
CA ALA E 38 50.32 4.03 26.17
C ALA E 38 48.84 3.96 26.52
N ARG E 39 48.48 4.52 27.68
CA ARG E 39 47.12 4.44 28.18
C ARG E 39 46.10 4.92 27.16
N ASN E 40 46.42 6.01 26.47
CA ASN E 40 45.46 6.70 25.62
C ASN E 40 45.59 6.30 24.15
N LEU E 41 46.35 5.24 23.90
CA LEU E 41 46.51 4.72 22.57
C LEU E 41 45.22 3.96 22.29
N LEU E 42 44.59 3.46 23.35
CA LEU E 42 43.28 2.82 23.20
C LEU E 42 42.23 3.56 24.01
N SER E 43 42.65 4.20 25.10
CA SER E 43 41.83 5.23 25.72
C SER E 43 40.68 4.58 26.47
N GLY E 44 39.68 4.12 25.74
CA GLY E 44 38.52 3.52 26.37
C GLY E 44 37.58 4.64 26.80
N ILE E 45 36.73 4.33 27.76
CA ILE E 45 35.68 5.24 28.21
C ILE E 45 34.76 5.69 27.07
N VAL E 46 34.90 6.95 26.66
CA VAL E 46 34.07 7.55 25.62
C VAL E 46 32.61 7.63 26.06
N GLN E 47 31.97 6.48 26.23
CA GLN E 47 30.60 6.42 26.71
C GLN E 47 29.63 6.91 25.65
N LEU E 63 13.99 8.31 17.04
CA LEU E 63 14.76 8.39 15.81
C LEU E 63 16.05 7.59 15.90
N LYS E 64 16.24 6.64 14.98
CA LYS E 64 17.44 5.80 14.97
C LYS E 64 18.49 6.28 13.98
N LEU E 65 19.49 5.43 13.74
CA LEU E 65 20.64 5.82 12.92
C LEU E 65 21.11 7.20 13.35
N THR E 66 20.81 8.18 12.50
CA THR E 66 21.13 9.57 12.76
C THR E 66 22.60 9.77 12.48
N VAL E 67 23.00 11.00 12.14
CA VAL E 67 24.41 11.29 11.93
C VAL E 67 25.12 11.02 13.25
N TRP E 68 26.32 10.47 13.19
CA TRP E 68 27.05 10.16 14.39
C TRP E 68 26.59 8.78 14.85
N GLY E 69 25.40 8.36 14.41
CA GLY E 69 24.86 7.10 14.88
C GLY E 69 25.72 5.90 14.53
N ILE E 70 26.37 5.96 13.37
CA ILE E 70 27.25 4.87 12.95
C ILE E 70 28.68 5.36 12.77
N LYS E 71 28.96 6.56 13.28
CA LYS E 71 30.23 7.19 13.03
C LYS E 71 31.00 6.94 14.31
N GLN E 72 30.32 7.13 15.44
CA GLN E 72 30.91 6.90 16.76
C GLN E 72 31.07 5.39 16.67
N LEU E 73 30.09 4.70 16.11
CA LEU E 73 30.29 3.25 16.03
C LEU E 73 31.59 2.93 15.30
N GLN E 74 31.67 3.35 14.04
CA GLN E 74 32.79 3.01 13.18
C GLN E 74 34.13 3.39 13.84
N ALA E 75 34.19 4.61 14.35
CA ALA E 75 35.42 5.16 14.91
C ALA E 75 35.92 4.31 16.08
N ARG E 76 35.01 3.99 16.99
CA ARG E 76 35.34 3.24 18.20
C ARG E 76 35.81 1.84 17.86
N VAL E 77 35.26 1.30 16.78
CA VAL E 77 35.70 0.00 16.27
C VAL E 77 37.13 0.13 15.75
N LEU E 78 37.34 1.14 14.90
CA LEU E 78 38.63 1.32 14.23
C LEU E 78 39.74 1.50 15.25
N ALA E 79 39.41 2.14 16.37
CA ALA E 79 40.33 2.25 17.50
C ALA E 79 40.78 0.90 18.01
N VAL E 80 39.83 -0.01 18.24
CA VAL E 80 40.16 -1.34 18.73
C VAL E 80 41.06 -2.08 17.75
N GLU E 81 40.65 -2.11 16.48
CA GLU E 81 41.45 -2.77 15.45
C GLU E 81 42.83 -2.12 15.39
N ARG E 82 42.84 -0.80 15.25
CA ARG E 82 44.08 -0.08 15.16
C ARG E 82 45.05 -0.54 16.23
N TYR E 83 44.56 -0.69 17.46
CA TYR E 83 45.39 -1.10 18.57
C TYR E 83 45.93 -2.51 18.36
N LEU E 84 45.02 -3.49 18.28
CA LEU E 84 45.40 -4.89 18.32
C LEU E 84 46.25 -5.28 17.12
N ARG E 85 45.98 -4.71 15.96
CA ARG E 85 46.79 -5.03 14.79
C ARG E 85 48.30 -5.01 15.11
N ASP E 86 48.77 -4.04 15.89
CA ASP E 86 50.19 -3.95 16.17
C ASP E 86 50.53 -4.70 17.46
N GLN E 87 49.60 -4.73 18.39
CA GLN E 87 49.77 -5.46 19.64
C GLN E 87 50.05 -6.94 19.38
N GLN E 88 49.46 -7.46 18.31
CA GLN E 88 49.61 -8.88 18.05
C GLN E 88 51.04 -9.09 17.60
N LEU E 89 51.58 -8.11 16.91
CA LEU E 89 52.96 -8.22 16.41
C LEU E 89 53.91 -8.34 17.58
N LEU E 90 53.63 -7.59 18.64
CA LEU E 90 54.41 -7.64 19.86
C LEU E 90 54.18 -8.96 20.60
N GLY E 91 52.98 -9.51 20.45
CA GLY E 91 52.72 -10.88 20.87
C GLY E 91 53.56 -11.91 20.13
N ILE E 92 53.67 -11.76 18.81
CA ILE E 92 54.52 -12.64 18.02
C ILE E 92 56.00 -12.43 18.35
N TRP E 93 56.42 -11.18 18.43
CA TRP E 93 57.79 -10.86 18.77
C TRP E 93 58.01 -11.08 20.26
N GLY E 94 58.50 -12.26 20.62
CA GLY E 94 58.34 -12.75 21.98
C GLY E 94 58.76 -11.71 22.99
N CYS E 95 57.83 -10.83 23.34
CA CYS E 95 58.03 -9.90 24.44
C CYS E 95 56.81 -9.76 25.34
N SER E 96 55.73 -9.21 24.79
CA SER E 96 54.45 -9.08 25.50
C SER E 96 54.57 -8.03 26.60
N GLY E 97 55.52 -8.22 27.51
CA GLY E 97 55.85 -7.21 28.49
C GLY E 97 56.48 -6.02 27.78
N LYS E 98 55.66 -5.24 27.10
CA LYS E 98 56.12 -4.30 26.09
C LYS E 98 56.55 -2.94 26.64
N LEU E 99 56.32 -1.91 25.83
CA LEU E 99 57.05 -0.63 25.92
C LEU E 99 58.52 -0.79 25.54
N ILE E 100 59.21 -1.75 26.15
CA ILE E 100 60.60 -2.03 25.77
C ILE E 100 61.00 -3.47 26.05
N CYS E 101 61.72 -4.07 25.12
CA CYS E 101 62.29 -5.40 25.28
C CYS E 101 63.43 -5.60 24.29
N CYS E 102 64.35 -6.49 24.61
CA CYS E 102 65.48 -6.77 23.73
C CYS E 102 65.20 -7.95 22.81
N THR E 103 66.03 -8.12 21.80
CA THR E 103 65.94 -9.29 20.91
C THR E 103 67.30 -9.95 20.77
N ASN E 104 67.38 -10.99 19.97
CA ASN E 104 68.67 -11.54 19.55
C ASN E 104 68.95 -11.31 18.07
N VAL E 105 68.45 -10.19 17.54
CA VAL E 105 68.75 -9.77 16.19
C VAL E 105 69.72 -8.60 16.17
N PRO E 106 70.90 -8.79 15.56
CA PRO E 106 71.92 -7.73 15.49
C PRO E 106 71.52 -6.62 14.51
N TRP E 107 71.93 -5.40 14.81
CA TRP E 107 71.59 -4.25 13.97
C TRP E 107 72.52 -4.15 12.76
N ASN E 108 71.94 -4.14 11.58
CA ASN E 108 72.70 -3.98 10.34
C ASN E 108 73.13 -2.53 10.15
N SER E 109 74.42 -2.32 9.91
CA SER E 109 75.00 -0.98 9.88
C SER E 109 74.45 -0.12 8.77
N SER E 110 73.90 -0.75 7.73
CA SER E 110 73.32 -0.03 6.61
C SER E 110 72.06 0.75 7.02
N TRP E 111 71.50 0.38 8.17
CA TRP E 111 70.28 1.04 8.66
C TRP E 111 70.61 2.28 9.45
N SER E 112 71.09 3.32 8.75
CA SER E 112 71.50 4.58 9.36
C SER E 112 72.63 4.37 10.38
N ASN E 113 73.87 4.44 9.90
CA ASN E 113 75.03 4.22 10.75
C ASN E 113 75.42 5.45 11.57
N ARG E 114 74.85 5.53 12.77
CA ARG E 114 75.16 6.61 13.71
C ARG E 114 75.60 6.01 15.04
N ASN E 115 76.21 6.85 15.88
CA ASN E 115 76.64 6.43 17.20
C ASN E 115 75.48 6.63 18.16
N LEU E 116 75.55 6.00 19.33
CA LEU E 116 74.49 6.06 20.33
C LEU E 116 74.23 7.47 20.83
N SER E 117 75.30 8.21 21.08
CA SER E 117 75.20 9.61 21.47
C SER E 117 74.68 10.48 20.32
N GLU E 118 74.94 10.04 19.10
CA GLU E 118 74.41 10.74 17.91
C GLU E 118 72.94 10.41 17.69
N ILE E 119 72.52 9.27 18.21
CA ILE E 119 71.13 8.83 18.15
C ILE E 119 70.34 9.19 19.41
N TRP E 120 70.55 8.41 20.46
CA TRP E 120 69.77 8.51 21.71
C TRP E 120 69.86 9.81 22.51
N ASP E 121 71.01 10.45 22.48
CA ASP E 121 71.23 11.69 23.22
C ASP E 121 71.13 12.95 22.34
N ASN E 122 70.80 12.76 21.07
CA ASN E 122 70.75 13.88 20.13
C ASN E 122 69.77 13.64 18.99
N MET E 123 68.57 13.18 19.32
CA MET E 123 67.57 12.94 18.29
C MET E 123 66.22 12.57 18.89
N THR E 124 65.15 13.16 18.35
CA THR E 124 63.80 12.83 18.76
C THR E 124 63.29 11.61 18.01
N TRP E 125 62.18 11.05 18.48
CA TRP E 125 61.60 9.87 17.83
C TRP E 125 61.10 10.18 16.43
N LEU E 126 60.57 11.39 16.24
CA LEU E 126 60.09 11.82 14.93
C LEU E 126 61.24 11.89 13.94
N GLN E 127 62.35 12.46 14.38
CA GLN E 127 63.55 12.55 13.57
C GLN E 127 64.10 11.16 13.24
N TRP E 128 64.02 10.27 14.23
CA TRP E 128 64.44 8.88 14.04
C TRP E 128 63.68 8.20 12.91
N ASP E 129 62.35 8.25 12.98
CA ASP E 129 61.51 7.64 11.96
C ASP E 129 61.79 8.21 10.57
N LYS E 130 62.03 9.52 10.52
CA LYS E 130 62.37 10.18 9.26
C LYS E 130 63.37 9.37 8.43
N GLU E 131 64.32 8.74 9.13
CA GLU E 131 65.35 7.93 8.45
C GLU E 131 64.98 6.45 8.42
N ILE E 132 64.76 5.87 9.59
CA ILE E 132 64.70 4.42 9.73
C ILE E 132 63.46 3.84 9.06
N SER E 133 62.44 4.69 8.85
CA SER E 133 61.19 4.27 8.20
C SER E 133 61.45 3.56 6.88
N ASN E 134 62.56 3.90 6.23
CA ASN E 134 62.95 3.27 4.98
C ASN E 134 63.13 1.76 5.05
N TYR E 135 63.48 1.25 6.22
CA TYR E 135 63.75 -0.18 6.38
C TYR E 135 62.73 -0.88 7.27
N THR E 136 61.56 -0.27 7.44
CA THR E 136 60.58 -0.78 8.39
C THR E 136 60.26 -2.25 8.16
N GLN E 137 59.75 -2.58 7.00
CA GLN E 137 59.30 -3.94 6.71
C GLN E 137 60.49 -4.89 6.73
N ILE E 138 61.63 -4.40 6.27
CA ILE E 138 62.87 -5.15 6.24
C ILE E 138 63.30 -5.62 7.62
N ILE E 139 63.28 -4.70 8.58
CA ILE E 139 63.59 -5.05 9.96
C ILE E 139 62.54 -5.98 10.56
N TYR E 140 61.28 -5.69 10.26
CA TYR E 140 60.16 -6.51 10.73
C TYR E 140 60.34 -7.98 10.33
N GLY E 141 60.88 -8.21 9.14
CA GLY E 141 61.19 -9.55 8.68
C GLY E 141 61.89 -10.38 9.74
N LEU E 142 63.01 -9.88 10.23
CA LEU E 142 63.81 -10.61 11.21
C LEU E 142 63.15 -10.64 12.58
N LEU E 143 62.44 -9.57 12.93
CA LEU E 143 61.70 -9.51 14.18
C LEU E 143 60.55 -10.51 14.22
N GLU E 144 59.71 -10.46 13.18
CA GLU E 144 58.74 -11.50 12.92
C GLU E 144 59.29 -12.92 12.95
N GLU E 145 60.46 -13.12 12.37
CA GLU E 145 61.16 -14.39 12.59
C GLU E 145 62.25 -15.18 13.30
N SER E 146 63.49 -14.86 12.96
CA SER E 146 64.78 -15.33 13.43
C SER E 146 64.75 -15.99 14.80
N GLN E 147 64.59 -15.12 15.80
CA GLN E 147 64.52 -15.50 17.22
C GLN E 147 63.30 -16.34 17.54
N ASN E 148 62.12 -15.81 17.25
CA ASN E 148 60.88 -16.57 17.35
C ASN E 148 60.96 -18.00 16.84
N GLN E 149 61.70 -18.19 15.75
CA GLN E 149 61.94 -19.52 15.19
C GLN E 149 62.93 -20.29 16.05
N GLN E 150 64.14 -19.75 16.15
CA GLN E 150 65.20 -20.39 16.89
C GLN E 150 65.26 -20.53 18.40
N GLU E 151 64.68 -19.57 19.11
CA GLU E 151 64.60 -19.53 20.55
C GLU E 151 63.91 -20.90 20.95
N LYS E 152 62.87 -21.22 20.17
CA LYS E 152 62.08 -22.44 20.26
C LYS E 152 62.77 -23.60 19.56
N ASN E 153 62.32 -24.85 19.79
CA ASN E 153 62.96 -26.06 19.21
C ASN E 153 64.02 -26.41 20.24
N GLU E 154 64.90 -25.42 20.29
CA GLU E 154 66.04 -25.29 21.19
C GLU E 154 65.63 -25.63 22.61
N GLN E 155 64.55 -24.98 23.03
CA GLN E 155 63.96 -25.15 24.36
C GLN E 155 63.41 -26.53 24.52
N ASP E 156 62.77 -27.00 23.45
CA ASP E 156 62.19 -28.33 23.43
C ASP E 156 63.34 -29.28 23.62
N LEU E 157 64.47 -28.97 23.01
CA LEU E 157 65.63 -29.82 23.13
C LEU E 157 66.17 -29.66 24.53
N LEU E 158 66.13 -28.47 25.13
CA LEU E 158 66.60 -28.44 26.52
C LEU E 158 65.68 -29.23 27.45
N ALA E 159 64.44 -29.45 27.01
CA ALA E 159 63.49 -30.22 27.82
C ALA E 159 63.70 -31.72 27.69
N LEU E 160 64.68 -32.13 26.91
CA LEU E 160 64.94 -33.56 26.70
C LEU E 160 65.19 -34.26 28.02
N ASP E 161 65.91 -33.59 28.92
CA ASP E 161 66.19 -34.14 30.24
C ASP E 161 65.66 -33.22 31.33
N VAL F 15 61.83 -22.28 5.00
CA VAL F 15 61.30 -21.85 3.71
C VAL F 15 59.84 -21.40 3.83
N PHE F 16 59.55 -20.19 3.34
CA PHE F 16 58.20 -19.69 3.37
C PHE F 16 57.35 -20.50 2.39
N LEU F 17 56.26 -21.07 2.87
CA LEU F 17 55.42 -21.90 2.02
C LEU F 17 54.20 -21.09 1.60
N GLY F 18 53.58 -20.43 2.57
CA GLY F 18 52.39 -19.65 2.31
C GLY F 18 51.30 -20.09 3.26
N PHE F 19 50.17 -19.37 3.23
CA PHE F 19 49.08 -19.65 4.15
C PHE F 19 48.57 -21.08 3.97
N LEU F 20 48.67 -21.87 5.04
CA LEU F 20 48.26 -23.28 5.03
C LEU F 20 49.14 -24.12 4.11
N GLY F 21 50.35 -23.64 3.84
CA GLY F 21 51.26 -24.29 2.93
C GLY F 21 51.73 -25.67 3.36
N ALA F 22 51.62 -25.95 4.66
CA ALA F 22 52.03 -27.24 5.19
C ALA F 22 50.83 -28.12 5.52
N ALA F 23 49.65 -27.69 5.10
CA ALA F 23 48.41 -28.39 5.44
C ALA F 23 48.48 -29.85 4.98
N GLY F 24 49.15 -30.08 3.85
CA GLY F 24 49.26 -31.42 3.29
C GLY F 24 50.57 -32.07 3.68
N SER F 25 50.83 -32.13 4.99
CA SER F 25 52.01 -32.80 5.50
C SER F 25 51.75 -33.39 6.88
N THR F 26 52.70 -34.17 7.38
CA THR F 26 52.57 -34.79 8.69
C THR F 26 52.55 -33.74 9.79
N MET F 27 51.92 -34.06 10.92
CA MET F 27 51.75 -33.12 12.01
C MET F 27 53.09 -32.59 12.51
N GLY F 28 54.09 -33.47 12.52
CA GLY F 28 55.44 -33.07 12.88
C GLY F 28 55.96 -32.02 11.92
N ALA F 29 55.84 -32.29 10.62
CA ALA F 29 56.31 -31.37 9.60
C ALA F 29 55.57 -30.05 9.67
N ALA F 30 54.24 -30.13 9.83
CA ALA F 30 53.39 -28.95 9.80
C ALA F 30 53.73 -27.99 10.94
N SER F 31 54.19 -28.53 12.06
CA SER F 31 54.45 -27.72 13.25
C SER F 31 55.56 -26.72 12.99
N MET F 32 56.32 -26.94 11.92
CA MET F 32 57.46 -26.09 11.60
C MET F 32 57.00 -24.66 11.36
N THR F 33 55.84 -24.52 10.72
CA THR F 33 55.39 -23.24 10.20
C THR F 33 53.98 -22.90 10.66
N LEU F 34 53.74 -22.99 11.96
CA LEU F 34 52.43 -22.66 12.53
C LEU F 34 52.13 -21.16 12.50
N THR F 35 53.18 -20.35 12.59
CA THR F 35 53.03 -18.90 12.62
C THR F 35 52.51 -18.35 11.29
N VAL F 36 53.03 -18.86 10.19
CA VAL F 36 52.54 -18.48 8.87
C VAL F 36 51.03 -18.56 8.79
N GLN F 37 50.45 -19.55 9.46
CA GLN F 37 48.99 -19.64 9.57
C GLN F 37 48.46 -18.67 10.62
N ALA F 38 49.15 -18.60 11.76
CA ALA F 38 48.65 -17.87 12.91
C ALA F 38 48.27 -16.43 12.54
N ARG F 39 49.14 -15.80 11.75
CA ARG F 39 48.97 -14.39 11.40
C ARG F 39 47.59 -14.13 10.81
N ASN F 40 47.12 -15.01 9.95
CA ASN F 40 45.92 -14.77 9.16
C ASN F 40 44.68 -15.41 9.78
N LEU F 41 44.81 -15.85 11.03
CA LEU F 41 43.70 -16.41 11.75
C LEU F 41 42.86 -15.22 12.18
N LEU F 42 43.51 -14.06 12.34
CA LEU F 42 42.79 -12.82 12.63
C LEU F 42 43.03 -11.80 11.53
N SER F 43 44.19 -11.87 10.88
CA SER F 43 44.37 -11.22 9.59
C SER F 43 44.50 -9.72 9.81
N GLY F 44 43.39 -9.04 10.10
CA GLY F 44 43.43 -7.60 10.26
C GLY F 44 43.37 -6.95 8.90
N ILE F 45 43.85 -5.72 8.83
CA ILE F 45 43.75 -4.90 7.63
C ILE F 45 42.32 -4.75 7.11
N VAL F 46 42.03 -5.42 6.01
CA VAL F 46 40.71 -5.35 5.36
C VAL F 46 40.44 -3.93 4.84
N GLN F 47 40.31 -2.99 5.75
CA GLN F 47 40.10 -1.60 5.38
C GLN F 47 38.72 -1.37 4.79
N LEU F 63 23.91 7.76 0.55
CA LEU F 63 23.16 6.54 0.85
C LEU F 63 23.84 5.72 1.94
N LYS F 64 23.11 5.45 3.02
CA LYS F 64 23.64 4.68 4.14
C LYS F 64 23.24 3.20 4.10
N LEU F 65 23.49 2.50 5.19
CA LEU F 65 23.28 1.05 5.25
C LEU F 65 23.89 0.42 3.99
N THR F 66 22.99 0.02 3.10
CA THR F 66 23.35 -0.55 1.81
C THR F 66 23.78 -1.98 2.04
N VAL F 67 23.66 -2.83 1.03
CA VAL F 67 24.12 -4.21 1.15
C VAL F 67 25.61 -4.16 1.41
N TRP F 68 26.10 -5.04 2.26
CA TRP F 68 27.51 -5.04 2.58
C TRP F 68 27.72 -4.04 3.72
N GLY F 69 26.78 -3.09 3.86
CA GLY F 69 26.96 -2.06 4.86
C GLY F 69 27.05 -2.59 6.27
N ILE F 70 26.31 -3.66 6.55
CA ILE F 70 26.34 -4.28 7.87
C ILE F 70 26.83 -5.71 7.80
N LYS F 71 27.41 -6.08 6.68
CA LYS F 71 27.76 -7.47 6.44
C LYS F 71 29.26 -7.48 6.70
N GLN F 72 29.95 -6.47 6.19
CA GLN F 72 31.39 -6.32 6.38
C GLN F 72 31.40 -6.05 7.87
N LEU F 73 30.45 -5.27 8.35
CA LEU F 73 30.47 -5.03 9.80
C LEU F 73 30.41 -6.36 10.55
N GLN F 74 29.33 -7.10 10.34
CA GLN F 74 29.09 -8.33 11.08
C GLN F 74 30.27 -9.29 10.98
N ALA F 75 30.76 -9.49 9.75
CA ALA F 75 31.81 -10.45 9.48
C ALA F 75 33.09 -10.12 10.25
N ARG F 76 33.48 -8.84 10.20
CA ARG F 76 34.71 -8.38 10.84
C ARG F 76 34.63 -8.51 12.34
N VAL F 77 33.42 -8.36 12.87
CA VAL F 77 33.16 -8.56 14.29
C VAL F 77 33.37 -10.04 14.61
N LEU F 78 32.71 -10.89 13.83
CA LEU F 78 32.69 -12.32 14.08
C LEU F 78 34.11 -12.88 14.06
N ALA F 79 34.95 -12.30 13.22
CA ALA F 79 36.37 -12.64 13.18
C ALA F 79 37.05 -12.39 14.53
N VAL F 80 36.82 -11.21 15.10
CA VAL F 80 37.41 -10.88 16.40
C VAL F 80 36.94 -11.85 17.48
N GLU F 81 35.63 -12.05 17.57
CA GLU F 81 35.08 -12.98 18.57
C GLU F 81 35.66 -14.38 18.31
N ARG F 82 35.53 -14.83 17.07
CA ARG F 82 36.01 -16.14 16.72
C ARG F 82 37.41 -16.37 17.27
N TYR F 83 38.28 -15.37 17.10
CA TYR F 83 39.65 -15.47 17.57
C TYR F 83 39.72 -15.59 19.09
N LEU F 84 39.24 -14.58 19.78
CA LEU F 84 39.44 -14.46 21.22
C LEU F 84 38.77 -15.60 21.99
N ARG F 85 37.61 -16.04 21.53
CA ARG F 85 36.94 -17.15 22.21
C ARG F 85 37.91 -18.29 22.54
N ASP F 86 38.82 -18.63 21.63
CA ASP F 86 39.72 -19.74 21.87
C ASP F 86 41.02 -19.26 22.51
N GLN F 87 41.43 -18.03 22.16
CA GLN F 87 42.62 -17.43 22.73
C GLN F 87 42.51 -17.35 24.25
N GLN F 88 41.30 -17.16 24.75
CA GLN F 88 41.13 -16.97 26.18
C GLN F 88 41.40 -18.32 26.82
N LEU F 89 41.03 -19.38 26.11
CA LEU F 89 41.20 -20.72 26.65
C LEU F 89 42.69 -21.00 26.85
N LEU F 90 43.50 -20.51 25.92
CA LEU F 90 44.95 -20.63 26.00
C LEU F 90 45.50 -19.73 27.10
N GLY F 91 44.83 -18.60 27.33
CA GLY F 91 45.07 -17.80 28.52
C GLY F 91 44.81 -18.53 29.82
N ILE F 92 43.68 -19.23 29.89
CA ILE F 92 43.37 -20.05 31.07
C ILE F 92 44.34 -21.21 31.21
N TRP F 93 44.59 -21.90 30.11
CA TRP F 93 45.53 -23.03 30.11
C TRP F 93 46.95 -22.50 30.18
N GLY F 94 47.50 -22.41 31.38
CA GLY F 94 48.64 -21.54 31.62
C GLY F 94 49.72 -21.76 30.60
N CYS F 95 49.61 -21.07 29.46
CA CYS F 95 50.68 -21.04 28.48
C CYS F 95 50.92 -19.65 27.90
N SER F 96 49.94 -19.14 27.17
CA SER F 96 49.98 -17.79 26.60
C SER F 96 51.00 -17.71 25.48
N GLY F 97 52.25 -18.08 25.78
CA GLY F 97 53.27 -18.23 24.77
C GLY F 97 52.93 -19.43 23.91
N LYS F 98 51.94 -19.25 23.03
CA LYS F 98 51.25 -20.37 22.40
C LYS F 98 51.93 -20.89 21.14
N LEU F 99 51.11 -21.36 20.20
CA LEU F 99 51.51 -22.31 19.17
C LEU F 99 51.85 -23.69 19.76
N ILE F 100 52.70 -23.72 20.76
CA ILE F 100 53.00 -24.98 21.45
C ILE F 100 53.44 -24.77 22.90
N CYS F 101 52.95 -25.62 23.78
CA CYS F 101 53.35 -25.63 25.19
C CYS F 101 52.99 -26.98 25.80
N CYS F 102 53.70 -27.36 26.86
CA CYS F 102 53.44 -28.61 27.54
C CYS F 102 52.49 -28.42 28.72
N THR F 103 51.96 -29.52 29.24
CA THR F 103 51.16 -29.48 30.45
C THR F 103 51.66 -30.51 31.46
N ASN F 104 50.97 -30.62 32.60
CA ASN F 104 51.19 -31.73 33.51
C ASN F 104 50.00 -32.68 33.56
N VAL F 105 49.30 -32.81 32.44
CA VAL F 105 48.23 -33.78 32.30
C VAL F 105 48.66 -34.97 31.44
N PRO F 106 48.65 -36.18 32.01
CA PRO F 106 49.05 -37.39 31.29
C PRO F 106 48.00 -37.81 30.27
N TRP F 107 48.45 -38.39 29.16
CA TRP F 107 47.54 -38.81 28.09
C TRP F 107 46.89 -40.15 28.41
N ASN F 108 45.56 -40.17 28.41
CA ASN F 108 44.82 -41.41 28.63
C ASN F 108 44.84 -42.27 27.38
N SER F 109 45.21 -43.55 27.56
CA SER F 109 45.46 -44.44 26.43
C SER F 109 44.21 -44.73 25.61
N SER F 110 43.04 -44.52 26.22
CA SER F 110 41.77 -44.73 25.53
C SER F 110 41.55 -43.73 24.41
N TRP F 111 42.31 -42.62 24.44
CA TRP F 111 42.20 -41.57 23.44
C TRP F 111 43.06 -41.89 22.22
N SER F 112 42.64 -42.90 21.46
CA SER F 112 43.38 -43.35 20.27
C SER F 112 44.79 -43.81 20.63
N ASN F 113 44.93 -45.09 20.95
CA ASN F 113 46.22 -45.64 21.35
C ASN F 113 47.13 -45.98 20.16
N ARG F 114 47.93 -45.00 19.77
CA ARG F 114 48.90 -45.18 18.69
C ARG F 114 50.29 -44.80 19.19
N ASN F 115 51.31 -45.20 18.44
CA ASN F 115 52.68 -44.86 18.77
C ASN F 115 53.01 -43.52 18.13
N LEU F 116 54.09 -42.88 18.61
CA LEU F 116 54.48 -41.56 18.12
C LEU F 116 54.80 -41.54 16.63
N SER F 117 55.52 -42.56 16.18
CA SER F 117 55.82 -42.72 14.76
C SER F 117 54.55 -43.04 13.95
N GLU F 118 53.59 -43.66 14.60
CA GLU F 118 52.29 -43.93 13.97
C GLU F 118 51.41 -42.68 13.91
N ILE F 119 51.69 -41.76 14.83
CA ILE F 119 51.01 -40.48 14.89
C ILE F 119 51.77 -39.36 14.18
N TRP F 120 52.80 -38.85 14.83
CA TRP F 120 53.55 -37.68 14.36
C TRP F 120 54.29 -37.79 13.02
N ASP F 121 54.80 -38.97 12.71
CA ASP F 121 55.54 -39.21 11.48
C ASP F 121 54.72 -39.87 10.39
N ASN F 122 53.43 -40.08 10.66
CA ASN F 122 52.58 -40.79 9.70
C ASN F 122 51.12 -40.38 9.83
N MET F 123 50.85 -39.08 9.91
CA MET F 123 49.49 -38.60 10.01
C MET F 123 49.40 -37.08 9.94
N THR F 124 48.43 -36.60 9.17
CA THR F 124 48.18 -35.17 9.06
C THR F 124 47.28 -34.70 10.20
N TRP F 125 47.20 -33.38 10.39
CA TRP F 125 46.36 -32.82 11.45
C TRP F 125 44.88 -33.10 11.22
N LEU F 126 44.47 -33.09 9.95
CA LEU F 126 43.09 -33.37 9.59
C LEU F 126 42.73 -34.81 9.96
N GLN F 127 43.63 -35.73 9.65
CA GLN F 127 43.46 -37.13 9.99
C GLN F 127 43.42 -37.33 11.50
N TRP F 128 44.26 -36.57 12.20
CA TRP F 128 44.28 -36.59 13.66
C TRP F 128 42.93 -36.24 14.27
N ASP F 129 42.39 -35.10 13.87
CA ASP F 129 41.10 -34.63 14.37
C ASP F 129 40.00 -35.66 14.09
N LYS F 130 40.05 -36.27 12.92
CA LYS F 130 39.08 -37.30 12.54
C LYS F 130 38.81 -38.27 13.70
N GLU F 131 39.87 -38.60 14.44
CA GLU F 131 39.73 -39.51 15.58
C GLU F 131 39.54 -38.78 16.91
N ILE F 132 40.49 -37.91 17.24
CA ILE F 132 40.59 -37.36 18.59
C ILE F 132 39.42 -36.43 18.91
N SER F 133 38.77 -35.91 17.86
CA SER F 133 37.63 -35.02 18.02
C SER F 133 36.57 -35.59 18.94
N ASN F 134 36.51 -36.91 19.00
CA ASN F 134 35.57 -37.61 19.88
C ASN F 134 35.72 -37.29 21.37
N TYR F 135 36.93 -36.91 21.77
CA TYR F 135 37.19 -36.66 23.19
C TYR F 135 37.52 -35.20 23.48
N THR F 136 37.14 -34.31 22.56
CA THR F 136 37.53 -32.90 22.65
C THR F 136 37.19 -32.30 24.01
N GLN F 137 35.92 -32.27 24.35
CA GLN F 137 35.47 -31.62 25.57
C GLN F 137 36.02 -32.33 26.79
N ILE F 138 36.13 -33.65 26.68
CA ILE F 138 36.68 -34.50 27.73
C ILE F 138 38.11 -34.12 28.10
N ILE F 139 38.95 -33.95 27.09
CA ILE F 139 40.32 -33.52 27.32
C ILE F 139 40.38 -32.09 27.84
N TYR F 140 39.53 -31.23 27.27
CA TYR F 140 39.43 -29.83 27.70
C TYR F 140 39.17 -29.72 29.20
N GLY F 141 38.37 -30.63 29.73
CA GLY F 141 38.10 -30.69 31.15
C GLY F 141 39.36 -30.58 31.98
N LEU F 142 40.32 -31.48 31.73
CA LEU F 142 41.56 -31.52 32.50
C LEU F 142 42.47 -30.34 32.16
N LEU F 143 42.45 -29.91 30.92
CA LEU F 143 43.23 -28.75 30.49
C LEU F 143 42.73 -27.46 31.13
N GLU F 144 41.43 -27.21 31.01
CA GLU F 144 40.75 -26.19 31.79
C GLU F 144 41.04 -26.23 33.28
N GLU F 145 41.06 -27.41 33.86
CA GLU F 145 41.58 -27.53 35.23
C GLU F 145 42.72 -27.92 36.16
N SER F 146 42.97 -29.22 36.24
CA SER F 146 43.99 -29.97 36.97
C SER F 146 45.20 -29.15 37.39
N GLN F 147 46.01 -28.83 36.39
CA GLN F 147 47.23 -28.04 36.52
C GLN F 147 46.97 -26.61 36.96
N ASN F 148 46.16 -25.90 36.19
CA ASN F 148 45.69 -24.58 36.57
C ASN F 148 45.28 -24.44 38.03
N GLN F 149 44.65 -25.49 38.57
CA GLN F 149 44.26 -25.53 39.97
C GLN F 149 45.49 -25.77 40.84
N GLN F 150 46.11 -26.92 40.64
CA GLN F 150 47.27 -27.30 41.42
C GLN F 150 48.65 -26.67 41.36
N GLU F 151 49.01 -26.15 40.19
CA GLU F 151 50.26 -25.47 39.94
C GLU F 151 50.29 -24.31 41.00
N LYS F 152 49.13 -23.66 41.13
CA LYS F 152 48.85 -22.58 42.09
C LYS F 152 48.54 -23.14 43.48
N ASN F 153 48.54 -22.28 44.53
CA ASN F 153 48.33 -22.72 45.93
C ASN F 153 49.72 -23.07 46.40
N GLU F 154 50.18 -24.09 45.68
CA GLU F 154 51.49 -24.70 45.73
C GLU F 154 52.58 -23.63 45.74
N GLN F 155 52.46 -22.71 44.78
CA GLN F 155 53.38 -21.59 44.60
C GLN F 155 53.26 -20.64 45.77
N ASP F 156 52.03 -20.42 46.20
CA ASP F 156 51.75 -19.54 47.31
C ASP F 156 52.44 -20.16 48.50
N LEU F 157 52.40 -21.48 48.57
CA LEU F 157 53.04 -22.17 49.67
C LEU F 157 54.55 -22.06 49.47
N LEU F 158 55.06 -22.11 48.24
CA LEU F 158 56.50 -21.91 48.14
C LEU F 158 56.91 -20.50 48.52
N ALA F 159 55.96 -19.56 48.47
CA ALA F 159 56.24 -18.18 48.84
C ALA F 159 56.24 -17.97 50.36
N LEU F 160 55.99 -19.03 51.11
CA LEU F 160 55.92 -18.91 52.57
C LEU F 160 57.22 -18.34 53.12
N ASP F 161 58.34 -18.76 52.54
CA ASP F 161 59.64 -18.26 52.96
C ASP F 161 60.37 -17.60 51.79
N GLN G 24 -38.45 7.35 -35.13
CA GLN G 24 -39.77 8.06 -35.08
C GLN G 24 -40.62 7.61 -33.89
N VAL G 25 -40.09 7.88 -32.69
CA VAL G 25 -40.84 7.74 -31.44
C VAL G 25 -42.15 8.53 -31.54
N GLN G 26 -43.21 7.99 -30.96
CA GLN G 26 -44.47 8.72 -30.86
C GLN G 26 -44.79 8.99 -29.39
N LEU G 27 -45.15 10.23 -29.11
CA LEU G 27 -45.56 10.64 -27.77
C LEU G 27 -47.08 10.75 -27.70
N VAL G 28 -47.65 10.18 -26.63
CA VAL G 28 -49.08 10.27 -26.37
C VAL G 28 -49.29 11.11 -25.11
N GLN G 29 -50.17 12.11 -25.21
CA GLN G 29 -50.46 13.01 -24.09
C GLN G 29 -51.89 12.84 -23.57
N SER G 30 -52.13 13.19 -22.32
CA SER G 30 -53.46 13.09 -21.75
C SER G 30 -54.40 14.11 -22.40
N GLY G 31 -55.70 13.92 -22.20
CA GLY G 31 -56.71 14.69 -22.95
C GLY G 31 -56.87 16.11 -22.46
N ALA G 32 -57.55 16.93 -23.26
CA ALA G 32 -57.82 18.34 -22.92
C ALA G 32 -58.55 18.43 -21.59
N GLU G 33 -58.27 19.49 -20.84
CA GLU G 33 -58.92 19.71 -19.56
C GLU G 33 -59.36 21.14 -19.42
N VAL G 34 -60.44 21.33 -18.68
CA VAL G 34 -60.90 22.64 -18.24
C VAL G 34 -60.75 22.69 -16.71
N LYS G 35 -60.13 23.75 -16.22
CA LYS G 35 -59.88 23.88 -14.79
C LYS G 35 -60.28 25.26 -14.31
N LYS G 36 -60.80 25.31 -13.09
CA LYS G 36 -61.12 26.58 -12.44
C LYS G 36 -59.86 27.33 -12.06
N PRO G 37 -59.88 28.68 -12.15
CA PRO G 37 -58.82 29.51 -11.59
C PRO G 37 -58.56 29.09 -10.14
N GLY G 38 -57.29 28.91 -9.77
CA GLY G 38 -56.96 28.52 -8.41
C GLY G 38 -56.70 27.03 -8.22
N SER G 39 -57.11 26.19 -9.18
CA SER G 39 -56.85 24.76 -9.06
C SER G 39 -55.53 24.35 -9.70
N SER G 40 -55.37 23.05 -9.92
CA SER G 40 -54.15 22.50 -10.47
C SER G 40 -54.44 21.43 -11.51
N VAL G 41 -53.55 21.34 -12.50
CA VAL G 41 -53.62 20.30 -13.54
C VAL G 41 -52.40 19.42 -13.44
N LYS G 42 -52.59 18.13 -13.70
CA LYS G 42 -51.49 17.18 -13.84
C LYS G 42 -51.59 16.53 -15.23
N VAL G 43 -50.67 16.91 -16.11
CA VAL G 43 -50.63 16.40 -17.49
C VAL G 43 -49.69 15.21 -17.54
N SER G 44 -50.04 14.19 -18.31
CA SER G 44 -49.18 13.02 -18.46
C SER G 44 -48.76 12.77 -19.90
N CYS G 45 -47.69 12.02 -20.06
CA CYS G 45 -47.13 11.76 -21.36
C CYS G 45 -46.47 10.39 -21.36
N LYS G 46 -46.72 9.62 -22.41
CA LYS G 46 -46.03 8.35 -22.64
C LYS G 46 -45.32 8.40 -23.99
N ALA G 47 -44.22 7.65 -24.08
CA ALA G 47 -43.45 7.57 -25.32
C ALA G 47 -43.42 6.12 -25.76
N SER G 48 -43.64 5.89 -27.05
CA SER G 48 -43.55 4.54 -27.60
C SER G 48 -42.18 3.93 -27.28
N GLY G 49 -42.17 2.63 -27.01
CA GLY G 49 -40.94 1.90 -26.70
C GLY G 49 -40.28 2.35 -25.41
N ASN G 50 -41.07 2.99 -24.55
CA ASN G 50 -40.58 3.49 -23.27
C ASN G 50 -39.36 4.39 -23.43
N SER G 51 -39.42 5.27 -24.41
CA SER G 51 -38.28 6.10 -24.81
C SER G 51 -37.83 7.16 -23.79
N PHE G 52 -38.67 7.51 -22.82
CA PHE G 52 -38.23 8.46 -21.79
C PHE G 52 -37.13 7.89 -20.88
N SER G 53 -36.90 6.57 -20.98
CA SER G 53 -35.76 5.94 -20.32
C SER G 53 -34.44 6.42 -20.92
N ASN G 54 -34.46 6.77 -22.21
CA ASN G 54 -33.22 6.95 -22.96
C ASN G 54 -33.09 8.32 -23.60
N HIS G 55 -34.18 9.09 -23.54
CA HIS G 55 -34.24 10.43 -24.09
C HIS G 55 -34.88 11.41 -23.10
N ASP G 56 -34.22 12.54 -22.88
CA ASP G 56 -34.64 13.59 -21.96
C ASP G 56 -36.06 14.10 -22.30
N VAL G 57 -36.90 14.35 -21.30
CA VAL G 57 -38.24 14.93 -21.49
C VAL G 57 -38.18 16.43 -21.28
N HIS G 58 -38.86 17.20 -22.10
CA HIS G 58 -39.08 18.63 -21.92
C HIS G 58 -40.57 18.92 -21.94
N TRP G 59 -40.93 20.03 -21.29
CA TRP G 59 -42.26 20.58 -21.31
C TRP G 59 -42.18 21.98 -21.84
N VAL G 60 -42.99 22.24 -22.86
CA VAL G 60 -43.10 23.57 -23.45
C VAL G 60 -44.57 23.90 -23.56
N ARG G 61 -44.96 25.14 -23.23
CA ARG G 61 -46.33 25.57 -23.44
C ARG G 61 -46.42 26.73 -24.42
N GLN G 62 -47.62 26.94 -24.95
CA GLN G 62 -47.85 28.03 -25.87
C GLN G 62 -49.32 28.43 -25.80
N ALA G 63 -49.57 29.68 -25.42
CA ALA G 63 -50.91 30.25 -25.46
C ALA G 63 -51.28 30.69 -26.89
N THR G 64 -52.57 30.64 -27.21
CA THR G 64 -53.04 31.00 -28.52
C THR G 64 -52.46 32.33 -28.99
N GLY G 65 -51.81 32.31 -30.15
CA GLY G 65 -51.25 33.52 -30.76
C GLY G 65 -49.98 34.03 -30.11
N GLN G 66 -49.40 33.25 -29.19
CA GLN G 66 -48.22 33.72 -28.46
C GLN G 66 -47.02 32.79 -28.68
N GLY G 67 -45.88 33.16 -28.12
CA GLY G 67 -44.64 32.44 -28.35
C GLY G 67 -44.49 31.13 -27.58
N LEU G 68 -43.43 30.41 -27.88
CA LEU G 68 -43.07 29.19 -27.16
C LEU G 68 -42.46 29.53 -25.81
N GLU G 69 -42.88 28.80 -24.79
CA GLU G 69 -42.35 29.02 -23.48
C GLU G 69 -41.87 27.72 -22.86
N TRP G 70 -40.55 27.64 -22.65
CA TRP G 70 -39.96 26.45 -22.06
C TRP G 70 -40.32 26.37 -20.58
N MET G 71 -40.81 25.21 -20.14
CA MET G 71 -41.28 25.06 -18.76
C MET G 71 -40.28 24.38 -17.85
N GLY G 72 -39.80 23.20 -18.27
CA GLY G 72 -38.86 22.42 -17.48
C GLY G 72 -38.47 21.16 -18.24
N TRP G 73 -37.64 20.35 -17.61
CA TRP G 73 -37.17 19.11 -18.20
C TRP G 73 -36.79 18.13 -17.10
N MET G 74 -36.58 16.88 -17.51
CA MET G 74 -35.87 15.90 -16.71
C MET G 74 -34.94 15.11 -17.62
N SER G 75 -33.71 14.90 -17.16
CA SER G 75 -32.77 14.01 -17.84
C SER G 75 -33.34 12.59 -17.91
N HIS G 76 -33.05 11.85 -18.97
CA HIS G 76 -33.47 10.44 -19.04
C HIS G 76 -32.76 9.54 -18.03
N GLU G 77 -31.57 9.95 -17.58
CA GLU G 77 -30.89 9.33 -16.43
C GLU G 77 -31.70 9.45 -15.13
N GLY G 78 -32.60 10.43 -15.03
CA GLY G 78 -33.42 10.67 -13.84
C GLY G 78 -32.65 11.34 -12.69
N ASP G 79 -31.49 11.95 -12.98
CA ASP G 79 -30.58 12.57 -12.01
C ASP G 79 -30.59 14.12 -12.05
N LYS G 80 -31.40 14.69 -12.93
CA LYS G 80 -31.52 16.13 -13.15
C LYS G 80 -32.94 16.50 -13.51
N THR G 81 -33.44 17.54 -12.87
CA THR G 81 -34.65 18.25 -13.23
C THR G 81 -34.34 19.74 -13.17
N GLY G 82 -35.00 20.54 -14.01
CA GLY G 82 -34.95 22.00 -13.92
C GLY G 82 -36.25 22.61 -14.42
N LEU G 83 -36.51 23.85 -14.00
CA LEU G 83 -37.72 24.60 -14.36
C LEU G 83 -37.35 26.01 -14.81
N ALA G 84 -38.24 26.65 -15.56
CA ALA G 84 -38.10 28.09 -15.81
C ALA G 84 -38.29 28.87 -14.51
N GLN G 85 -37.73 30.08 -14.45
CA GLN G 85 -37.91 30.96 -13.29
C GLN G 85 -39.40 31.16 -12.95
N LYS G 86 -40.21 31.44 -13.97
CA LYS G 86 -41.66 31.62 -13.79
C LYS G 86 -42.41 30.44 -13.14
N PHE G 87 -41.86 29.23 -13.20
CA PHE G 87 -42.58 28.07 -12.68
C PHE G 87 -42.01 27.54 -11.37
N GLN G 88 -41.02 28.28 -10.87
CA GLN G 88 -40.39 27.99 -9.61
C GLN G 88 -41.46 28.08 -8.51
N GLY G 89 -41.70 26.96 -7.82
CA GLY G 89 -42.78 26.88 -6.83
C GLY G 89 -44.15 26.54 -7.40
N ARG G 90 -44.31 26.51 -8.72
CA ARG G 90 -45.60 26.26 -9.38
C ARG G 90 -45.70 24.85 -9.98
N VAL G 91 -44.57 24.33 -10.44
CA VAL G 91 -44.55 23.13 -11.27
C VAL G 91 -43.81 21.95 -10.59
N THR G 92 -44.34 20.74 -10.74
CA THR G 92 -43.59 19.47 -10.44
C THR G 92 -43.52 18.59 -11.67
N ILE G 93 -42.31 18.19 -12.03
CA ILE G 93 -42.12 17.23 -13.10
C ILE G 93 -41.63 15.93 -12.49
N THR G 94 -42.38 14.85 -12.75
CA THR G 94 -42.06 13.55 -12.18
C THR G 94 -42.26 12.46 -13.22
N ARG G 95 -41.77 11.27 -12.91
CA ARG G 95 -42.03 10.09 -13.73
C ARG G 95 -42.22 8.85 -12.86
N ASP G 96 -43.06 7.90 -13.31
CA ASP G 96 -43.16 6.58 -12.68
C ASP G 96 -41.85 5.83 -12.81
N SER G 97 -41.70 4.74 -12.05
CA SER G 97 -40.55 3.86 -12.14
C SER G 97 -40.46 3.26 -13.54
N GLY G 98 -39.23 2.97 -13.99
CA GLY G 98 -39.01 2.52 -15.35
C GLY G 98 -39.33 3.58 -16.39
N ALA G 99 -39.56 4.81 -15.93
CA ALA G 99 -39.88 5.98 -16.76
C ALA G 99 -41.01 5.75 -17.78
N SER G 100 -42.03 4.98 -17.37
CA SER G 100 -43.09 4.59 -18.28
C SER G 100 -44.04 5.74 -18.61
N THR G 101 -44.26 6.64 -17.65
CA THR G 101 -45.10 7.81 -17.86
C THR G 101 -44.41 9.01 -17.22
N VAL G 102 -44.52 10.16 -17.86
CA VAL G 102 -43.98 11.40 -17.35
C VAL G 102 -45.13 12.35 -17.07
N TYR G 103 -45.00 13.15 -16.01
CA TYR G 103 -46.06 14.03 -15.55
C TYR G 103 -45.56 15.43 -15.30
N MET G 104 -46.45 16.39 -15.55
CA MET G 104 -46.17 17.79 -15.24
C MET G 104 -47.40 18.36 -14.53
N GLU G 105 -47.19 18.78 -13.29
CA GLU G 105 -48.24 19.37 -12.50
C GLU G 105 -48.01 20.87 -12.33
N LEU G 106 -49.02 21.62 -12.72
CA LEU G 106 -49.01 23.08 -12.57
C LEU G 106 -50.12 23.47 -11.61
N ARG G 107 -49.77 24.20 -10.56
CA ARG G 107 -50.78 24.63 -9.58
C ARG G 107 -51.04 26.14 -9.59
N GLY G 108 -52.10 26.57 -8.91
CA GLY G 108 -52.49 27.97 -8.82
C GLY G 108 -52.83 28.59 -10.18
N LEU G 109 -53.59 27.86 -10.98
CA LEU G 109 -53.93 28.25 -12.34
C LEU G 109 -54.69 29.58 -12.39
N THR G 110 -54.37 30.38 -13.41
CA THR G 110 -55.11 31.59 -13.74
C THR G 110 -55.37 31.53 -15.23
N ALA G 111 -56.16 32.47 -15.74
CA ALA G 111 -56.41 32.59 -17.17
C ALA G 111 -55.11 32.67 -17.99
N ASP G 112 -54.05 33.18 -17.39
CA ASP G 112 -52.73 33.25 -18.04
C ASP G 112 -52.14 31.88 -18.35
N ASP G 113 -52.64 30.85 -17.68
CA ASP G 113 -52.13 29.51 -17.86
C ASP G 113 -52.89 28.73 -18.93
N THR G 114 -53.93 29.35 -19.47
CA THR G 114 -54.67 28.79 -20.61
C THR G 114 -53.72 28.69 -21.78
N ALA G 115 -53.45 27.45 -22.20
CA ALA G 115 -52.47 27.20 -23.25
C ALA G 115 -52.55 25.76 -23.70
N ILE G 116 -51.78 25.44 -24.73
CA ILE G 116 -51.50 24.04 -25.09
C ILE G 116 -50.17 23.65 -24.45
N TYR G 117 -50.19 22.54 -23.72
CA TYR G 117 -49.01 22.06 -23.01
C TYR G 117 -48.40 20.89 -23.78
N TYR G 118 -47.14 21.06 -24.19
CA TYR G 118 -46.46 20.04 -24.99
C TYR G 118 -45.43 19.29 -24.21
N CYS G 119 -45.42 17.99 -24.44
CA CYS G 119 -44.41 17.08 -23.99
C CYS G 119 -43.47 16.81 -25.15
N LEU G 120 -42.17 16.72 -24.89
CA LEU G 120 -41.24 16.53 -25.99
C LEU G 120 -39.90 16.06 -25.46
N THR G 121 -39.04 15.64 -26.38
CA THR G 121 -37.73 15.08 -26.05
C THR G 121 -36.63 15.94 -26.64
N GLY G 122 -35.40 15.59 -26.29
CA GLY G 122 -34.25 16.33 -26.77
C GLY G 122 -32.97 15.69 -26.27
N SER G 123 -31.88 16.07 -26.92
CA SER G 123 -30.55 15.55 -26.58
C SER G 123 -29.80 16.57 -25.72
N LYS G 124 -28.75 16.09 -25.07
CA LYS G 124 -27.92 16.92 -24.21
C LYS G 124 -26.46 16.50 -24.34
N HIS G 125 -25.57 17.46 -24.14
CA HIS G 125 -24.13 17.23 -24.19
C HIS G 125 -23.58 17.51 -22.79
N ARG G 126 -23.54 16.47 -21.96
CA ARG G 126 -23.04 16.58 -20.59
C ARG G 126 -21.53 16.78 -20.63
N LEU G 127 -21.13 18.04 -20.78
CA LEU G 127 -19.72 18.39 -20.84
C LEU G 127 -19.18 18.71 -19.45
N ARG G 128 -17.89 18.47 -19.27
CA ARG G 128 -17.22 18.72 -18.00
C ARG G 128 -16.61 20.11 -18.03
N ASP G 129 -17.09 20.99 -17.14
CA ASP G 129 -16.59 22.36 -17.07
C ASP G 129 -15.39 22.44 -16.14
N TYR G 130 -15.65 22.44 -14.83
CA TYR G 130 -14.58 22.53 -13.84
C TYR G 130 -13.96 21.15 -13.62
N PHE G 131 -12.65 21.14 -13.40
CA PHE G 131 -11.92 19.90 -13.18
C PHE G 131 -10.51 20.22 -12.71
N LEU G 132 -10.03 19.49 -11.72
CA LEU G 132 -8.69 19.67 -11.20
C LEU G 132 -8.12 18.32 -10.77
N ASN G 134 -6.08 15.35 -9.14
CA ASN G 134 -5.51 15.14 -7.82
C ASN G 134 -4.52 13.98 -7.85
N GLU G 135 -3.35 14.18 -7.26
CA GLU G 135 -2.31 13.15 -7.27
C GLU G 135 -2.25 12.39 -5.93
N GLY G 137 -5.22 10.18 -5.22
CA GLY G 137 -6.48 9.44 -5.32
C GLY G 137 -7.36 9.93 -6.46
N PRO G 138 -8.66 9.76 -6.34
CA PRO G 138 -9.57 10.20 -7.41
C PRO G 138 -9.53 11.71 -7.59
N ASN G 139 -10.04 12.14 -8.74
CA ASN G 139 -10.05 13.55 -9.10
C ASN G 139 -11.38 14.18 -8.69
N TYR G 140 -11.51 15.49 -8.89
CA TYR G 140 -12.72 16.23 -8.58
C TYR G 140 -13.37 16.67 -9.88
N GLU G 141 -14.53 16.08 -10.18
CA GLU G 141 -15.25 16.36 -11.42
C GLU G 141 -16.53 17.12 -11.10
N GLU G 142 -16.98 17.90 -12.09
CA GLU G 142 -18.21 18.67 -11.96
C GLU G 142 -18.93 18.74 -13.30
N TRP G 143 -19.71 17.71 -13.63
CA TRP G 143 -20.40 17.66 -14.91
C TRP G 143 -21.55 18.66 -14.94
N GLY G 144 -21.95 19.02 -16.17
CA GLY G 144 -23.05 19.94 -16.36
C GLY G 144 -23.81 19.66 -17.65
N ASP G 145 -25.11 19.45 -17.55
CA ASP G 145 -25.93 19.13 -18.71
C ASP G 145 -26.24 20.40 -19.50
N TYR G 146 -26.14 20.30 -20.82
CA TYR G 146 -26.44 21.40 -21.72
C TYR G 146 -27.36 20.91 -22.82
N LEU G 147 -28.49 21.60 -23.01
CA LEU G 147 -29.46 21.20 -24.00
C LEU G 147 -28.86 21.29 -25.40
N ALA G 148 -29.13 20.26 -26.22
CA ALA G 148 -28.63 20.20 -27.58
C ALA G 148 -29.73 20.51 -28.60
N THR G 149 -30.80 19.72 -28.60
CA THR G 149 -31.88 19.90 -29.55
C THR G 149 -33.19 19.47 -28.92
N LEU G 150 -34.29 19.79 -29.61
CA LEU G 150 -35.63 19.36 -29.23
C LEU G 150 -36.17 18.50 -30.35
N ASP G 151 -36.22 17.19 -30.13
CA ASP G 151 -36.54 16.23 -31.18
C ASP G 151 -38.04 16.13 -31.43
N VAL G 152 -38.71 15.26 -30.69
CA VAL G 152 -40.09 14.89 -30.99
C VAL G 152 -41.06 15.68 -30.12
N TRP G 153 -42.03 16.34 -30.75
CA TRP G 153 -43.06 17.07 -30.04
C TRP G 153 -44.31 16.20 -29.97
N GLY G 154 -44.94 16.15 -28.79
CA GLY G 154 -46.27 15.55 -28.67
C GLY G 154 -47.32 16.44 -29.34
N HIS G 155 -48.55 15.96 -29.44
CA HIS G 155 -49.64 16.74 -30.06
C HIS G 155 -50.15 17.83 -29.11
N GLY G 156 -49.79 17.73 -27.84
CA GLY G 156 -50.16 18.74 -26.87
C GLY G 156 -51.42 18.41 -26.09
N THR G 157 -51.57 19.09 -24.96
CA THR G 157 -52.76 18.99 -24.15
C THR G 157 -53.28 20.39 -23.94
N ALA G 158 -54.49 20.65 -24.41
CA ALA G 158 -55.13 21.95 -24.23
C ALA G 158 -55.68 22.06 -22.81
N VAL G 159 -55.15 23.02 -22.06
CA VAL G 159 -55.71 23.32 -20.76
C VAL G 159 -56.37 24.70 -20.80
N THR G 160 -57.67 24.72 -20.51
CA THR G 160 -58.47 25.93 -20.49
C THR G 160 -58.79 26.30 -19.04
N VAL G 161 -58.30 27.45 -18.61
CA VAL G 161 -58.55 27.91 -17.25
C VAL G 161 -59.76 28.85 -17.24
N LYS G 167 -71.82 27.04 -22.21
CA LYS G 167 -72.99 27.61 -22.88
C LYS G 167 -72.88 27.44 -24.40
N GLY G 168 -73.93 26.88 -25.01
CA GLY G 168 -73.98 26.74 -26.46
C GLY G 168 -74.28 28.06 -27.14
N PRO G 169 -73.78 28.26 -28.37
CA PRO G 169 -73.95 29.55 -29.02
C PRO G 169 -75.36 29.77 -29.54
N SER G 170 -75.77 31.02 -29.65
CA SER G 170 -76.89 31.36 -30.49
C SER G 170 -76.32 31.56 -31.89
N VAL G 171 -77.06 31.12 -32.90
CA VAL G 171 -76.63 31.31 -34.28
C VAL G 171 -77.63 32.21 -34.98
N PHE G 172 -77.15 33.34 -35.49
CA PHE G 172 -78.00 34.28 -36.22
C PHE G 172 -77.50 34.42 -37.65
N PRO G 173 -78.43 34.53 -38.61
CA PRO G 173 -78.04 34.74 -40.00
C PRO G 173 -77.46 36.13 -40.23
N LEU G 174 -76.44 36.20 -41.08
CA LEU G 174 -76.00 37.45 -41.68
C LEU G 174 -76.55 37.41 -43.09
N ALA G 175 -77.71 38.05 -43.27
CA ALA G 175 -78.48 37.90 -44.50
C ALA G 175 -77.82 38.67 -45.67
N PRO G 176 -77.76 38.04 -46.86
CA PRO G 176 -77.29 38.77 -48.04
C PRO G 176 -78.32 39.80 -48.47
N SER G 177 -77.85 41.01 -48.75
CA SER G 177 -78.73 42.11 -49.16
C SER G 177 -78.01 42.91 -50.24
N SER G 178 -78.61 44.02 -50.66
CA SER G 178 -77.95 44.95 -51.58
C SER G 178 -76.72 45.59 -50.92
N LYS G 179 -76.72 45.60 -49.58
CA LYS G 179 -75.59 46.11 -48.80
C LYS G 179 -74.47 45.07 -48.58
N SER G 180 -74.65 43.88 -49.14
CA SER G 180 -73.59 42.88 -49.13
C SER G 180 -73.30 42.33 -50.53
N THR G 181 -73.71 43.07 -51.55
CA THR G 181 -73.61 42.59 -52.94
C THR G 181 -73.01 43.65 -53.86
N SER G 182 -72.09 43.22 -54.72
CA SER G 182 -71.55 44.07 -55.78
C SER G 182 -70.74 43.25 -56.78
N GLY G 183 -70.77 43.67 -58.05
CA GLY G 183 -70.00 43.04 -59.13
C GLY G 183 -70.29 41.57 -59.33
N GLY G 184 -71.56 41.20 -59.22
CA GLY G 184 -71.98 39.81 -59.39
C GLY G 184 -71.69 38.89 -58.20
N THR G 185 -71.23 39.44 -57.08
CA THR G 185 -70.99 38.62 -55.89
C THR G 185 -71.66 39.15 -54.64
N ALA G 186 -72.20 38.24 -53.85
CA ALA G 186 -72.85 38.57 -52.60
C ALA G 186 -72.12 37.93 -51.43
N ALA G 187 -72.14 38.58 -50.28
CA ALA G 187 -71.65 37.98 -49.03
C ALA G 187 -72.81 37.66 -48.11
N LEU G 188 -72.65 36.57 -47.36
CA LEU G 188 -73.65 36.11 -46.42
C LEU G 188 -72.88 35.34 -45.36
N GLY G 189 -73.48 35.13 -44.21
CA GLY G 189 -72.77 34.49 -43.14
C GLY G 189 -73.65 34.05 -41.99
N CYS G 190 -72.99 33.63 -40.92
CA CYS G 190 -73.64 33.27 -39.66
C CYS G 190 -72.84 33.91 -38.55
N LEU G 191 -73.56 34.50 -37.61
CA LEU G 191 -72.97 35.02 -36.38
C LEU G 191 -73.20 34.01 -35.26
N VAL G 192 -72.11 33.51 -34.71
CA VAL G 192 -72.13 32.50 -33.67
C VAL G 192 -71.81 33.15 -32.32
N LYS G 193 -72.87 33.52 -31.61
CA LYS G 193 -72.78 34.46 -30.49
C LYS G 193 -72.90 33.76 -29.13
N ASP G 194 -72.01 34.14 -28.21
CA ASP G 194 -72.15 33.84 -26.78
C ASP G 194 -72.03 32.36 -26.41
N TYR G 195 -70.85 31.79 -26.62
CA TYR G 195 -70.62 30.42 -26.23
C TYR G 195 -69.42 30.34 -25.29
N PHE G 196 -69.34 29.23 -24.56
CA PHE G 196 -68.19 28.97 -23.72
C PHE G 196 -68.11 27.48 -23.44
N PRO G 197 -66.90 26.91 -23.42
CA PRO G 197 -65.63 27.52 -23.79
C PRO G 197 -65.36 27.29 -25.29
N GLU G 198 -64.16 27.66 -25.76
CA GLU G 198 -63.68 27.20 -27.06
C GLU G 198 -63.57 25.68 -26.99
N PRO G 199 -63.63 24.97 -28.13
CA PRO G 199 -63.73 25.47 -29.52
C PRO G 199 -65.11 25.32 -30.15
N VAL G 200 -65.31 26.01 -31.26
CA VAL G 200 -66.49 25.83 -32.10
C VAL G 200 -66.01 25.56 -33.52
N THR G 201 -66.74 24.71 -34.25
CA THR G 201 -66.46 24.50 -35.68
C THR G 201 -67.64 24.91 -36.55
N VAL G 202 -67.33 25.45 -37.73
CA VAL G 202 -68.35 25.87 -38.68
C VAL G 202 -68.06 25.29 -40.08
N SER G 203 -69.09 24.70 -40.69
CA SER G 203 -69.02 24.35 -42.10
C SER G 203 -70.22 24.97 -42.85
N TRP G 204 -70.16 24.95 -44.18
CA TRP G 204 -71.29 25.38 -45.00
C TRP G 204 -71.78 24.26 -45.91
N ASN G 205 -73.10 24.08 -45.95
CA ASN G 205 -73.72 23.03 -46.72
C ASN G 205 -73.01 21.69 -46.52
N SER G 206 -72.85 21.31 -45.26
CA SER G 206 -72.25 20.05 -44.83
C SER G 206 -70.88 19.79 -45.45
N GLY G 207 -70.11 20.85 -45.66
CA GLY G 207 -68.74 20.72 -46.16
C GLY G 207 -68.65 20.86 -47.67
N ALA G 208 -69.81 20.86 -48.34
CA ALA G 208 -69.87 21.01 -49.80
C ALA G 208 -69.46 22.40 -50.30
N LEU G 209 -69.51 23.41 -49.43
CA LEU G 209 -69.12 24.76 -49.82
C LEU G 209 -67.90 25.24 -49.05
N THR G 210 -66.78 25.40 -49.74
CA THR G 210 -65.52 25.73 -49.08
C THR G 210 -64.84 26.95 -49.70
N SER G 211 -65.07 27.12 -51.01
CA SER G 211 -64.51 28.23 -51.76
C SER G 211 -65.15 29.56 -51.31
N GLY G 212 -64.30 30.52 -50.95
CA GLY G 212 -64.75 31.85 -50.50
C GLY G 212 -65.28 31.94 -49.07
N VAL G 213 -65.10 30.87 -48.29
CA VAL G 213 -65.50 30.87 -46.88
C VAL G 213 -64.39 31.52 -46.03
N HIS G 214 -64.79 32.43 -45.15
CA HIS G 214 -63.89 32.89 -44.11
C HIS G 214 -64.57 32.69 -42.78
N THR G 215 -64.00 31.80 -41.96
CA THR G 215 -64.47 31.62 -40.61
C THR G 215 -63.44 32.27 -39.71
N PHE G 216 -63.88 33.30 -38.98
CA PHE G 216 -62.98 34.16 -38.21
C PHE G 216 -62.65 33.56 -36.83
N PRO G 217 -61.43 33.84 -36.32
CA PRO G 217 -61.14 33.42 -34.94
C PRO G 217 -62.14 34.06 -33.96
N ALA G 218 -62.47 33.34 -32.89
CA ALA G 218 -63.35 33.87 -31.88
C ALA G 218 -62.74 35.08 -31.17
N VAL G 219 -63.63 35.94 -30.68
CA VAL G 219 -63.22 37.02 -29.78
C VAL G 219 -63.84 36.75 -28.41
N LEU G 220 -63.09 37.07 -27.37
CA LEU G 220 -63.56 36.93 -26.01
C LEU G 220 -64.20 38.23 -25.55
N GLN G 221 -65.48 38.17 -25.24
CA GLN G 221 -66.24 39.36 -24.81
C GLN G 221 -66.07 39.61 -23.31
N SER G 222 -66.45 40.81 -22.89
CA SER G 222 -66.44 41.25 -21.48
C SER G 222 -67.18 40.32 -20.53
N SER G 223 -68.28 39.75 -21.00
CA SER G 223 -69.06 38.78 -20.26
C SER G 223 -68.29 37.48 -19.95
N GLY G 224 -67.18 37.25 -20.65
CA GLY G 224 -66.45 36.00 -20.51
C GLY G 224 -66.89 34.94 -21.52
N LEU G 225 -67.81 35.31 -22.41
CA LEU G 225 -68.26 34.45 -23.49
C LEU G 225 -67.58 34.81 -24.80
N TYR G 226 -67.48 33.80 -25.67
CA TYR G 226 -66.90 33.97 -27.01
C TYR G 226 -67.96 34.24 -28.08
N SER G 227 -67.50 34.88 -29.16
CA SER G 227 -68.28 35.03 -30.38
C SER G 227 -67.38 34.92 -31.60
N LEU G 228 -67.94 34.45 -32.69
CA LEU G 228 -67.26 34.47 -33.97
C LEU G 228 -68.28 34.61 -35.07
N SER G 229 -67.80 34.97 -36.26
CA SER G 229 -68.63 34.91 -37.45
C SER G 229 -67.95 34.08 -38.52
N SER G 230 -68.78 33.48 -39.38
CA SER G 230 -68.33 32.85 -40.60
C SER G 230 -69.08 33.52 -41.76
N VAL G 231 -68.34 33.93 -42.79
CA VAL G 231 -68.94 34.52 -43.98
C VAL G 231 -68.50 33.79 -45.25
N VAL G 232 -69.30 33.91 -46.29
CA VAL G 232 -68.93 33.37 -47.57
C VAL G 232 -69.39 34.29 -48.69
N THR G 233 -68.56 34.44 -49.72
CA THR G 233 -68.97 35.16 -50.91
C THR G 233 -69.41 34.16 -51.97
N VAL G 234 -70.55 34.43 -52.58
CA VAL G 234 -71.16 33.55 -53.56
C VAL G 234 -71.63 34.39 -54.74
N PRO G 235 -71.83 33.77 -55.91
CA PRO G 235 -72.41 34.54 -57.02
C PRO G 235 -73.81 35.06 -56.67
N SER G 236 -74.03 36.36 -56.84
CA SER G 236 -75.37 36.97 -56.73
C SER G 236 -76.44 36.17 -57.43
N SER G 237 -76.12 35.66 -58.62
CA SER G 237 -76.99 34.81 -59.45
C SER G 237 -77.69 33.73 -58.65
N SER G 238 -76.93 33.13 -57.74
CA SER G 238 -77.31 31.87 -57.08
C SER G 238 -78.25 32.08 -55.89
N LEU G 239 -78.53 33.32 -55.54
CA LEU G 239 -79.30 33.59 -54.33
C LEU G 239 -80.74 33.11 -54.45
N GLY G 240 -81.29 33.16 -55.66
CA GLY G 240 -82.63 32.68 -55.92
C GLY G 240 -82.79 31.16 -55.91
N THR G 241 -81.69 30.43 -56.16
CA THR G 241 -81.78 28.97 -56.38
C THR G 241 -81.00 28.10 -55.39
N GLN G 242 -79.81 28.54 -55.00
CA GLN G 242 -78.96 27.77 -54.10
C GLN G 242 -79.33 28.03 -52.63
N THR G 243 -79.42 26.95 -51.86
CA THR G 243 -79.65 27.03 -50.43
C THR G 243 -78.31 27.16 -49.71
N TYR G 244 -78.25 28.03 -48.71
CA TYR G 244 -77.07 28.17 -47.86
C TYR G 244 -77.39 27.91 -46.39
N ILE G 245 -76.72 26.90 -45.84
CA ILE G 245 -76.92 26.52 -44.46
C ILE G 245 -75.55 26.47 -43.79
N CYS G 246 -75.42 27.15 -42.67
CA CYS G 246 -74.20 27.02 -41.91
C CYS G 246 -74.44 25.98 -40.82
N ASN G 247 -73.45 25.11 -40.64
CA ASN G 247 -73.51 24.06 -39.65
C ASN G 247 -72.57 24.40 -38.51
N VAL G 248 -73.13 24.59 -37.32
CA VAL G 248 -72.32 24.98 -36.17
C VAL G 248 -72.28 23.87 -35.12
N ASN G 249 -71.06 23.49 -34.71
CA ASN G 249 -70.87 22.44 -33.73
C ASN G 249 -70.09 22.95 -32.52
N HIS G 250 -70.71 22.87 -31.35
CA HIS G 250 -70.08 23.21 -30.08
C HIS G 250 -70.11 21.99 -29.16
N LYS G 251 -69.14 21.08 -29.34
CA LYS G 251 -69.08 19.84 -28.58
C LYS G 251 -69.18 20.00 -27.06
N PRO G 252 -68.45 20.98 -26.46
CA PRO G 252 -68.56 21.14 -24.99
C PRO G 252 -70.00 21.17 -24.44
N SER G 253 -70.93 21.75 -25.18
CA SER G 253 -72.33 21.81 -24.73
C SER G 253 -73.24 20.84 -25.50
N ASN G 254 -72.63 19.95 -26.30
CA ASN G 254 -73.37 19.09 -27.23
C ASN G 254 -74.38 19.84 -28.07
N THR G 255 -74.00 21.04 -28.52
CA THR G 255 -74.88 21.88 -29.33
C THR G 255 -74.51 21.72 -30.79
N LYS G 256 -75.49 21.31 -31.59
CA LYS G 256 -75.33 21.18 -33.03
C LYS G 256 -76.44 21.98 -33.72
N VAL G 257 -76.07 23.05 -34.42
CA VAL G 257 -77.05 23.93 -35.08
C VAL G 257 -76.86 24.01 -36.58
N ASP G 258 -77.95 23.83 -37.33
CA ASP G 258 -77.97 24.08 -38.77
C ASP G 258 -78.90 25.27 -39.03
N LYS G 259 -78.35 26.35 -39.58
CA LYS G 259 -79.13 27.57 -39.79
C LYS G 259 -79.15 27.97 -41.26
N LYS G 260 -80.36 28.06 -41.82
CA LYS G 260 -80.52 28.47 -43.22
C LYS G 260 -80.44 29.99 -43.30
N VAL G 261 -79.67 30.48 -44.26
CA VAL G 261 -79.47 31.92 -44.42
C VAL G 261 -80.15 32.42 -45.69
N GLU G 262 -81.21 33.20 -45.52
CA GLU G 262 -82.06 33.68 -46.61
C GLU G 262 -81.74 35.12 -46.93
N PRO G 263 -81.93 35.54 -48.19
CA PRO G 263 -81.89 36.96 -48.62
C PRO G 263 -82.67 37.96 -47.74
N VAL H 22 -30.05 36.83 -18.39
CA VAL H 22 -29.85 36.24 -19.77
C VAL H 22 -31.03 36.57 -20.67
N VAL H 23 -30.83 37.46 -21.64
CA VAL H 23 -31.93 37.87 -22.51
C VAL H 23 -31.62 37.63 -23.98
N ILE H 24 -32.68 37.29 -24.71
CA ILE H 24 -32.60 37.07 -26.14
C ILE H 24 -33.48 38.10 -26.84
N THR H 25 -32.94 38.73 -27.87
CA THR H 25 -33.74 39.59 -28.71
C THR H 25 -33.68 39.12 -30.16
N GLN H 26 -34.83 38.83 -30.72
CA GLN H 26 -34.93 38.47 -32.11
C GLN H 26 -35.37 39.68 -32.90
N SER H 27 -34.87 39.76 -34.14
CA SER H 27 -35.08 40.90 -35.00
C SER H 27 -35.03 40.41 -36.46
N PRO H 28 -35.93 40.94 -37.32
CA PRO H 28 -37.04 41.84 -37.00
C PRO H 28 -38.18 41.08 -36.33
N LEU H 29 -39.20 41.80 -35.87
CA LEU H 29 -40.38 41.14 -35.30
C LEU H 29 -41.27 40.57 -36.40
N PHE H 30 -41.34 41.29 -37.51
CA PHE H 30 -42.22 40.93 -38.61
C PHE H 30 -41.46 41.11 -39.91
N LEU H 31 -41.41 40.07 -40.75
CA LEU H 31 -40.66 40.14 -41.99
C LEU H 31 -41.45 39.64 -43.22
N PRO H 32 -41.96 40.57 -44.04
CA PRO H 32 -42.55 40.25 -45.33
C PRO H 32 -41.45 39.97 -46.34
N VAL H 33 -41.55 38.86 -47.06
CA VAL H 33 -40.53 38.50 -48.05
C VAL H 33 -41.15 38.21 -49.41
N THR H 34 -40.65 38.89 -50.44
CA THR H 34 -41.04 38.62 -51.82
C THR H 34 -40.64 37.18 -52.20
N PRO H 35 -41.59 36.40 -52.75
CA PRO H 35 -41.28 35.00 -53.11
C PRO H 35 -40.02 34.90 -53.95
N GLY H 36 -39.12 34.00 -53.55
CA GLY H 36 -37.86 33.80 -54.26
C GLY H 36 -36.69 34.66 -53.78
N GLU H 37 -36.99 35.68 -53.00
CA GLU H 37 -35.96 36.54 -52.39
C GLU H 37 -35.40 35.90 -51.13
N ALA H 38 -34.26 36.42 -50.66
CA ALA H 38 -33.61 35.89 -49.46
C ALA H 38 -34.15 36.58 -48.21
N ALA H 39 -34.06 35.87 -47.08
CA ALA H 39 -34.44 36.43 -45.79
C ALA H 39 -33.31 36.25 -44.76
N SER H 40 -33.18 37.23 -43.87
CA SER H 40 -32.12 37.21 -42.87
C SER H 40 -32.67 37.55 -41.48
N LEU H 41 -32.56 36.61 -40.55
CA LEU H 41 -33.11 36.77 -39.21
C LEU H 41 -32.00 36.87 -38.18
N SER H 42 -32.15 37.79 -37.22
CA SER H 42 -31.14 37.99 -36.20
C SER H 42 -31.61 37.47 -34.84
N CYS H 43 -30.71 36.80 -34.13
CA CYS H 43 -30.96 36.41 -32.74
C CYS H 43 -29.74 36.79 -31.93
N LYS H 44 -29.92 37.72 -30.99
CA LYS H 44 -28.80 38.22 -30.21
C LYS H 44 -29.02 37.95 -28.73
N CYS H 45 -27.95 37.55 -28.06
CA CYS H 45 -28.04 37.24 -26.65
C CYS H 45 -27.16 38.18 -25.83
N SER H 46 -27.63 38.56 -24.64
CA SER H 46 -26.86 39.40 -23.71
C SER H 46 -25.59 38.71 -23.20
N HIS H 47 -25.57 37.38 -23.25
CA HIS H 47 -24.42 36.60 -22.83
C HIS H 47 -24.01 35.64 -23.93
N SER H 48 -22.72 35.34 -24.02
CA SER H 48 -22.20 34.36 -24.99
C SER H 48 -22.84 32.98 -24.79
N LEU H 49 -23.16 32.32 -25.90
CA LEU H 49 -23.70 30.96 -25.95
C LEU H 49 -22.64 29.91 -26.31
N GLN H 50 -21.37 30.33 -26.39
CA GLN H 50 -20.25 29.45 -26.64
C GLN H 50 -19.80 28.76 -25.34
N HIS H 51 -19.89 27.44 -25.30
CA HIS H 51 -19.25 26.63 -24.27
C HIS H 51 -17.71 26.69 -24.41
N SER H 52 -16.95 26.40 -23.36
CA SER H 52 -15.47 26.38 -23.43
C SER H 52 -14.88 25.30 -24.34
N THR H 53 -15.66 24.25 -24.66
CA THR H 53 -15.34 23.24 -25.68
C THR H 53 -15.45 23.77 -27.12
N GLY H 54 -16.09 24.92 -27.34
CA GLY H 54 -16.14 25.63 -28.62
C GLY H 54 -17.53 25.63 -29.30
N ALA H 55 -18.43 24.73 -28.89
CA ALA H 55 -19.77 24.66 -29.47
C ALA H 55 -20.66 25.83 -28.99
N ASN H 56 -21.46 26.36 -29.90
CA ASN H 56 -22.48 27.37 -29.60
C ASN H 56 -23.85 26.72 -29.48
N TYR H 57 -24.44 26.74 -28.29
CA TYR H 57 -25.74 26.11 -28.02
C TYR H 57 -26.87 27.09 -28.34
N LEU H 58 -27.07 27.31 -29.64
CA LEU H 58 -28.21 28.02 -30.18
C LEU H 58 -28.89 27.17 -31.24
N ALA H 59 -30.22 27.18 -31.24
CA ALA H 59 -31.01 26.48 -32.24
C ALA H 59 -32.09 27.36 -32.88
N TRP H 60 -32.46 27.04 -34.12
CA TRP H 60 -33.59 27.71 -34.78
C TRP H 60 -34.73 26.74 -35.07
N TYR H 61 -35.96 27.22 -34.84
CA TYR H 61 -37.16 26.43 -35.02
C TYR H 61 -38.14 27.20 -35.89
N LEU H 62 -38.78 26.51 -36.82
CA LEU H 62 -39.91 27.08 -37.55
C LEU H 62 -41.21 26.48 -37.07
N GLN H 63 -42.16 27.34 -36.75
CA GLN H 63 -43.51 26.88 -36.49
C GLN H 63 -44.50 27.44 -37.49
N ARG H 64 -45.02 26.56 -38.33
CA ARG H 64 -46.07 26.92 -39.28
C ARG H 64 -47.42 26.95 -38.56
N PRO H 65 -48.41 27.68 -39.14
CA PRO H 65 -49.74 27.73 -38.55
C PRO H 65 -50.33 26.33 -38.40
N GLY H 66 -50.85 26.02 -37.22
CA GLY H 66 -51.47 24.73 -36.98
C GLY H 66 -50.53 23.57 -36.66
N GLN H 67 -49.23 23.84 -36.65
CA GLN H 67 -48.24 22.77 -36.47
C GLN H 67 -47.37 22.94 -35.23
N THR H 68 -46.79 21.84 -34.77
CA THR H 68 -45.72 21.92 -33.77
C THR H 68 -44.43 22.41 -34.45
N PRO H 69 -43.53 23.07 -33.68
CA PRO H 69 -42.28 23.57 -34.25
C PRO H 69 -41.38 22.49 -34.88
N ARG H 70 -40.72 22.87 -35.98
CA ARG H 70 -39.74 22.02 -36.65
C ARG H 70 -38.35 22.61 -36.42
N LEU H 71 -37.42 21.77 -35.93
CA LEU H 71 -36.01 22.14 -35.80
C LEU H 71 -35.38 22.40 -37.17
N LEU H 72 -34.71 23.54 -37.31
CA LEU H 72 -34.05 23.88 -38.59
C LEU H 72 -32.55 23.75 -38.46
N ILE H 73 -32.00 24.35 -37.41
CA ILE H 73 -30.59 24.51 -37.21
C ILE H 73 -30.31 24.22 -35.74
N HIS H 74 -29.26 23.45 -35.45
CA HIS H 74 -28.79 23.14 -34.11
C HIS H 74 -27.30 23.40 -34.00
N LEU H 75 -26.84 23.63 -32.78
CA LEU H 75 -25.47 24.06 -32.49
C LEU H 75 -25.03 25.24 -33.39
N ALA H 76 -25.95 26.17 -33.64
CA ALA H 76 -25.73 27.41 -34.39
C ALA H 76 -25.60 27.30 -35.93
N THR H 77 -24.92 26.25 -36.41
CA THR H 77 -24.55 26.16 -37.82
C THR H 77 -25.00 24.89 -38.56
N HIS H 78 -25.48 23.87 -37.84
CA HIS H 78 -25.85 22.58 -38.44
C HIS H 78 -27.32 22.54 -38.81
N ARG H 79 -27.63 22.30 -40.09
CA ARG H 79 -29.00 21.98 -40.51
C ARG H 79 -29.48 20.70 -39.82
N ALA H 80 -30.76 20.63 -39.49
CA ALA H 80 -31.34 19.40 -38.97
C ALA H 80 -31.66 18.45 -40.11
N SER H 81 -31.96 17.21 -39.75
CA SER H 81 -32.16 16.14 -40.72
C SER H 81 -33.37 16.43 -41.62
N GLY H 82 -33.16 16.43 -42.93
CA GLY H 82 -34.24 16.69 -43.89
C GLY H 82 -34.56 18.15 -44.11
N VAL H 83 -33.80 19.05 -43.48
CA VAL H 83 -34.00 20.48 -43.69
C VAL H 83 -33.34 20.92 -45.01
N PRO H 84 -34.12 21.55 -45.92
CA PRO H 84 -33.58 21.92 -47.23
C PRO H 84 -32.39 22.86 -47.12
N ASP H 85 -31.45 22.78 -48.06
CA ASP H 85 -30.21 23.54 -47.94
C ASP H 85 -30.33 25.07 -48.13
N ARG H 86 -31.53 25.55 -48.44
CA ARG H 86 -31.75 26.99 -48.49
C ARG H 86 -31.81 27.67 -47.10
N PHE H 87 -31.91 26.87 -46.03
CA PHE H 87 -31.75 27.34 -44.66
C PHE H 87 -30.30 27.18 -44.20
N SER H 88 -29.71 28.25 -43.68
CA SER H 88 -28.36 28.15 -43.15
C SER H 88 -28.15 29.04 -41.94
N GLY H 89 -27.47 28.51 -40.93
CA GLY H 89 -27.23 29.23 -39.70
C GLY H 89 -25.77 29.59 -39.56
N SER H 90 -25.52 30.73 -38.92
CA SER H 90 -24.16 31.15 -38.61
C SER H 90 -24.15 32.01 -37.35
N GLY H 91 -22.95 32.35 -36.90
CA GLY H 91 -22.79 33.16 -35.71
C GLY H 91 -22.05 32.40 -34.62
N SER H 92 -21.45 33.15 -33.72
CA SER H 92 -20.72 32.61 -32.60
C SER H 92 -20.76 33.66 -31.48
N GLY H 93 -20.82 33.22 -30.24
CA GLY H 93 -20.80 34.13 -29.10
C GLY H 93 -22.19 34.64 -28.78
N THR H 94 -22.48 35.86 -29.20
CA THR H 94 -23.71 36.53 -28.83
C THR H 94 -24.65 36.79 -30.01
N ASP H 95 -24.08 36.87 -31.21
CA ASP H 95 -24.85 37.25 -32.41
C ASP H 95 -24.98 36.09 -33.41
N PHE H 96 -26.22 35.77 -33.77
CA PHE H 96 -26.50 34.61 -34.64
C PHE H 96 -27.46 34.98 -35.77
N THR H 97 -27.31 34.31 -36.91
CA THR H 97 -28.12 34.62 -38.09
C THR H 97 -28.72 33.35 -38.70
N LEU H 98 -29.99 33.43 -39.09
CA LEU H 98 -30.60 32.43 -39.96
C LEU H 98 -30.90 33.07 -41.31
N LYS H 99 -30.30 32.52 -42.36
CA LYS H 99 -30.59 32.98 -43.72
C LYS H 99 -31.46 31.96 -44.40
N ILE H 100 -32.47 32.47 -45.08
CA ILE H 100 -33.34 31.65 -45.92
C ILE H 100 -33.22 32.21 -47.31
N SER H 101 -32.65 31.44 -48.23
CA SER H 101 -32.66 31.88 -49.62
C SER H 101 -33.92 31.34 -50.30
N ARG H 102 -34.39 32.05 -51.32
CA ARG H 102 -35.55 31.64 -52.12
C ARG H 102 -36.74 31.22 -51.24
N VAL H 103 -37.26 32.19 -50.49
CA VAL H 103 -38.40 31.98 -49.61
C VAL H 103 -39.67 31.60 -50.38
N GLU H 104 -40.43 30.65 -49.84
CA GLU H 104 -41.68 30.16 -50.44
C GLU H 104 -42.75 30.02 -49.35
N SER H 105 -44.00 29.73 -49.75
CA SER H 105 -45.12 29.73 -48.81
C SER H 105 -44.99 28.70 -47.67
N ASP H 106 -44.30 27.57 -47.93
CA ASP H 106 -43.96 26.59 -46.89
C ASP H 106 -43.04 27.16 -45.80
N ASP H 107 -42.36 28.26 -46.08
CA ASP H 107 -41.47 28.88 -45.09
C ASP H 107 -42.17 29.89 -44.19
N VAL H 108 -43.46 30.12 -44.44
CA VAL H 108 -44.24 31.09 -43.68
C VAL H 108 -44.57 30.57 -42.28
N GLY H 109 -44.45 31.43 -41.27
CA GLY H 109 -44.72 31.04 -39.89
C GLY H 109 -43.89 31.87 -38.93
N THR H 110 -43.65 31.34 -37.74
CA THR H 110 -42.83 32.04 -36.77
C THR H 110 -41.53 31.27 -36.52
N TYR H 111 -40.42 32.00 -36.56
CA TYR H 111 -39.09 31.45 -36.31
C TYR H 111 -38.62 31.82 -34.92
N TYR H 112 -38.33 30.80 -34.13
CA TYR H 112 -37.84 30.99 -32.79
C TYR H 112 -36.42 30.50 -32.70
N CYS H 113 -35.55 31.29 -32.09
CA CYS H 113 -34.25 30.79 -31.68
C CYS H 113 -34.38 30.27 -30.24
N MET H 114 -33.44 29.41 -29.84
CA MET H 114 -33.46 28.89 -28.49
C MET H 114 -32.04 28.67 -27.98
N GLN H 115 -31.70 29.34 -26.89
CA GLN H 115 -30.39 29.16 -26.25
C GLN H 115 -30.43 27.96 -25.30
N GLY H 116 -29.38 27.14 -25.38
CA GLY H 116 -29.21 25.92 -24.60
C GLY H 116 -27.98 25.93 -23.69
N LEU H 117 -27.27 27.06 -23.59
CA LEU H 117 -26.07 27.16 -22.75
C LEU H 117 -26.42 27.45 -21.29
N HIS H 118 -27.21 28.50 -21.04
CA HIS H 118 -27.54 28.95 -19.70
C HIS H 118 -28.82 28.28 -19.22
N SER H 119 -28.75 27.59 -18.08
CA SER H 119 -29.96 27.17 -17.36
C SER H 119 -30.56 28.35 -16.58
N PRO H 120 -31.89 28.56 -16.59
CA PRO H 120 -32.87 27.81 -17.38
C PRO H 120 -32.83 28.19 -18.87
N TRP H 121 -32.99 27.20 -19.73
CA TRP H 121 -33.02 27.39 -21.19
C TRP H 121 -34.25 28.17 -21.63
N THR H 122 -34.14 28.92 -22.73
CA THR H 122 -35.17 29.89 -23.11
C THR H 122 -35.30 30.05 -24.63
N PHE H 123 -36.53 30.19 -25.09
CA PHE H 123 -36.81 30.59 -26.46
C PHE H 123 -36.78 32.10 -26.59
N GLY H 124 -36.36 32.58 -27.76
CA GLY H 124 -36.61 33.96 -28.16
C GLY H 124 -38.11 34.19 -28.35
N GLN H 125 -38.49 35.44 -28.54
CA GLN H 125 -39.91 35.79 -28.70
C GLN H 125 -40.45 35.59 -30.13
N GLY H 126 -39.56 35.30 -31.07
CA GLY H 126 -39.95 34.92 -32.42
C GLY H 126 -39.90 36.03 -33.46
N THR H 127 -39.62 35.63 -34.70
CA THR H 127 -39.76 36.51 -35.87
C THR H 127 -40.86 35.94 -36.75
N LYS H 128 -41.84 36.76 -37.08
CA LYS H 128 -42.93 36.32 -37.93
C LYS H 128 -42.59 36.60 -39.39
N VAL H 129 -42.60 35.55 -40.21
CA VAL H 129 -42.31 35.68 -41.64
C VAL H 129 -43.56 35.40 -42.47
N GLU H 130 -43.83 36.28 -43.43
CA GLU H 130 -44.96 36.12 -44.34
C GLU H 130 -44.50 36.43 -45.76
N ILE H 131 -45.33 36.03 -46.73
CA ILE H 131 -45.07 36.34 -48.12
C ILE H 131 -45.48 37.77 -48.40
N VAL H 135 -50.91 45.89 -53.37
CA VAL H 135 -51.95 46.47 -52.54
C VAL H 135 -53.35 46.03 -53.01
N ALA H 136 -54.20 45.72 -52.04
CA ALA H 136 -55.59 45.38 -52.34
C ALA H 136 -56.47 46.00 -51.29
N ALA H 137 -57.34 46.90 -51.72
CA ALA H 137 -58.29 47.50 -50.79
C ALA H 137 -59.38 46.46 -50.47
N PRO H 138 -59.94 46.52 -49.25
CA PRO H 138 -61.02 45.58 -48.93
C PRO H 138 -62.28 45.92 -49.72
N SER H 139 -63.05 44.90 -50.09
CA SER H 139 -64.46 45.10 -50.38
C SER H 139 -65.15 45.12 -49.01
N VAL H 140 -66.08 46.04 -48.83
CA VAL H 140 -66.72 46.24 -47.53
C VAL H 140 -68.20 45.89 -47.60
N PHE H 141 -68.65 45.08 -46.66
CA PHE H 141 -70.02 44.62 -46.62
C PHE H 141 -70.56 44.85 -45.21
N ILE H 142 -71.83 45.22 -45.11
CA ILE H 142 -72.45 45.46 -43.82
C ILE H 142 -73.73 44.61 -43.65
N PHE H 143 -73.94 44.11 -42.44
CA PHE H 143 -75.07 43.24 -42.13
C PHE H 143 -75.84 43.79 -40.92
N PRO H 144 -77.13 44.09 -41.11
CA PRO H 144 -77.95 44.51 -39.96
C PRO H 144 -78.17 43.34 -39.01
N PRO H 145 -78.58 43.63 -37.75
CA PRO H 145 -78.96 42.52 -36.87
C PRO H 145 -80.17 41.75 -37.40
N SER H 146 -80.21 40.46 -37.11
CA SER H 146 -81.33 39.60 -37.49
C SER H 146 -82.54 39.91 -36.62
N ASP H 147 -83.74 39.75 -37.18
CA ASP H 147 -84.98 39.89 -36.42
C ASP H 147 -84.99 38.94 -35.21
N GLU H 148 -84.50 37.72 -35.41
CA GLU H 148 -84.39 36.74 -34.33
C GLU H 148 -83.52 37.25 -33.15
N GLN H 149 -82.37 37.88 -33.45
CA GLN H 149 -81.53 38.42 -32.36
C GLN H 149 -82.19 39.58 -31.62
N LEU H 150 -82.83 40.48 -32.36
CA LEU H 150 -83.54 41.61 -31.77
C LEU H 150 -84.59 41.14 -30.77
N LYS H 151 -85.34 40.10 -31.15
CA LYS H 151 -86.32 39.45 -30.26
C LYS H 151 -85.74 39.22 -28.86
N SER H 152 -84.45 38.90 -28.79
CA SER H 152 -83.83 38.53 -27.52
C SER H 152 -83.19 39.73 -26.81
N GLY H 153 -83.41 40.94 -27.31
CA GLY H 153 -82.98 42.16 -26.62
C GLY H 153 -81.57 42.68 -26.89
N THR H 154 -80.93 42.16 -27.94
CA THR H 154 -79.59 42.58 -28.35
C THR H 154 -79.51 42.83 -29.87
N ALA H 155 -78.64 43.76 -30.27
CA ALA H 155 -78.40 44.00 -31.69
C ALA H 155 -76.91 44.00 -31.99
N SER H 156 -76.49 43.06 -32.84
CA SER H 156 -75.14 43.00 -33.35
C SER H 156 -75.14 43.40 -34.82
N VAL H 157 -74.34 44.39 -35.16
CA VAL H 157 -74.16 44.80 -36.55
C VAL H 157 -72.75 44.33 -36.96
N VAL H 158 -72.66 43.73 -38.15
CA VAL H 158 -71.43 43.12 -38.59
C VAL H 158 -70.92 43.76 -39.88
N CYS H 159 -69.65 44.15 -39.84
CA CYS H 159 -68.92 44.69 -40.97
C CYS H 159 -67.86 43.68 -41.40
N LEU H 160 -67.78 43.43 -42.70
CA LEU H 160 -66.79 42.56 -43.29
C LEU H 160 -65.88 43.31 -44.26
N LEU H 161 -64.58 43.23 -44.03
CA LEU H 161 -63.58 43.72 -44.98
C LEU H 161 -62.94 42.51 -45.65
N ASN H 162 -63.16 42.39 -46.94
CA ASN H 162 -62.79 41.16 -47.62
C ASN H 162 -61.59 41.30 -48.56
N ASN H 163 -60.68 40.33 -48.48
CA ASN H 163 -59.56 40.20 -49.42
C ASN H 163 -58.67 41.44 -49.57
N PHE H 164 -58.10 41.91 -48.47
CA PHE H 164 -57.25 43.11 -48.52
C PHE H 164 -55.81 42.78 -48.20
N TYR H 165 -54.91 43.67 -48.60
CA TYR H 165 -53.48 43.57 -48.32
C TYR H 165 -52.85 44.96 -48.50
N PRO H 166 -52.01 45.40 -47.55
CA PRO H 166 -51.48 44.73 -46.35
C PRO H 166 -52.48 44.58 -45.21
N ARG H 167 -52.07 43.85 -44.19
CA ARG H 167 -52.93 43.44 -43.08
C ARG H 167 -53.53 44.60 -42.27
N GLU H 168 -52.83 45.73 -42.21
CA GLU H 168 -53.31 46.91 -41.46
C GLU H 168 -54.60 47.53 -42.02
N ALA H 169 -55.66 47.47 -41.24
CA ALA H 169 -56.92 48.08 -41.61
C ALA H 169 -57.55 48.66 -40.36
N LYS H 170 -58.35 49.71 -40.53
CA LYS H 170 -59.05 50.32 -39.40
C LYS H 170 -60.54 50.48 -39.68
N VAL H 171 -61.34 50.05 -38.72
CA VAL H 171 -62.80 50.13 -38.81
C VAL H 171 -63.25 51.07 -37.72
N GLN H 172 -64.09 52.02 -38.10
CA GLN H 172 -64.68 52.93 -37.14
C GLN H 172 -66.20 52.87 -37.31
N TRP H 173 -66.89 52.52 -36.23
CA TRP H 173 -68.34 52.44 -36.28
C TRP H 173 -68.95 53.80 -35.96
N LYS H 174 -69.94 54.19 -36.76
CA LYS H 174 -70.72 55.39 -36.50
C LYS H 174 -72.19 55.06 -36.36
N VAL H 175 -72.85 55.71 -35.41
CA VAL H 175 -74.29 55.60 -35.20
C VAL H 175 -74.88 57.00 -35.25
N ASP H 176 -75.73 57.23 -36.26
CA ASP H 176 -76.18 58.58 -36.61
C ASP H 176 -74.96 59.51 -36.65
N ASN H 177 -73.90 59.04 -37.31
CA ASN H 177 -72.61 59.75 -37.41
C ASN H 177 -71.81 59.97 -36.13
N ALA H 178 -72.31 59.47 -35.00
CA ALA H 178 -71.58 59.58 -33.74
C ALA H 178 -70.56 58.45 -33.62
N LEU H 179 -69.31 58.80 -33.29
CA LEU H 179 -68.24 57.81 -33.17
C LEU H 179 -68.47 56.91 -31.98
N GLN H 180 -68.32 55.61 -32.20
CA GLN H 180 -68.50 54.59 -31.19
C GLN H 180 -67.16 54.14 -30.67
N SER H 181 -67.11 53.80 -29.39
CA SER H 181 -65.94 53.11 -28.82
C SER H 181 -66.36 52.26 -27.64
N GLY H 182 -65.63 51.16 -27.44
CA GLY H 182 -65.87 50.24 -26.33
C GLY H 182 -67.05 49.28 -26.53
N ASN H 183 -67.65 49.27 -27.71
CA ASN H 183 -68.80 48.40 -27.95
C ASN H 183 -68.65 47.55 -29.22
N SER H 184 -67.40 47.37 -29.64
CA SER H 184 -67.14 46.55 -30.82
C SER H 184 -65.92 45.68 -30.63
N GLN H 185 -65.86 44.59 -31.39
CA GLN H 185 -64.70 43.71 -31.43
C GLN H 185 -64.42 43.20 -32.85
N GLU H 186 -63.15 43.01 -33.15
CA GLU H 186 -62.78 42.55 -34.47
C GLU H 186 -61.88 41.33 -34.47
N SER H 187 -61.83 40.68 -35.61
CA SER H 187 -61.13 39.43 -35.77
C SER H 187 -60.61 39.45 -37.20
N VAL H 188 -59.38 38.98 -37.40
CA VAL H 188 -58.76 38.90 -38.72
C VAL H 188 -58.39 37.44 -39.04
N THR H 189 -58.53 37.03 -40.29
CA THR H 189 -58.13 35.68 -40.69
C THR H 189 -56.64 35.58 -40.90
N GLU H 190 -56.17 34.36 -41.16
CA GLU H 190 -54.80 34.13 -41.58
C GLU H 190 -54.68 34.47 -43.06
N GLN H 191 -53.47 34.68 -43.53
CA GLN H 191 -53.27 35.01 -44.93
C GLN H 191 -53.74 33.87 -45.84
N ASP H 192 -54.59 34.20 -46.80
CA ASP H 192 -55.08 33.23 -47.76
C ASP H 192 -53.91 32.75 -48.62
N SER H 193 -53.79 31.43 -48.77
CA SER H 193 -52.61 30.87 -49.44
C SER H 193 -52.64 31.10 -50.95
N LYS H 194 -53.84 31.24 -51.50
CA LYS H 194 -54.02 31.45 -52.92
C LYS H 194 -53.83 32.90 -53.38
N ASP H 195 -54.45 33.87 -52.71
CA ASP H 195 -54.37 35.26 -53.19
C ASP H 195 -53.54 36.20 -52.27
N SER H 196 -53.08 35.65 -51.15
CA SER H 196 -52.20 36.33 -50.21
C SER H 196 -52.88 37.49 -49.46
N THR H 197 -54.21 37.44 -49.35
CA THR H 197 -54.93 38.50 -48.67
C THR H 197 -55.41 38.10 -47.28
N TYR H 198 -55.92 39.10 -46.58
CA TYR H 198 -56.55 38.95 -45.30
C TYR H 198 -58.00 39.41 -45.39
N SER H 199 -58.82 38.93 -44.46
CA SER H 199 -60.18 39.40 -44.30
C SER H 199 -60.40 39.68 -42.82
N LEU H 200 -61.27 40.66 -42.56
CA LEU H 200 -61.54 41.09 -41.21
C LEU H 200 -63.04 41.29 -41.02
N SER H 201 -63.53 40.92 -39.84
CA SER H 201 -64.90 41.23 -39.45
C SER H 201 -64.91 42.02 -38.16
N SER H 202 -65.80 43.01 -38.07
CA SER H 202 -65.98 43.80 -36.87
C SER H 202 -67.43 43.72 -36.49
N THR H 203 -67.69 43.56 -35.18
CA THR H 203 -69.04 43.44 -34.69
C THR H 203 -69.31 44.53 -33.65
N LEU H 204 -70.29 45.39 -33.96
CA LEU H 204 -70.81 46.37 -33.01
C LEU H 204 -72.00 45.78 -32.24
N THR H 205 -71.93 45.81 -30.91
CA THR H 205 -73.01 45.29 -30.12
C THR H 205 -73.70 46.39 -29.30
N LEU H 206 -75.03 46.45 -29.44
CA LEU H 206 -75.87 47.35 -28.67
C LEU H 206 -77.05 46.60 -28.09
N SER H 207 -77.64 47.16 -27.05
CA SER H 207 -78.95 46.71 -26.57
C SER H 207 -80.01 47.05 -27.62
N LYS H 208 -81.11 46.30 -27.65
CA LYS H 208 -82.25 46.62 -28.50
C LYS H 208 -82.69 48.07 -28.28
N ALA H 209 -82.75 48.48 -27.01
CA ALA H 209 -83.16 49.84 -26.65
C ALA H 209 -82.29 50.92 -27.30
N ASP H 210 -80.97 50.80 -27.18
CA ASP H 210 -80.07 51.78 -27.82
C ASP H 210 -80.19 51.73 -29.34
N TYR H 211 -80.28 50.52 -29.88
CA TYR H 211 -80.36 50.30 -31.31
C TYR H 211 -81.58 50.97 -31.94
N GLU H 212 -82.72 50.92 -31.23
CA GLU H 212 -83.96 51.49 -31.75
C GLU H 212 -84.08 53.01 -31.54
N LYS H 213 -83.09 53.63 -30.89
CA LYS H 213 -83.09 55.09 -30.75
C LYS H 213 -82.37 55.80 -31.89
N HIS H 214 -81.84 55.03 -32.85
CA HIS H 214 -81.03 55.62 -33.93
C HIS H 214 -81.37 55.04 -35.29
N LYS H 215 -80.98 55.78 -36.33
CA LYS H 215 -81.36 55.47 -37.70
C LYS H 215 -80.20 54.93 -38.55
N VAL H 216 -79.12 55.68 -38.67
CA VAL H 216 -78.03 55.32 -39.57
C VAL H 216 -76.92 54.56 -38.85
N TYR H 217 -76.65 53.35 -39.34
CA TYR H 217 -75.59 52.50 -38.85
C TYR H 217 -74.54 52.37 -39.93
N ALA H 218 -73.31 52.71 -39.58
CA ALA H 218 -72.25 52.85 -40.57
C ALA H 218 -70.93 52.32 -40.08
N CYS H 219 -70.26 51.67 -41.01
CA CYS H 219 -68.95 51.10 -40.84
C CYS H 219 -68.01 51.93 -41.72
N GLU H 220 -67.09 52.67 -41.10
CA GLU H 220 -66.12 53.48 -41.86
C GLU H 220 -64.74 52.84 -41.84
N VAL H 221 -64.12 52.70 -43.02
CA VAL H 221 -62.96 51.86 -43.19
C VAL H 221 -61.76 52.59 -43.77
N THR H 222 -60.60 52.38 -43.16
CA THR H 222 -59.36 52.98 -43.63
C THR H 222 -58.35 51.89 -43.99
N HIS H 223 -57.67 52.08 -45.12
CA HIS H 223 -56.69 51.12 -45.60
C HIS H 223 -55.74 51.79 -46.59
N GLN H 224 -54.51 51.27 -46.65
CA GLN H 224 -53.48 51.77 -47.58
C GLN H 224 -53.99 51.82 -49.04
N GLY H 225 -54.85 50.89 -49.41
CA GLY H 225 -55.41 50.79 -50.75
C GLY H 225 -56.54 51.76 -51.08
N LEU H 226 -57.04 52.46 -50.06
CA LEU H 226 -58.12 53.42 -50.25
C LEU H 226 -57.60 54.85 -50.18
N SER H 227 -57.89 55.65 -51.21
CA SER H 227 -57.39 57.03 -51.28
C SER H 227 -58.07 57.89 -50.22
N SER H 228 -59.33 57.58 -49.92
CA SER H 228 -60.04 58.15 -48.79
C SER H 228 -60.97 57.10 -48.16
N PRO H 229 -61.34 57.29 -46.88
CA PRO H 229 -62.10 56.25 -46.16
C PRO H 229 -63.39 55.87 -46.86
N VAL H 230 -63.78 54.61 -46.71
CA VAL H 230 -65.01 54.10 -47.32
C VAL H 230 -66.04 53.83 -46.22
N THR H 231 -67.26 54.29 -46.45
CA THR H 231 -68.33 54.10 -45.50
C THR H 231 -69.36 53.14 -46.08
N LYS H 232 -69.70 52.10 -45.32
CA LYS H 232 -70.87 51.30 -45.62
C LYS H 232 -71.89 51.54 -44.51
N SER H 233 -73.11 51.88 -44.91
CA SER H 233 -74.18 52.17 -43.97
C SER H 233 -75.53 51.60 -44.40
N PHE H 234 -76.44 51.49 -43.45
CA PHE H 234 -77.84 51.21 -43.73
C PHE H 234 -78.69 52.02 -42.76
N ASN H 235 -79.97 52.20 -43.10
CA ASN H 235 -80.93 52.82 -42.19
C ASN H 235 -81.77 51.75 -41.52
N ARG H 236 -81.92 51.85 -40.21
CA ARG H 236 -82.74 50.94 -39.43
C ARG H 236 -84.14 50.88 -40.03
N GLY H 237 -84.67 49.68 -40.19
CA GLY H 237 -85.90 49.47 -40.96
C GLY H 237 -85.51 49.34 -42.42
N GLU H 238 -85.85 50.35 -43.22
CA GLU H 238 -85.34 50.48 -44.59
C GLU H 238 -84.98 51.93 -44.93
N LYS I 1 -4.29 -42.28 3.18
CA LYS I 1 -5.39 -43.07 2.62
C LYS I 1 -6.63 -42.20 2.34
N LYS I 2 -6.40 -40.92 2.11
CA LYS I 2 -7.49 -39.97 1.82
C LYS I 2 -8.23 -40.41 0.57
N VAL I 3 -9.55 -40.27 0.58
CA VAL I 3 -10.40 -40.58 -0.58
C VAL I 3 -11.20 -39.36 -0.97
N VAL I 4 -11.20 -39.05 -2.26
CA VAL I 4 -11.99 -37.98 -2.88
C VAL I 4 -12.83 -38.59 -4.00
N LEU I 5 -14.14 -38.32 -3.99
CA LEU I 5 -15.02 -38.71 -5.09
C LEU I 5 -15.23 -37.52 -6.04
N GLY I 6 -15.04 -37.74 -7.33
CA GLY I 6 -15.33 -36.80 -8.40
C GLY I 6 -16.55 -37.22 -9.22
N LYS I 7 -17.15 -36.25 -9.92
CA LYS I 7 -18.21 -36.48 -10.91
C LYS I 7 -17.62 -36.33 -12.32
N LYS I 8 -17.99 -37.20 -13.25
CA LYS I 8 -17.58 -37.12 -14.65
C LYS I 8 -18.02 -35.78 -15.24
N GLY I 9 -17.09 -35.08 -15.89
CA GLY I 9 -17.30 -33.78 -16.50
C GLY I 9 -17.19 -32.59 -15.54
N ASP I 10 -17.16 -32.84 -14.23
CA ASP I 10 -16.95 -31.80 -13.22
C ASP I 10 -15.46 -31.49 -13.02
N THR I 11 -15.20 -30.50 -12.17
CA THR I 11 -13.86 -30.19 -11.67
C THR I 11 -13.69 -30.71 -10.25
N VAL I 12 -12.48 -31.15 -9.90
CA VAL I 12 -12.06 -31.46 -8.52
C VAL I 12 -10.79 -30.70 -8.16
N GLU I 13 -10.62 -30.41 -6.87
CA GLU I 13 -9.43 -29.80 -6.29
C GLU I 13 -8.83 -30.74 -5.23
N LEU I 14 -7.72 -31.38 -5.54
CA LEU I 14 -6.96 -32.22 -4.62
C LEU I 14 -5.96 -31.34 -3.86
N THR I 15 -6.01 -31.37 -2.53
CA THR I 15 -5.23 -30.44 -1.71
C THR I 15 -3.87 -31.01 -1.39
N CYS I 16 -2.88 -30.12 -1.25
CA CYS I 16 -1.59 -30.38 -0.64
C CYS I 16 -1.21 -29.17 0.21
N THR I 17 -0.74 -29.40 1.42
CA THR I 17 -0.34 -28.32 2.34
C THR I 17 1.04 -28.59 2.93
N ALA I 18 1.95 -27.63 2.80
CA ALA I 18 3.24 -27.63 3.50
C ALA I 18 3.10 -27.15 4.96
N SER I 19 4.15 -27.38 5.77
CA SER I 19 4.20 -27.01 7.19
C SER I 19 4.22 -25.50 7.42
N GLN I 20 4.70 -24.75 6.42
CA GLN I 20 4.93 -23.33 6.50
C GLN I 20 4.18 -22.62 5.38
N LYS I 21 3.77 -21.38 5.64
CA LYS I 21 3.03 -20.60 4.62
C LYS I 21 3.97 -19.90 3.64
N LYS I 22 4.72 -20.65 2.84
CA LYS I 22 5.58 -20.07 1.79
C LYS I 22 5.57 -20.99 0.58
N SER I 23 5.90 -20.43 -0.59
CA SER I 23 6.03 -21.23 -1.79
C SER I 23 7.35 -21.99 -1.78
N ILE I 24 7.27 -23.30 -1.88
CA ILE I 24 8.40 -24.23 -1.99
C ILE I 24 8.18 -25.19 -3.16
N GLN I 25 9.20 -26.01 -3.46
CA GLN I 25 9.09 -27.03 -4.49
C GLN I 25 8.02 -28.06 -4.09
N PHE I 26 7.06 -28.29 -4.98
CA PHE I 26 6.09 -29.38 -4.89
C PHE I 26 5.99 -30.09 -6.23
N HIS I 27 5.54 -31.34 -6.23
CA HIS I 27 5.19 -32.04 -7.44
C HIS I 27 4.09 -33.06 -7.19
N TRP I 28 3.09 -33.07 -8.06
CA TRP I 28 2.05 -34.10 -8.13
C TRP I 28 2.45 -35.19 -9.12
N LYS I 29 2.36 -36.44 -8.68
CA LYS I 29 2.50 -37.64 -9.50
C LYS I 29 1.28 -38.55 -9.31
N ASN I 30 1.07 -39.49 -10.22
CA ASN I 30 0.14 -40.59 -9.98
C ASN I 30 0.83 -41.86 -9.45
N SER I 31 0.07 -42.96 -9.30
CA SER I 31 0.55 -44.23 -8.71
C SER I 31 1.65 -44.93 -9.52
N ASN I 32 1.78 -44.59 -10.81
CA ASN I 32 2.85 -45.09 -11.68
C ASN I 32 4.02 -44.11 -11.82
N GLN I 33 4.15 -43.14 -10.92
CA GLN I 33 5.23 -42.14 -10.90
C GLN I 33 5.23 -41.17 -12.09
N ILE I 34 4.15 -41.15 -12.89
CA ILE I 34 4.00 -40.20 -13.98
C ILE I 34 3.78 -38.82 -13.37
N LYS I 35 4.61 -37.86 -13.81
CA LYS I 35 4.49 -36.47 -13.38
C LYS I 35 3.22 -35.87 -13.97
N ILE I 36 2.41 -35.27 -13.11
CA ILE I 36 1.21 -34.52 -13.50
C ILE I 36 1.58 -33.05 -13.68
N LEU I 37 2.13 -32.46 -12.63
CA LEU I 37 2.25 -31.02 -12.49
C LEU I 37 3.06 -30.71 -11.23
N GLY I 38 3.80 -29.62 -11.26
CA GLY I 38 4.55 -29.11 -10.12
C GLY I 38 4.96 -27.68 -10.38
N ASN I 39 5.88 -27.16 -9.59
CA ASN I 39 6.50 -25.88 -9.86
C ASN I 39 8.00 -25.96 -10.11
N GLN I 40 8.51 -24.96 -10.82
CA GLN I 40 9.94 -24.63 -10.89
C GLN I 40 10.13 -23.18 -10.47
N GLY I 41 10.53 -22.98 -9.21
CA GLY I 41 10.38 -21.67 -8.56
C GLY I 41 8.90 -21.29 -8.49
N SER I 42 8.53 -20.20 -9.15
CA SER I 42 7.15 -19.70 -9.26
C SER I 42 6.34 -20.24 -10.46
N PHE I 43 7.02 -20.93 -11.38
CA PHE I 43 6.44 -21.31 -12.65
C PHE I 43 5.73 -22.62 -12.48
N LEU I 44 4.65 -22.78 -13.23
CA LEU I 44 4.02 -24.07 -13.34
C LEU I 44 4.75 -24.91 -14.38
N THR I 45 5.00 -26.17 -14.05
CA THR I 45 5.33 -27.22 -15.02
C THR I 45 4.18 -28.20 -15.12
N LYS I 46 3.99 -28.80 -16.30
CA LYS I 46 3.05 -29.91 -16.52
C LYS I 46 3.79 -31.10 -17.10
N GLY I 47 3.58 -32.27 -16.52
CA GLY I 47 4.21 -33.51 -16.96
C GLY I 47 3.47 -34.19 -18.12
N PRO I 48 4.03 -35.28 -18.66
CA PRO I 48 3.53 -36.00 -19.83
C PRO I 48 2.34 -36.94 -19.51
N SER I 49 1.54 -36.63 -18.49
CA SER I 49 0.37 -37.44 -18.14
C SER I 49 -0.82 -37.18 -19.06
N LYS I 50 -1.82 -38.07 -19.03
CA LYS I 50 -3.09 -37.91 -19.75
C LYS I 50 -3.98 -36.76 -19.22
N LEU I 51 -3.63 -36.20 -18.07
CA LEU I 51 -4.35 -35.07 -17.45
C LEU I 51 -3.86 -33.71 -17.97
N ASN I 52 -2.76 -33.66 -18.73
CA ASN I 52 -1.99 -32.43 -18.99
C ASN I 52 -2.85 -31.19 -19.36
N ASP I 53 -3.73 -31.34 -20.35
CA ASP I 53 -4.60 -30.27 -20.85
C ASP I 53 -5.72 -29.85 -19.88
N ARG I 54 -5.97 -30.65 -18.84
CA ARG I 54 -7.03 -30.47 -17.86
C ARG I 54 -6.53 -30.31 -16.42
N ALA I 55 -5.22 -30.34 -16.19
CA ALA I 55 -4.61 -30.13 -14.89
C ALA I 55 -4.10 -28.70 -14.75
N ASP I 56 -4.27 -28.15 -13.54
CA ASP I 56 -3.78 -26.83 -13.14
C ASP I 56 -3.58 -26.79 -11.62
N SER I 57 -2.93 -25.75 -11.13
CA SER I 57 -2.88 -25.45 -9.69
C SER I 57 -3.62 -24.13 -9.43
N ARG I 58 -3.50 -23.60 -8.21
CA ARG I 58 -3.85 -22.22 -7.90
C ARG I 58 -2.64 -21.49 -7.35
N ARG I 59 -1.85 -20.85 -8.23
CA ARG I 59 -0.57 -20.22 -7.84
C ARG I 59 -0.70 -19.08 -6.84
N SER I 60 -1.88 -18.47 -6.75
CA SER I 60 -2.21 -17.47 -5.72
C SER I 60 -2.28 -18.05 -4.29
N LEU I 61 -2.22 -19.37 -4.13
CA LEU I 61 -2.14 -20.07 -2.84
C LEU I 61 -0.75 -20.63 -2.52
N TRP I 62 0.20 -20.58 -3.46
CA TRP I 62 1.54 -21.16 -3.24
C TRP I 62 2.33 -20.43 -2.17
N ASP I 63 2.21 -19.10 -2.09
CA ASP I 63 2.80 -18.29 -1.00
C ASP I 63 2.10 -18.56 0.35
N GLN I 64 0.96 -19.25 0.35
CA GLN I 64 0.28 -19.69 1.55
C GLN I 64 0.62 -21.12 1.96
N GLY I 65 1.54 -21.80 1.24
CA GLY I 65 1.88 -23.20 1.49
C GLY I 65 0.82 -24.19 1.02
N ASN I 66 -0.07 -23.79 0.10
CA ASN I 66 -1.05 -24.70 -0.51
C ASN I 66 -0.74 -24.91 -2.00
N PHE I 67 -0.69 -26.17 -2.42
CA PHE I 67 -0.26 -26.55 -3.77
C PHE I 67 -1.25 -27.51 -4.44
N PRO I 68 -2.49 -27.08 -4.66
CA PRO I 68 -3.56 -27.97 -5.07
C PRO I 68 -3.36 -28.51 -6.49
N LEU I 69 -3.86 -29.72 -6.75
CA LEU I 69 -4.04 -30.28 -8.09
C LEU I 69 -5.51 -30.13 -8.49
N ILE I 70 -5.79 -29.18 -9.37
CA ILE I 70 -7.12 -28.99 -9.95
C ILE I 70 -7.20 -29.78 -11.24
N ILE I 71 -8.21 -30.63 -11.36
CA ILE I 71 -8.48 -31.42 -12.56
C ILE I 71 -9.89 -31.09 -13.04
N LYS I 72 -10.00 -30.46 -14.21
CA LYS I 72 -11.28 -30.14 -14.84
C LYS I 72 -11.76 -31.25 -15.77
N ASN I 73 -13.01 -31.14 -16.19
CA ASN I 73 -13.64 -32.04 -17.16
C ASN I 73 -13.33 -33.51 -16.85
N LEU I 74 -13.51 -33.91 -15.58
CA LEU I 74 -13.07 -35.20 -15.08
C LEU I 74 -13.53 -36.34 -15.97
N LYS I 75 -12.62 -37.25 -16.25
CA LYS I 75 -12.89 -38.50 -16.94
C LYS I 75 -12.87 -39.66 -15.94
N ILE I 76 -13.57 -40.75 -16.24
CA ILE I 76 -13.56 -41.94 -15.37
C ILE I 76 -12.14 -42.49 -15.18
N GLU I 77 -11.34 -42.43 -16.24
CA GLU I 77 -9.94 -42.88 -16.27
C GLU I 77 -8.96 -41.93 -15.56
N ASP I 78 -9.41 -40.77 -15.11
CA ASP I 78 -8.65 -39.95 -14.15
C ASP I 78 -8.63 -40.58 -12.74
N SER I 79 -9.50 -41.55 -12.45
CA SER I 79 -9.46 -42.30 -11.19
C SER I 79 -8.13 -42.99 -11.00
N ASP I 80 -7.45 -42.64 -9.91
CA ASP I 80 -6.10 -43.07 -9.60
C ASP I 80 -5.77 -42.64 -8.16
N THR I 81 -4.66 -43.14 -7.62
CA THR I 81 -4.01 -42.51 -6.48
C THR I 81 -3.04 -41.43 -6.96
N TYR I 82 -3.19 -40.22 -6.43
CA TYR I 82 -2.29 -39.10 -6.66
C TYR I 82 -1.47 -38.80 -5.41
N ILE I 83 -0.23 -38.41 -5.63
CA ILE I 83 0.76 -38.17 -4.59
C ILE I 83 1.31 -36.77 -4.79
N CYS I 84 1.19 -35.91 -3.78
CA CYS I 84 1.96 -34.68 -3.76
C CYS I 84 3.22 -34.87 -2.91
N GLU I 85 4.37 -34.61 -3.53
CA GLU I 85 5.66 -34.62 -2.87
C GLU I 85 6.06 -33.17 -2.57
N VAL I 86 6.22 -32.83 -1.29
CA VAL I 86 6.52 -31.49 -0.80
C VAL I 86 7.34 -31.61 0.50
N GLU I 87 8.40 -30.81 0.66
CA GLU I 87 9.29 -30.83 1.84
C GLU I 87 9.70 -32.24 2.33
N ASP I 88 10.21 -33.07 1.40
CA ASP I 88 10.64 -34.46 1.69
C ASP I 88 9.51 -35.41 2.18
N GLN I 89 8.26 -35.01 1.99
CA GLN I 89 7.08 -35.69 2.51
C GLN I 89 6.05 -35.92 1.41
N LYS I 90 5.34 -37.04 1.52
CA LYS I 90 4.34 -37.47 0.53
C LYS I 90 2.94 -37.43 1.13
N GLU I 91 2.03 -36.78 0.42
CA GLU I 91 0.61 -36.74 0.74
C GLU I 91 -0.17 -37.50 -0.33
N GLU I 92 -0.87 -38.55 0.08
CA GLU I 92 -1.53 -39.50 -0.82
C GLU I 92 -3.05 -39.30 -0.81
N VAL I 93 -3.66 -39.26 -1.99
CA VAL I 93 -5.11 -39.16 -2.15
C VAL I 93 -5.57 -40.07 -3.29
N GLN I 94 -6.57 -40.89 -3.01
CA GLN I 94 -7.28 -41.67 -4.01
C GLN I 94 -8.44 -40.87 -4.57
N LEU I 95 -8.39 -40.56 -5.86
CA LEU I 95 -9.51 -39.99 -6.61
C LEU I 95 -10.33 -41.13 -7.23
N LEU I 96 -11.65 -41.11 -7.03
CA LEU I 96 -12.61 -41.96 -7.73
C LEU I 96 -13.65 -41.10 -8.46
N VAL I 97 -13.68 -41.17 -9.78
CA VAL I 97 -14.59 -40.43 -10.65
C VAL I 97 -15.75 -41.32 -11.07
N PHE I 98 -16.97 -40.84 -10.88
CA PHE I 98 -18.19 -41.52 -11.29
C PHE I 98 -18.98 -40.72 -12.31
N GLY I 99 -19.73 -41.39 -13.18
CA GLY I 99 -20.74 -40.78 -14.04
C GLY I 99 -22.08 -41.49 -13.88
N LEU I 100 -23.18 -40.78 -14.02
CA LEU I 100 -24.52 -41.37 -13.89
C LEU I 100 -25.42 -40.81 -14.97
N THR I 101 -25.94 -41.67 -15.83
CA THR I 101 -26.77 -41.27 -16.98
C THR I 101 -28.06 -42.05 -16.98
N ALA I 102 -29.16 -41.38 -17.33
CA ALA I 102 -30.38 -42.06 -17.73
C ALA I 102 -30.21 -42.67 -19.12
N ASN I 103 -30.82 -43.83 -19.37
CA ASN I 103 -30.70 -44.48 -20.68
C ASN I 103 -31.45 -43.71 -21.77
N SER I 104 -32.29 -42.78 -21.35
CA SER I 104 -33.02 -41.91 -22.27
C SER I 104 -32.68 -40.44 -22.04
N ASP I 105 -32.41 -39.71 -23.12
CA ASP I 105 -32.28 -38.25 -23.06
C ASP I 105 -33.60 -37.59 -23.45
N THR I 106 -34.55 -38.41 -23.91
CA THR I 106 -35.83 -37.88 -24.40
C THR I 106 -36.94 -38.02 -23.35
N HIS I 107 -38.01 -37.26 -23.54
CA HIS I 107 -39.15 -37.29 -22.63
C HIS I 107 -39.76 -38.68 -22.60
N LEU I 108 -40.17 -39.12 -21.42
CA LEU I 108 -40.74 -40.44 -21.24
C LEU I 108 -42.25 -40.39 -20.99
N LEU I 109 -42.92 -41.51 -21.21
CA LEU I 109 -44.35 -41.59 -20.95
C LEU I 109 -44.62 -42.21 -19.59
N GLN I 110 -45.79 -41.90 -19.03
CA GLN I 110 -46.24 -42.59 -17.84
C GLN I 110 -46.33 -44.08 -18.14
N GLY I 111 -45.91 -44.90 -17.17
CA GLY I 111 -45.89 -46.34 -17.37
C GLY I 111 -44.61 -46.88 -18.02
N GLN I 112 -43.79 -45.98 -18.58
CA GLN I 112 -42.54 -46.43 -19.19
C GLN I 112 -41.42 -46.53 -18.16
N SER I 113 -40.37 -47.25 -18.51
CA SER I 113 -39.29 -47.54 -17.58
C SER I 113 -38.18 -46.51 -17.63
N LEU I 114 -37.46 -46.38 -16.53
CA LEU I 114 -36.31 -45.50 -16.48
C LEU I 114 -35.14 -46.29 -15.94
N THR I 115 -34.02 -46.28 -16.63
CA THR I 115 -32.85 -47.00 -16.19
C THR I 115 -31.67 -46.06 -16.05
N LEU I 116 -31.11 -45.91 -14.86
CA LEU I 116 -29.87 -45.18 -14.63
C LEU I 116 -28.69 -46.14 -14.63
N THR I 117 -27.60 -45.73 -15.26
CA THR I 117 -26.36 -46.49 -15.35
C THR I 117 -25.23 -45.69 -14.73
N LEU I 118 -24.59 -46.25 -13.70
CA LEU I 118 -23.40 -45.69 -13.08
C LEU I 118 -22.13 -46.14 -13.83
N GLU I 119 -21.48 -45.20 -14.50
CA GLU I 119 -20.09 -45.34 -14.95
C GLU I 119 -19.15 -45.23 -13.74
N SER I 120 -18.31 -46.24 -13.55
CA SER I 120 -17.40 -46.35 -12.41
C SER I 120 -16.01 -46.87 -12.81
N PRO I 121 -14.95 -46.47 -12.10
CA PRO I 121 -13.59 -46.91 -12.39
C PRO I 121 -13.41 -48.40 -12.04
N PRO I 122 -12.45 -49.08 -12.69
CA PRO I 122 -12.10 -50.45 -12.37
C PRO I 122 -11.75 -50.63 -10.89
N GLY I 123 -12.25 -51.70 -10.27
CA GLY I 123 -11.92 -52.04 -8.88
C GLY I 123 -12.76 -51.31 -7.82
N SER I 124 -13.67 -50.41 -8.20
CA SER I 124 -14.62 -49.79 -7.28
C SER I 124 -15.96 -50.54 -7.27
N SER I 125 -16.54 -50.69 -6.08
CA SER I 125 -17.87 -51.31 -5.90
C SER I 125 -18.79 -50.41 -5.08
N PRO I 126 -19.28 -49.31 -5.67
CA PRO I 126 -20.11 -48.35 -4.96
C PRO I 126 -21.54 -48.88 -4.80
N SER I 127 -22.22 -48.37 -3.77
CA SER I 127 -23.68 -48.44 -3.66
C SER I 127 -24.29 -47.16 -4.21
N VAL I 128 -25.48 -47.26 -4.81
CA VAL I 128 -26.19 -46.08 -5.33
C VAL I 128 -27.60 -46.07 -4.80
N GLN I 129 -28.11 -44.88 -4.49
CA GLN I 129 -29.51 -44.71 -4.12
C GLN I 129 -30.01 -43.47 -4.82
N CYS I 130 -31.15 -43.58 -5.50
CA CYS I 130 -31.74 -42.43 -6.15
C CYS I 130 -33.20 -42.26 -5.77
N ARG I 131 -33.63 -41.00 -5.74
CA ARG I 131 -34.97 -40.67 -5.29
C ARG I 131 -35.64 -39.68 -6.24
N SER I 132 -36.86 -40.02 -6.66
CA SER I 132 -37.62 -39.16 -7.56
C SER I 132 -38.30 -38.03 -6.79
N PRO I 133 -38.81 -37.02 -7.51
CA PRO I 133 -39.58 -35.94 -6.93
C PRO I 133 -40.71 -36.42 -6.01
N ARG I 134 -41.33 -37.56 -6.35
CA ARG I 134 -42.47 -38.04 -5.55
C ARG I 134 -42.03 -38.85 -4.32
N GLY I 135 -40.74 -39.17 -4.26
CA GLY I 135 -40.20 -39.92 -3.14
C GLY I 135 -39.91 -41.37 -3.47
N LYS I 136 -40.10 -41.74 -4.74
CA LYS I 136 -39.78 -43.09 -5.20
C LYS I 136 -38.29 -43.33 -5.02
N ASN I 137 -37.96 -44.41 -4.32
CA ASN I 137 -36.58 -44.76 -4.04
C ASN I 137 -36.14 -46.02 -4.77
N ILE I 138 -34.97 -45.97 -5.39
CA ILE I 138 -34.37 -47.14 -6.01
C ILE I 138 -32.90 -47.23 -5.58
N GLN I 139 -32.47 -48.46 -5.30
CA GLN I 139 -31.12 -48.71 -4.84
C GLN I 139 -30.49 -49.78 -5.72
N GLY I 140 -29.17 -49.77 -5.80
CA GLY I 140 -28.45 -50.77 -6.58
C GLY I 140 -26.96 -50.56 -6.55
N GLY I 141 -26.26 -51.05 -7.57
CA GLY I 141 -24.81 -50.88 -7.71
C GLY I 141 -24.41 -50.27 -9.04
N LYS I 142 -24.47 -51.08 -10.10
CA LYS I 142 -24.18 -50.62 -11.47
C LYS I 142 -25.37 -49.95 -12.15
N THR I 143 -26.53 -50.60 -12.10
CA THR I 143 -27.70 -50.14 -12.82
C THR I 143 -28.92 -50.09 -11.89
N LEU I 144 -29.68 -49.01 -12.01
CA LEU I 144 -30.90 -48.83 -11.23
C LEU I 144 -32.03 -48.60 -12.20
N SER I 145 -33.09 -49.40 -12.07
CA SER I 145 -34.18 -49.34 -13.03
C SER I 145 -35.52 -49.26 -12.34
N VAL I 146 -36.34 -48.29 -12.75
CA VAL I 146 -37.72 -48.23 -12.29
C VAL I 146 -38.61 -48.77 -13.41
N SER I 147 -39.45 -49.73 -13.07
CA SER I 147 -40.27 -50.44 -14.05
C SER I 147 -41.27 -49.51 -14.76
N GLN I 148 -41.95 -48.70 -13.96
CA GLN I 148 -43.02 -47.84 -14.45
C GLN I 148 -42.95 -46.46 -13.83
N LEU I 149 -42.85 -45.44 -14.67
CA LEU I 149 -42.81 -44.07 -14.19
C LEU I 149 -44.21 -43.54 -13.93
N GLU I 150 -44.33 -42.73 -12.88
CA GLU I 150 -45.55 -42.00 -12.62
C GLU I 150 -45.36 -40.58 -13.12
N LEU I 151 -46.46 -39.91 -13.43
CA LEU I 151 -46.42 -38.49 -13.77
C LEU I 151 -45.65 -37.72 -12.70
N GLN I 152 -45.91 -38.10 -11.44
CA GLN I 152 -45.30 -37.45 -10.29
C GLN I 152 -43.78 -37.68 -10.18
N ASP I 153 -43.24 -38.56 -11.04
CA ASP I 153 -41.78 -38.78 -11.13
C ASP I 153 -41.10 -37.75 -12.03
N SER I 154 -41.88 -36.89 -12.67
CA SER I 154 -41.32 -35.89 -13.57
C SER I 154 -40.62 -34.81 -12.76
N GLY I 155 -39.40 -34.47 -13.16
CA GLY I 155 -38.62 -33.47 -12.45
C GLY I 155 -37.21 -33.92 -12.15
N THR I 156 -36.63 -33.39 -11.08
CA THR I 156 -35.25 -33.65 -10.73
C THR I 156 -35.11 -34.83 -9.77
N TRP I 157 -34.43 -35.88 -10.23
CA TRP I 157 -34.11 -37.00 -9.38
C TRP I 157 -32.77 -36.73 -8.71
N THR I 158 -32.64 -37.17 -7.47
CA THR I 158 -31.39 -36.97 -6.75
C THR I 158 -30.79 -38.32 -6.42
N CYS I 159 -29.59 -38.59 -6.91
CA CYS I 159 -28.87 -39.85 -6.79
C CYS I 159 -27.64 -39.65 -5.94
N THR I 160 -27.47 -40.46 -4.90
CA THR I 160 -26.27 -40.49 -4.08
C THR I 160 -25.48 -41.76 -4.40
N VAL I 161 -24.19 -41.61 -4.70
CA VAL I 161 -23.25 -42.73 -4.81
C VAL I 161 -22.42 -42.78 -3.53
N LEU I 162 -22.40 -43.93 -2.86
CA LEU I 162 -21.59 -44.21 -1.68
C LEU I 162 -20.40 -45.11 -2.08
N GLN I 163 -19.20 -44.70 -1.71
CA GLN I 163 -17.94 -45.42 -1.95
C GLN I 163 -16.94 -45.01 -0.87
N ASN I 164 -16.28 -45.97 -0.22
CA ASN I 164 -15.26 -45.70 0.80
C ASN I 164 -15.73 -44.76 1.92
N GLN I 165 -16.94 -44.95 2.44
CA GLN I 165 -17.58 -44.06 3.44
C GLN I 165 -17.93 -42.65 2.92
N LYS I 166 -17.45 -42.29 1.72
CA LYS I 166 -17.68 -41.01 1.08
C LYS I 166 -18.92 -41.12 0.21
N LYS I 167 -19.55 -39.98 -0.05
CA LYS I 167 -20.64 -39.90 -1.00
C LYS I 167 -20.53 -38.71 -1.92
N VAL I 168 -21.07 -38.86 -3.12
CA VAL I 168 -21.23 -37.80 -4.11
C VAL I 168 -22.65 -37.82 -4.67
N GLU I 169 -23.17 -36.65 -5.03
CA GLU I 169 -24.57 -36.48 -5.41
C GLU I 169 -24.72 -36.05 -6.87
N PHE I 170 -25.55 -36.78 -7.61
CA PHE I 170 -25.97 -36.48 -8.98
C PHE I 170 -27.42 -36.00 -8.95
N LYS I 171 -27.70 -34.92 -9.68
CA LYS I 171 -29.07 -34.52 -10.00
C LYS I 171 -29.33 -34.76 -11.48
N ILE I 172 -30.39 -35.52 -11.79
CA ILE I 172 -30.76 -35.88 -13.17
C ILE I 172 -32.19 -35.43 -13.41
N ASP I 173 -32.39 -34.68 -14.47
CA ASP I 173 -33.72 -34.19 -14.86
C ASP I 173 -34.44 -35.19 -15.76
N ILE I 174 -35.61 -35.62 -15.32
CA ILE I 174 -36.41 -36.56 -16.09
C ILE I 174 -37.70 -35.91 -16.55
N VAL I 175 -37.97 -35.97 -17.85
CA VAL I 175 -39.17 -35.38 -18.40
C VAL I 175 -40.05 -36.44 -19.06
N VAL I 176 -41.32 -36.46 -18.68
CA VAL I 176 -42.27 -37.41 -19.22
C VAL I 176 -43.60 -36.72 -19.48
N LEU I 177 -44.37 -37.26 -20.44
CA LEU I 177 -45.66 -36.68 -20.76
C LEU I 177 -46.76 -37.64 -20.33
N ALA I 178 -47.69 -37.14 -19.52
CA ALA I 178 -48.79 -37.96 -19.03
C ALA I 178 -50.08 -37.16 -18.93
N PHE I 179 -51.21 -37.86 -18.97
CA PHE I 179 -52.52 -37.24 -18.87
C PHE I 179 -52.71 -36.72 -17.45
N GLN I 180 -53.54 -35.70 -17.29
CA GLN I 180 -53.77 -35.13 -15.97
C GLN I 180 -55.11 -35.66 -15.39
N LYS I 181 -55.42 -36.92 -15.68
CA LYS I 181 -56.66 -37.53 -15.21
C LYS I 181 -56.69 -39.02 -15.55
N ALA I 182 -57.31 -39.81 -14.69
CA ALA I 182 -57.38 -41.26 -14.90
C ALA I 182 -58.71 -41.60 -15.53
N SER I 183 -59.76 -41.59 -14.71
CA SER I 183 -61.12 -41.89 -15.16
C SER I 183 -61.94 -40.62 -15.04
N SER I 184 -62.22 -40.00 -16.16
CA SER I 184 -63.03 -38.80 -16.10
C SER I 184 -64.41 -39.37 -16.08
N ILE I 185 -65.34 -38.68 -15.44
CA ILE I 185 -66.69 -39.18 -15.42
C ILE I 185 -67.70 -38.02 -15.50
N VAL I 186 -68.71 -38.19 -16.34
CA VAL I 186 -69.75 -37.17 -16.52
C VAL I 186 -71.11 -37.79 -16.32
N TYR I 187 -71.89 -37.14 -15.46
CA TYR I 187 -73.23 -37.57 -15.14
C TYR I 187 -74.17 -36.57 -15.79
N LYS I 188 -74.96 -37.02 -16.76
CA LYS I 188 -75.91 -36.13 -17.43
C LYS I 188 -77.26 -36.84 -17.59
N LYS I 189 -78.21 -36.15 -18.22
CA LYS I 189 -79.56 -36.68 -18.40
C LYS I 189 -80.10 -36.50 -19.81
N GLU I 190 -80.80 -37.52 -20.29
CA GLU I 190 -81.42 -37.56 -21.62
C GLU I 190 -81.67 -36.15 -22.14
N GLY I 191 -80.69 -35.61 -22.84
CA GLY I 191 -80.84 -34.27 -23.37
C GLY I 191 -79.61 -33.39 -23.16
N GLU I 192 -79.23 -33.18 -21.90
CA GLU I 192 -78.06 -32.35 -21.55
C GLU I 192 -76.87 -32.60 -22.48
N GLN I 193 -76.45 -31.53 -23.11
CA GLN I 193 -75.34 -31.50 -24.05
C GLN I 193 -74.05 -31.80 -23.28
N VAL I 194 -73.50 -32.99 -23.52
CA VAL I 194 -72.29 -33.50 -22.84
C VAL I 194 -71.00 -32.95 -23.40
N GLU I 195 -70.06 -32.74 -22.49
CA GLU I 195 -68.74 -32.26 -22.84
C GLU I 195 -67.77 -33.16 -22.08
N PHE I 196 -66.56 -33.31 -22.62
CA PHE I 196 -65.49 -34.13 -22.03
C PHE I 196 -64.20 -33.32 -22.18
N SER I 197 -63.23 -33.59 -21.32
CA SER I 197 -61.99 -32.85 -21.40
C SER I 197 -60.85 -33.58 -20.77
N PHE I 198 -59.78 -33.70 -21.56
CA PHE I 198 -58.53 -34.35 -21.18
C PHE I 198 -57.40 -33.43 -21.63
N PRO I 199 -56.68 -32.84 -20.67
CA PRO I 199 -55.55 -31.92 -20.89
C PRO I 199 -54.18 -32.60 -20.81
N LEU I 200 -53.14 -31.92 -21.28
CA LEU I 200 -51.76 -32.45 -21.28
C LEU I 200 -50.75 -31.57 -20.47
N ALA I 201 -49.77 -30.96 -21.13
CA ALA I 201 -48.77 -30.04 -20.52
C ALA I 201 -47.89 -29.38 -21.60
N PHE I 202 -48.52 -28.59 -22.46
CA PHE I 202 -47.90 -27.87 -23.59
C PHE I 202 -46.86 -28.46 -24.63
N THR I 203 -45.59 -28.70 -24.41
CA THR I 203 -44.73 -29.24 -25.48
C THR I 203 -44.81 -28.80 -26.96
N VAL I 204 -43.67 -28.91 -27.61
CA VAL I 204 -43.50 -28.61 -29.04
C VAL I 204 -42.86 -29.93 -29.49
N GLU I 205 -42.33 -29.96 -30.71
CA GLU I 205 -41.67 -31.11 -31.33
C GLU I 205 -42.29 -31.15 -32.74
N LYS I 206 -41.58 -31.83 -33.64
CA LYS I 206 -42.01 -31.95 -35.02
C LYS I 206 -43.20 -32.88 -35.21
N LEU I 207 -43.30 -33.37 -36.44
CA LEU I 207 -44.32 -34.33 -36.87
C LEU I 207 -44.58 -35.27 -35.61
N THR I 208 -45.57 -34.91 -34.75
CA THR I 208 -45.74 -35.70 -33.52
C THR I 208 -46.95 -36.44 -32.95
N GLY I 209 -48.15 -36.40 -33.50
CA GLY I 209 -49.16 -37.15 -32.77
C GLY I 209 -50.57 -37.36 -33.29
N SER I 210 -51.13 -38.50 -32.89
CA SER I 210 -52.47 -38.88 -33.28
C SER I 210 -52.87 -40.22 -32.69
N GLY I 211 -54.15 -40.34 -32.40
CA GLY I 211 -54.68 -41.56 -31.84
C GLY I 211 -56.20 -41.51 -31.98
N GLU I 212 -56.90 -42.12 -31.03
CA GLU I 212 -58.34 -42.11 -31.07
C GLU I 212 -58.95 -42.61 -29.78
N LEU I 213 -60.25 -42.38 -29.65
CA LEU I 213 -61.04 -42.77 -28.50
C LEU I 213 -61.90 -43.96 -28.89
N TRP I 214 -61.99 -44.96 -28.00
CA TRP I 214 -62.77 -46.18 -28.23
C TRP I 214 -63.88 -46.18 -27.20
N TRP I 215 -65.06 -46.66 -27.57
CA TRP I 215 -66.19 -46.67 -26.64
C TRP I 215 -66.94 -48.01 -26.56
N GLN I 216 -67.31 -48.37 -25.34
CA GLN I 216 -68.07 -49.57 -25.09
C GLN I 216 -69.41 -49.07 -24.60
N ALA I 217 -70.34 -48.91 -25.53
CA ALA I 217 -71.67 -48.46 -25.18
C ALA I 217 -72.31 -49.56 -24.35
N GLU I 218 -73.17 -49.17 -23.41
CA GLU I 218 -73.85 -50.13 -22.56
C GLU I 218 -74.80 -50.99 -23.37
N ARG I 219 -74.61 -52.30 -23.23
CA ARG I 219 -75.40 -53.31 -23.96
C ARG I 219 -75.09 -53.34 -25.44
N ALA I 220 -75.10 -52.18 -26.09
CA ALA I 220 -74.77 -52.08 -27.52
C ALA I 220 -73.31 -52.45 -27.77
N SER I 221 -73.09 -53.78 -27.79
CA SER I 221 -71.80 -54.46 -28.03
C SER I 221 -71.25 -53.98 -29.37
N SER I 222 -72.14 -53.27 -30.09
CA SER I 222 -71.91 -52.67 -31.40
C SER I 222 -70.71 -51.71 -31.22
N SER I 223 -69.54 -52.33 -31.01
CA SER I 223 -68.30 -51.59 -30.80
C SER I 223 -67.64 -51.20 -32.12
N LYS I 224 -66.37 -50.80 -32.03
CA LYS I 224 -65.63 -50.34 -33.21
C LYS I 224 -66.15 -48.92 -33.45
N SER I 225 -66.91 -48.44 -32.50
CA SER I 225 -67.47 -47.13 -32.62
C SER I 225 -66.37 -46.21 -32.16
N TRP I 226 -66.07 -45.17 -32.93
CA TRP I 226 -65.04 -44.23 -32.51
C TRP I 226 -64.92 -42.89 -33.25
N ILE I 227 -63.83 -42.20 -32.95
CA ILE I 227 -63.49 -40.91 -33.55
C ILE I 227 -61.96 -40.92 -33.61
N THR I 228 -61.39 -40.53 -34.75
CA THR I 228 -59.94 -40.51 -34.90
C THR I 228 -59.40 -39.09 -35.11
N PHE I 229 -58.28 -38.77 -34.45
CA PHE I 229 -57.69 -37.43 -34.55
C PHE I 229 -56.16 -37.34 -34.67
N ASP I 230 -55.72 -36.37 -35.46
CA ASP I 230 -54.32 -36.10 -35.72
C ASP I 230 -54.04 -34.75 -35.10
N LEU I 231 -52.86 -34.64 -34.52
CA LEU I 231 -52.43 -33.42 -33.85
C LEU I 231 -51.06 -32.96 -34.36
N LYS I 232 -50.80 -31.66 -34.29
CA LYS I 232 -49.52 -31.06 -34.65
C LYS I 232 -49.59 -29.73 -33.93
N ASN I 233 -48.63 -29.45 -33.05
CA ASN I 233 -48.60 -28.19 -32.28
C ASN I 233 -50.00 -27.85 -31.76
N LYS I 234 -50.30 -26.57 -31.53
CA LYS I 234 -51.63 -26.22 -31.07
C LYS I 234 -52.57 -26.30 -32.29
N GLU I 235 -52.67 -27.51 -32.83
CA GLU I 235 -53.53 -27.82 -33.97
C GLU I 235 -53.93 -29.28 -33.79
N VAL I 236 -55.23 -29.52 -33.87
CA VAL I 236 -55.82 -30.84 -33.71
C VAL I 236 -56.82 -30.92 -34.84
N SER I 237 -57.12 -32.13 -35.28
CA SER I 237 -58.06 -32.30 -36.37
C SER I 237 -58.44 -33.73 -36.42
N VAL I 238 -59.71 -33.99 -36.70
CA VAL I 238 -60.22 -35.35 -36.80
C VAL I 238 -59.69 -35.94 -38.06
N LYS I 239 -59.00 -37.05 -37.90
CA LYS I 239 -58.42 -37.77 -39.01
C LYS I 239 -59.58 -38.12 -39.91
N ARG I 240 -60.57 -38.71 -39.28
CA ARG I 240 -61.75 -39.17 -39.95
C ARG I 240 -62.45 -39.97 -38.88
N VAL I 241 -63.53 -40.62 -39.28
CA VAL I 241 -64.34 -41.44 -38.39
C VAL I 241 -65.12 -40.42 -37.52
N THR I 242 -66.06 -40.92 -36.72
CA THR I 242 -66.94 -40.18 -35.81
C THR I 242 -68.18 -41.02 -36.05
N GLN I 243 -68.96 -40.59 -37.04
CA GLN I 243 -70.18 -41.29 -37.44
C GLN I 243 -71.01 -41.51 -36.19
N ASP I 244 -71.99 -42.40 -36.29
CA ASP I 244 -72.79 -42.79 -35.12
C ASP I 244 -73.30 -41.44 -34.54
N PRO I 245 -72.84 -40.99 -33.34
CA PRO I 245 -73.39 -39.68 -32.94
C PRO I 245 -72.62 -38.52 -33.58
N LYS I 246 -73.17 -37.33 -33.40
CA LYS I 246 -72.59 -36.11 -33.95
C LYS I 246 -71.41 -35.55 -33.10
N LEU I 247 -70.52 -36.40 -32.60
CA LEU I 247 -69.41 -35.89 -31.76
C LEU I 247 -68.55 -34.85 -32.44
N GLN I 248 -68.47 -33.67 -31.86
CA GLN I 248 -67.64 -32.66 -32.47
C GLN I 248 -66.39 -32.47 -31.68
N MET I 249 -65.32 -32.12 -32.38
CA MET I 249 -64.04 -31.94 -31.74
C MET I 249 -63.46 -30.57 -32.02
N GLY I 250 -62.59 -30.12 -31.14
CA GLY I 250 -61.98 -28.82 -31.30
C GLY I 250 -60.80 -28.70 -32.25
N LYS I 251 -60.53 -27.46 -32.58
CA LYS I 251 -59.42 -27.12 -33.46
C LYS I 251 -58.25 -26.83 -32.55
N LYS I 252 -58.53 -26.61 -31.27
CA LYS I 252 -57.52 -26.21 -30.31
C LYS I 252 -57.04 -27.25 -29.30
N LEU I 253 -55.74 -27.32 -29.12
CA LEU I 253 -55.08 -28.25 -28.22
C LEU I 253 -55.71 -28.76 -26.92
N PRO I 254 -56.54 -27.95 -26.26
CA PRO I 254 -57.14 -28.46 -25.00
C PRO I 254 -58.35 -29.38 -25.22
N LEU I 255 -58.28 -30.27 -26.22
CA LEU I 255 -59.33 -31.25 -26.56
C LEU I 255 -60.69 -31.26 -25.82
N HIS I 256 -61.77 -31.12 -26.58
CA HIS I 256 -63.10 -31.16 -25.98
C HIS I 256 -63.95 -32.11 -26.76
N LEU I 257 -64.04 -33.34 -26.29
CA LEU I 257 -64.85 -34.34 -26.99
C LEU I 257 -66.27 -33.91 -26.66
N THR I 258 -66.95 -33.32 -27.63
CA THR I 258 -68.31 -32.86 -27.41
C THR I 258 -69.40 -33.84 -27.86
N LEU I 259 -70.41 -33.99 -27.01
CA LEU I 259 -71.53 -34.87 -27.28
C LEU I 259 -72.75 -34.00 -27.36
N PRO I 260 -73.28 -33.71 -28.57
CA PRO I 260 -74.47 -32.87 -28.69
C PRO I 260 -75.51 -33.22 -27.61
N GLN I 261 -76.52 -34.04 -27.81
CA GLN I 261 -77.45 -34.28 -26.71
C GLN I 261 -77.19 -35.60 -25.99
N ALA I 262 -77.14 -35.58 -24.66
CA ALA I 262 -76.90 -36.80 -23.90
C ALA I 262 -78.04 -37.79 -24.05
N LEU I 263 -78.07 -38.51 -25.16
CA LEU I 263 -79.13 -39.47 -25.37
C LEU I 263 -78.73 -40.67 -24.56
N PRO I 264 -79.70 -41.46 -24.10
CA PRO I 264 -79.51 -42.67 -23.28
C PRO I 264 -78.54 -43.77 -23.76
N GLN I 265 -78.49 -44.03 -25.06
CA GLN I 265 -77.63 -45.08 -25.60
C GLN I 265 -76.14 -44.77 -25.59
N TYR I 266 -75.81 -43.52 -25.31
CA TYR I 266 -74.43 -43.04 -25.29
C TYR I 266 -73.76 -43.16 -23.92
N ALA I 267 -74.16 -44.18 -23.17
CA ALA I 267 -73.60 -44.38 -21.85
C ALA I 267 -72.68 -45.59 -21.80
N GLY I 268 -71.54 -45.41 -21.14
CA GLY I 268 -70.58 -46.50 -21.02
C GLY I 268 -69.16 -46.02 -20.80
N SER I 269 -68.21 -46.93 -20.94
CA SER I 269 -66.79 -46.64 -20.75
C SER I 269 -66.09 -46.24 -22.06
N GLY I 270 -64.81 -45.91 -21.96
CA GLY I 270 -64.08 -45.50 -23.13
C GLY I 270 -62.66 -45.21 -22.77
N ASN I 271 -61.76 -45.47 -23.71
CA ASN I 271 -60.34 -45.24 -23.51
C ASN I 271 -59.92 -44.29 -24.60
N LEU I 272 -59.31 -43.18 -24.22
CA LEU I 272 -58.81 -42.20 -25.18
C LEU I 272 -57.32 -42.45 -25.21
N THR I 273 -56.86 -43.08 -26.28
CA THR I 273 -55.45 -43.40 -26.40
C THR I 273 -54.76 -42.34 -27.27
N LEU I 274 -53.73 -41.75 -26.68
CA LEU I 274 -52.89 -40.77 -27.37
C LEU I 274 -51.51 -41.41 -27.56
N ALA I 275 -50.93 -41.14 -28.70
CA ALA I 275 -49.61 -41.68 -29.05
C ALA I 275 -48.91 -40.75 -30.01
N LEU I 276 -47.83 -40.16 -29.53
CA LEU I 276 -47.00 -39.25 -30.31
C LEU I 276 -45.62 -39.85 -30.49
N GLU I 277 -44.60 -39.00 -30.59
CA GLU I 277 -43.28 -39.57 -30.81
C GLU I 277 -42.08 -38.62 -30.74
N ALA I 278 -41.14 -39.22 -31.43
CA ALA I 278 -39.73 -38.87 -31.59
C ALA I 278 -39.04 -40.19 -31.29
N LYS I 279 -39.60 -40.72 -30.23
CA LYS I 279 -39.35 -42.02 -29.61
C LYS I 279 -40.64 -42.33 -28.83
N THR I 280 -41.61 -42.69 -29.64
CA THR I 280 -43.01 -42.95 -29.26
C THR I 280 -43.22 -43.59 -27.88
N GLY I 281 -44.49 -43.91 -27.76
CA GLY I 281 -45.18 -44.49 -26.59
C GLY I 281 -46.64 -44.12 -26.79
N LYS I 282 -47.52 -44.63 -25.97
CA LYS I 282 -48.95 -44.30 -26.10
C LYS I 282 -49.59 -44.08 -24.74
N LEU I 283 -50.13 -42.89 -24.61
CA LEU I 283 -50.85 -42.47 -23.40
C LEU I 283 -52.26 -43.03 -23.46
N HIS I 284 -52.84 -43.14 -22.30
CA HIS I 284 -54.22 -43.59 -22.16
C HIS I 284 -54.82 -42.83 -21.02
N GLN I 285 -56.13 -42.69 -21.06
CA GLN I 285 -56.87 -42.02 -20.01
C GLN I 285 -58.32 -42.40 -20.25
N GLU I 286 -58.94 -42.86 -19.20
CA GLU I 286 -60.29 -43.38 -19.23
C GLU I 286 -61.41 -42.35 -19.37
N VAL I 287 -62.53 -42.74 -19.97
CA VAL I 287 -63.68 -41.86 -20.15
C VAL I 287 -64.96 -42.67 -19.90
N ASN I 288 -65.94 -42.03 -19.26
CA ASN I 288 -67.22 -42.68 -18.93
C ASN I 288 -68.43 -41.71 -18.94
N LEU I 289 -69.57 -42.21 -19.42
CA LEU I 289 -70.79 -41.41 -19.48
C LEU I 289 -72.05 -42.14 -18.99
N VAL I 290 -72.78 -41.46 -18.10
CA VAL I 290 -74.01 -41.95 -17.47
C VAL I 290 -75.17 -41.06 -17.92
N VAL I 291 -76.36 -41.64 -18.05
CA VAL I 291 -77.53 -40.87 -18.45
C VAL I 291 -78.72 -41.21 -17.57
N MET I 292 -79.55 -40.20 -17.31
CA MET I 292 -80.76 -40.35 -16.50
C MET I 292 -81.95 -39.88 -17.34
N ARG I 293 -83.05 -40.65 -17.33
CA ARG I 293 -84.24 -40.30 -18.12
C ARG I 293 -85.55 -40.30 -17.29
N ALA I 294 -85.94 -39.11 -16.84
CA ALA I 294 -87.15 -38.97 -16.05
C ALA I 294 -88.34 -38.71 -16.98
N THR I 295 -89.19 -39.72 -17.15
CA THR I 295 -90.34 -39.57 -18.03
C THR I 295 -91.61 -40.35 -17.61
N GLN I 296 -92.68 -39.60 -17.33
CA GLN I 296 -93.98 -40.13 -16.93
C GLN I 296 -94.58 -40.82 -18.14
N LEU I 297 -94.96 -42.09 -17.96
CA LEU I 297 -95.55 -42.91 -19.02
C LEU I 297 -96.81 -42.20 -19.53
N GLN I 298 -97.88 -42.35 -18.76
CA GLN I 298 -99.16 -41.73 -19.04
C GLN I 298 -99.44 -41.05 -17.70
N LYS I 299 -100.56 -41.37 -17.06
CA LYS I 299 -100.89 -40.79 -15.75
C LYS I 299 -99.93 -41.36 -14.69
N ASN I 300 -99.07 -42.30 -15.10
CA ASN I 300 -98.09 -42.93 -14.21
C ASN I 300 -96.69 -42.75 -14.77
N LEU I 301 -95.70 -42.61 -13.88
CA LEU I 301 -94.30 -42.35 -14.25
C LEU I 301 -93.19 -43.37 -13.93
N THR I 302 -91.99 -43.00 -14.37
CA THR I 302 -90.74 -43.75 -14.24
C THR I 302 -89.48 -42.96 -14.68
N CYS I 303 -88.33 -43.41 -14.23
CA CYS I 303 -87.08 -42.77 -14.59
C CYS I 303 -86.02 -43.85 -14.48
N GLU I 304 -84.95 -43.68 -15.25
CA GLU I 304 -83.84 -44.64 -15.28
C GLU I 304 -82.48 -44.06 -15.63
N VAL I 305 -81.46 -44.58 -14.95
CA VAL I 305 -80.07 -44.17 -15.11
C VAL I 305 -79.24 -45.25 -15.83
N TRP I 306 -78.73 -44.91 -17.00
CA TRP I 306 -77.97 -45.83 -17.81
C TRP I 306 -76.50 -45.53 -17.66
N GLY I 307 -75.68 -46.46 -18.16
CA GLY I 307 -74.24 -46.30 -18.14
C GLY I 307 -73.48 -46.99 -17.03
N PRO I 308 -72.34 -46.41 -16.63
CA PRO I 308 -71.50 -46.94 -15.55
C PRO I 308 -71.97 -46.51 -14.18
N THR I 309 -72.97 -47.19 -13.66
CA THR I 309 -73.48 -46.87 -12.34
C THR I 309 -72.85 -47.85 -11.37
N SER I 310 -72.81 -47.50 -10.09
CA SER I 310 -72.23 -48.38 -9.07
C SER I 310 -73.27 -49.23 -8.34
N PRO I 311 -72.93 -50.51 -8.02
CA PRO I 311 -73.89 -51.35 -7.30
C PRO I 311 -74.05 -50.88 -5.83
N LYS I 312 -73.47 -49.71 -5.56
CA LYS I 312 -73.48 -49.06 -4.27
C LYS I 312 -74.47 -47.89 -4.28
N LEU I 313 -74.82 -47.39 -5.47
CA LEU I 313 -75.71 -46.25 -5.57
C LEU I 313 -77.17 -46.54 -5.32
N MET I 314 -77.94 -45.47 -5.28
CA MET I 314 -79.37 -45.54 -5.04
C MET I 314 -80.04 -44.59 -6.05
N LEU I 315 -81.34 -44.80 -6.24
CA LEU I 315 -82.15 -43.98 -7.14
C LEU I 315 -83.33 -43.70 -6.25
N SER I 316 -83.95 -42.57 -6.48
CA SER I 316 -85.11 -42.20 -5.70
C SER I 316 -85.97 -41.27 -6.52
N LEU I 317 -87.27 -41.33 -6.26
CA LEU I 317 -88.23 -40.48 -6.93
C LEU I 317 -89.18 -39.95 -5.89
N LYS I 318 -89.25 -38.63 -5.80
CA LYS I 318 -90.11 -37.96 -4.87
C LYS I 318 -90.61 -36.73 -5.58
N LEU I 319 -91.68 -36.16 -5.07
CA LEU I 319 -92.25 -34.96 -5.64
C LEU I 319 -91.68 -33.69 -5.01
N GLU I 320 -90.50 -33.82 -4.40
CA GLU I 320 -89.80 -32.71 -3.74
C GLU I 320 -90.44 -32.27 -2.42
N ASN I 321 -91.71 -31.93 -2.45
CA ASN I 321 -92.45 -31.51 -1.26
C ASN I 321 -92.19 -32.42 -0.07
N LYS I 322 -92.72 -33.63 -0.20
CA LYS I 322 -92.63 -34.66 0.81
C LYS I 322 -91.40 -35.55 0.55
N GLU I 323 -91.07 -36.41 1.51
CA GLU I 323 -89.91 -37.30 1.40
C GLU I 323 -90.16 -38.52 0.49
N ALA I 324 -89.12 -39.34 0.31
CA ALA I 324 -89.11 -40.54 -0.54
C ALA I 324 -90.42 -41.17 -1.04
N LYS I 325 -90.71 -40.96 -2.30
CA LYS I 325 -91.90 -41.55 -2.88
C LYS I 325 -91.56 -42.99 -3.25
N VAL I 326 -90.25 -43.23 -3.42
CA VAL I 326 -89.71 -44.54 -3.77
C VAL I 326 -88.19 -44.47 -3.72
N SER I 327 -87.58 -45.27 -2.87
CA SER I 327 -86.13 -45.25 -2.74
C SER I 327 -85.67 -46.67 -3.11
N LYS I 328 -84.50 -46.80 -3.76
CA LYS I 328 -84.02 -48.12 -4.18
C LYS I 328 -82.58 -48.13 -4.70
N ARG I 329 -82.06 -49.33 -4.93
CA ARG I 329 -80.70 -49.51 -5.41
C ARG I 329 -80.69 -50.17 -6.79
N GLU I 330 -80.99 -49.39 -7.84
CA GLU I 330 -81.01 -49.90 -9.21
C GLU I 330 -81.17 -48.77 -10.22
N LYS I 331 -81.11 -49.14 -11.49
CA LYS I 331 -81.16 -48.15 -12.55
C LYS I 331 -82.45 -47.92 -13.28
N ALA I 332 -83.50 -48.64 -12.91
CA ALA I 332 -84.79 -48.45 -13.55
C ALA I 332 -85.92 -48.62 -12.56
N VAL I 333 -86.15 -47.57 -11.77
CA VAL I 333 -87.20 -47.55 -10.78
C VAL I 333 -88.45 -46.96 -11.41
N TRP I 334 -89.58 -47.19 -10.74
CA TRP I 334 -90.88 -46.73 -11.20
C TRP I 334 -91.74 -46.20 -10.03
N VAL I 335 -92.58 -45.21 -10.34
CA VAL I 335 -93.45 -44.67 -9.34
C VAL I 335 -94.80 -44.61 -10.06
N LEU I 336 -95.63 -45.63 -9.84
CA LEU I 336 -96.97 -45.73 -10.40
C LEU I 336 -97.88 -44.83 -9.55
N ASN I 337 -98.69 -44.02 -10.22
CA ASN I 337 -99.63 -43.09 -9.57
C ASN I 337 -98.95 -41.88 -8.88
N PRO I 338 -98.55 -40.86 -9.65
CA PRO I 338 -97.93 -39.73 -8.97
C PRO I 338 -98.94 -38.61 -8.62
N GLU I 339 -98.56 -37.64 -7.77
CA GLU I 339 -99.46 -36.49 -7.48
C GLU I 339 -98.74 -35.25 -7.99
N ALA I 340 -99.48 -34.19 -8.22
CA ALA I 340 -98.86 -32.97 -8.70
C ALA I 340 -97.71 -32.45 -7.83
N GLY I 341 -96.63 -32.11 -8.50
CA GLY I 341 -95.44 -31.59 -7.83
C GLY I 341 -94.32 -31.70 -8.83
N MET I 342 -93.28 -30.85 -8.75
CA MET I 342 -92.18 -30.97 -9.70
C MET I 342 -91.20 -31.96 -9.14
N TRP I 343 -91.46 -33.22 -9.49
CA TRP I 343 -90.70 -34.41 -9.12
C TRP I 343 -89.21 -34.41 -9.46
N GLN I 344 -88.43 -34.99 -8.56
CA GLN I 344 -86.98 -35.07 -8.72
C GLN I 344 -86.53 -36.51 -8.66
N CYS I 345 -85.77 -36.90 -9.68
CA CYS I 345 -85.21 -38.25 -9.76
C CYS I 345 -83.79 -38.06 -9.20
N LEU I 346 -83.37 -38.98 -8.33
CA LEU I 346 -82.05 -38.86 -7.69
C LEU I 346 -81.17 -40.10 -7.75
N LEU I 347 -79.95 -39.91 -8.23
CA LEU I 347 -78.95 -40.96 -8.34
C LEU I 347 -77.80 -40.47 -7.45
N SER I 348 -77.23 -41.33 -6.61
CA SER I 348 -76.15 -40.94 -5.69
C SER I 348 -75.18 -42.12 -5.37
N ASP I 349 -74.85 -42.32 -4.09
CA ASP I 349 -73.98 -43.37 -3.56
C ASP I 349 -73.56 -42.75 -2.23
N SER I 350 -73.64 -43.50 -1.15
CA SER I 350 -73.27 -42.97 0.16
C SER I 350 -74.21 -41.83 0.63
N GLY I 351 -74.14 -40.67 -0.03
CA GLY I 351 -74.98 -39.55 0.35
C GLY I 351 -75.05 -38.40 -0.64
N GLN I 352 -73.90 -37.90 -1.09
CA GLN I 352 -73.85 -36.77 -2.01
C GLN I 352 -74.53 -37.08 -3.33
N VAL I 353 -75.48 -36.23 -3.68
CA VAL I 353 -76.28 -36.34 -4.89
C VAL I 353 -75.50 -36.34 -6.19
N LEU I 354 -75.68 -37.40 -6.97
CA LEU I 354 -75.02 -37.49 -8.25
C LEU I 354 -75.91 -36.86 -9.32
N LEU I 355 -76.91 -37.61 -9.78
CA LEU I 355 -77.79 -37.15 -10.84
C LEU I 355 -79.13 -36.67 -10.37
N GLU I 356 -79.58 -35.53 -10.89
CA GLU I 356 -80.86 -34.94 -10.48
C GLU I 356 -81.60 -34.48 -11.71
N SER I 357 -82.80 -35.03 -11.93
CA SER I 357 -83.60 -34.66 -13.09
C SER I 357 -85.05 -34.39 -12.74
N ASN I 358 -85.42 -33.13 -12.85
CA ASN I 358 -86.77 -32.66 -12.54
C ASN I 358 -87.88 -32.84 -13.62
N ILE I 359 -89.13 -32.98 -13.17
CA ILE I 359 -90.23 -33.23 -14.07
C ILE I 359 -91.54 -33.03 -13.29
N LYS I 360 -92.61 -32.50 -13.90
CA LYS I 360 -93.88 -32.29 -13.18
C LYS I 360 -94.99 -33.36 -13.51
N VAL I 361 -96.01 -33.40 -12.64
CA VAL I 361 -97.20 -34.30 -12.74
C VAL I 361 -98.39 -33.34 -12.90
N LEU I 362 -99.44 -33.70 -13.59
CA LEU I 362 -100.56 -32.90 -13.88
C LEU I 362 -101.80 -32.78 -12.93
N PRO I 363 -102.64 -33.85 -12.82
CA PRO I 363 -103.82 -33.66 -11.93
C PRO I 363 -103.62 -33.32 -10.45
#